data_1Q2Y
# 
_entry.id   1Q2Y 
# 
_audit_conform.dict_name       mmcif_pdbx.dic 
_audit_conform.dict_version    5.387 
_audit_conform.dict_location   http://mmcif.pdb.org/dictionaries/ascii/mmcif_pdbx.dic 
# 
loop_
_database_2.database_id 
_database_2.database_code 
_database_2.pdbx_database_accession 
_database_2.pdbx_DOI 
PDB   1Q2Y         pdb_00001q2y 10.2210/pdb1q2y/pdb 
RCSB  RCSB019849   ?            ?                   
WWPDB D_1000019849 ?            ?                   
# 
loop_
_pdbx_audit_revision_history.ordinal 
_pdbx_audit_revision_history.data_content_type 
_pdbx_audit_revision_history.major_revision 
_pdbx_audit_revision_history.minor_revision 
_pdbx_audit_revision_history.revision_date 
1 'Structure model' 1 0 2003-08-19 
2 'Structure model' 1 1 2008-04-29 
3 'Structure model' 1 2 2011-07-13 
4 'Structure model' 1 3 2021-02-03 
5 'Structure model' 1 4 2024-02-21 
# 
_pdbx_audit_revision_details.ordinal             1 
_pdbx_audit_revision_details.revision_ordinal    1 
_pdbx_audit_revision_details.data_content_type   'Structure model' 
_pdbx_audit_revision_details.provider            repository 
_pdbx_audit_revision_details.type                'Initial release' 
_pdbx_audit_revision_details.description         ? 
_pdbx_audit_revision_details.details             ? 
# 
loop_
_pdbx_audit_revision_group.ordinal 
_pdbx_audit_revision_group.revision_ordinal 
_pdbx_audit_revision_group.data_content_type 
_pdbx_audit_revision_group.group 
1 2 'Structure model' 'Version format compliance' 
2 3 'Structure model' 'Version format compliance' 
3 4 'Structure model' 'Structure summary'         
4 5 'Structure model' 'Data collection'           
5 5 'Structure model' 'Database references'       
# 
loop_
_pdbx_audit_revision_category.ordinal 
_pdbx_audit_revision_category.revision_ordinal 
_pdbx_audit_revision_category.data_content_type 
_pdbx_audit_revision_category.category 
1 4 'Structure model' audit_author   
2 5 'Structure model' chem_comp_atom 
3 5 'Structure model' chem_comp_bond 
4 5 'Structure model' database_2     
# 
loop_
_pdbx_audit_revision_item.ordinal 
_pdbx_audit_revision_item.revision_ordinal 
_pdbx_audit_revision_item.data_content_type 
_pdbx_audit_revision_item.item 
1 4 'Structure model' '_audit_author.identifier_ORCID'      
2 5 'Structure model' '_database_2.pdbx_DOI'                
3 5 'Structure model' '_database_2.pdbx_database_accession' 
# 
_pdbx_database_status.status_code                     REL 
_pdbx_database_status.entry_id                        1Q2Y 
_pdbx_database_status.recvd_initial_deposition_date   2003-07-27 
_pdbx_database_status.deposit_site                    RCSB 
_pdbx_database_status.process_site                    RCSB 
_pdbx_database_status.SG_entry                        Y 
_pdbx_database_status.status_code_sf                  REL 
_pdbx_database_status.pdb_format_compatible           Y 
_pdbx_database_status.status_code_mr                  ? 
_pdbx_database_status.status_code_cs                  ? 
_pdbx_database_status.status_code_nmr_data            ? 
_pdbx_database_status.methods_development_category    ? 
# 
_pdbx_database_related.db_name        TargetDB 
_pdbx_database_related.db_id          NYSGXRC-T804 
_pdbx_database_related.details        . 
_pdbx_database_related.content_type   unspecified 
# 
loop_
_audit_author.name 
_audit_author.pdbx_ordinal 
_audit_author.identifier_ORCID 
'Fedorov, A.A.'                                                  1 ?                   
'Ramagopal, U.A.'                                                2 ?                   
'Fedorov, E.V.'                                                  3 ?                   
'Thirumuruhan, R.'                                               4 ?                   
'Almo, S.C.'                                                     5 ?                   
'Burley, S.K.'                                                   6 0000-0002-2487-9713 
'New York SGX Research Center for Structural Genomics (NYSGXRC)' 7 ?                   
# 
_citation.id                        primary 
_citation.title                     
'Crystal structure of the protein YJCF from Bacillus subtilis: a member of the GCN5-related N-acetyltransferase superfamily' 
_citation.journal_abbrev            'To be Published' 
_citation.journal_volume            ? 
_citation.page_first                ? 
_citation.page_last                 ? 
_citation.year                      ? 
_citation.journal_id_ASTM           ? 
_citation.country                   ? 
_citation.journal_id_ISSN           ? 
_citation.journal_id_CSD            0353 
_citation.book_publisher            ? 
_citation.pdbx_database_id_PubMed   ? 
_citation.pdbx_database_id_DOI      ? 
# 
loop_
_citation_author.citation_id 
_citation_author.name 
_citation_author.ordinal 
_citation_author.identifier_ORCID 
primary 'Fedorov, A.A.'    1 ? 
primary 'Ramagopal, U.A.'  2 ? 
primary 'Fedorov, E.V.'    3 ? 
primary 'Thirumuruhan, R.' 4 ? 
primary 'Almo, S.C.'       5 ? 
# 
loop_
_entity.id 
_entity.type 
_entity.src_method 
_entity.pdbx_description 
_entity.formula_weight 
_entity.pdbx_number_of_molecules 
_entity.pdbx_ec 
_entity.pdbx_mutation 
_entity.pdbx_fragment 
_entity.details 
1 polymer man 'similar to hypothetical proteins' 15691.931 1  ? ? ? ? 
2 water   nat water                              18.015    36 ? ? ? ? 
# 
_entity_name_com.entity_id   1 
_entity_name_com.name        'Protein YJCF' 
# 
_entity_poly.entity_id                      1 
_entity_poly.type                           'polypeptide(L)' 
_entity_poly.nstd_linkage                   no 
_entity_poly.nstd_monomer                   no 
_entity_poly.pdbx_seq_one_letter_code       
;MKAVIAKNEEQLKDAFYVREEVFVKEQNVPAEEEIDELENESEHIVVYDGEKPVGAGRWRMKDGYGKLERICVLKSHRSA
GVGGIIMKALEKAAADGGASGFILNAQTQAVPFYKKHGYRVLSEKEFLDAGIPHLQMMKD
;
_entity_poly.pdbx_seq_one_letter_code_can   
;MKAVIAKNEEQLKDAFYVREEVFVKEQNVPAEEEIDELENESEHIVVYDGEKPVGAGRWRMKDGYGKLERICVLKSHRSA
GVGGIIMKALEKAAADGGASGFILNAQTQAVPFYKKHGYRVLSEKEFLDAGIPHLQMMKD
;
_entity_poly.pdbx_strand_id                 A 
_entity_poly.pdbx_target_identifier         NYSGXRC-T804 
# 
_pdbx_entity_nonpoly.entity_id   2 
_pdbx_entity_nonpoly.name        water 
_pdbx_entity_nonpoly.comp_id     HOH 
# 
loop_
_entity_poly_seq.entity_id 
_entity_poly_seq.num 
_entity_poly_seq.mon_id 
_entity_poly_seq.hetero 
1 1   MET n 
1 2   LYS n 
1 3   ALA n 
1 4   VAL n 
1 5   ILE n 
1 6   ALA n 
1 7   LYS n 
1 8   ASN n 
1 9   GLU n 
1 10  GLU n 
1 11  GLN n 
1 12  LEU n 
1 13  LYS n 
1 14  ASP n 
1 15  ALA n 
1 16  PHE n 
1 17  TYR n 
1 18  VAL n 
1 19  ARG n 
1 20  GLU n 
1 21  GLU n 
1 22  VAL n 
1 23  PHE n 
1 24  VAL n 
1 25  LYS n 
1 26  GLU n 
1 27  GLN n 
1 28  ASN n 
1 29  VAL n 
1 30  PRO n 
1 31  ALA n 
1 32  GLU n 
1 33  GLU n 
1 34  GLU n 
1 35  ILE n 
1 36  ASP n 
1 37  GLU n 
1 38  LEU n 
1 39  GLU n 
1 40  ASN n 
1 41  GLU n 
1 42  SER n 
1 43  GLU n 
1 44  HIS n 
1 45  ILE n 
1 46  VAL n 
1 47  VAL n 
1 48  TYR n 
1 49  ASP n 
1 50  GLY n 
1 51  GLU n 
1 52  LYS n 
1 53  PRO n 
1 54  VAL n 
1 55  GLY n 
1 56  ALA n 
1 57  GLY n 
1 58  ARG n 
1 59  TRP n 
1 60  ARG n 
1 61  MET n 
1 62  LYS n 
1 63  ASP n 
1 64  GLY n 
1 65  TYR n 
1 66  GLY n 
1 67  LYS n 
1 68  LEU n 
1 69  GLU n 
1 70  ARG n 
1 71  ILE n 
1 72  CYS n 
1 73  VAL n 
1 74  LEU n 
1 75  LYS n 
1 76  SER n 
1 77  HIS n 
1 78  ARG n 
1 79  SER n 
1 80  ALA n 
1 81  GLY n 
1 82  VAL n 
1 83  GLY n 
1 84  GLY n 
1 85  ILE n 
1 86  ILE n 
1 87  MET n 
1 88  LYS n 
1 89  ALA n 
1 90  LEU n 
1 91  GLU n 
1 92  LYS n 
1 93  ALA n 
1 94  ALA n 
1 95  ALA n 
1 96  ASP n 
1 97  GLY n 
1 98  GLY n 
1 99  ALA n 
1 100 SER n 
1 101 GLY n 
1 102 PHE n 
1 103 ILE n 
1 104 LEU n 
1 105 ASN n 
1 106 ALA n 
1 107 GLN n 
1 108 THR n 
1 109 GLN n 
1 110 ALA n 
1 111 VAL n 
1 112 PRO n 
1 113 PHE n 
1 114 TYR n 
1 115 LYS n 
1 116 LYS n 
1 117 HIS n 
1 118 GLY n 
1 119 TYR n 
1 120 ARG n 
1 121 VAL n 
1 122 LEU n 
1 123 SER n 
1 124 GLU n 
1 125 LYS n 
1 126 GLU n 
1 127 PHE n 
1 128 LEU n 
1 129 ASP n 
1 130 ALA n 
1 131 GLY n 
1 132 ILE n 
1 133 PRO n 
1 134 HIS n 
1 135 LEU n 
1 136 GLN n 
1 137 MET n 
1 138 MET n 
1 139 LYS n 
1 140 ASP n 
# 
_entity_src_gen.entity_id                          1 
_entity_src_gen.pdbx_src_id                        1 
_entity_src_gen.pdbx_alt_source_flag               sample 
_entity_src_gen.pdbx_seq_type                      ? 
_entity_src_gen.pdbx_beg_seq_num                   ? 
_entity_src_gen.pdbx_end_seq_num                   ? 
_entity_src_gen.gene_src_common_name               ? 
_entity_src_gen.gene_src_genus                     Bacillus 
_entity_src_gen.pdbx_gene_src_gene                 ? 
_entity_src_gen.gene_src_species                   ? 
_entity_src_gen.gene_src_strain                    ? 
_entity_src_gen.gene_src_tissue                    ? 
_entity_src_gen.gene_src_tissue_fraction           ? 
_entity_src_gen.gene_src_details                   ? 
_entity_src_gen.pdbx_gene_src_fragment             ? 
_entity_src_gen.pdbx_gene_src_scientific_name      'Bacillus subtilis' 
_entity_src_gen.pdbx_gene_src_ncbi_taxonomy_id     1423 
_entity_src_gen.pdbx_gene_src_variant              ? 
_entity_src_gen.pdbx_gene_src_cell_line            ? 
_entity_src_gen.pdbx_gene_src_atcc                 ? 
_entity_src_gen.pdbx_gene_src_organ                ? 
_entity_src_gen.pdbx_gene_src_organelle            ? 
_entity_src_gen.pdbx_gene_src_cell                 ? 
_entity_src_gen.pdbx_gene_src_cellular_location    ? 
_entity_src_gen.host_org_common_name               ? 
_entity_src_gen.pdbx_host_org_scientific_name      'Escherichia coli' 
_entity_src_gen.pdbx_host_org_ncbi_taxonomy_id     562 
_entity_src_gen.host_org_genus                     Escherichia 
_entity_src_gen.pdbx_host_org_gene                 ? 
_entity_src_gen.pdbx_host_org_organ                ? 
_entity_src_gen.host_org_species                   ? 
_entity_src_gen.pdbx_host_org_tissue               ? 
_entity_src_gen.pdbx_host_org_tissue_fraction      ? 
_entity_src_gen.pdbx_host_org_strain               ? 
_entity_src_gen.pdbx_host_org_variant              ? 
_entity_src_gen.pdbx_host_org_cell_line            ? 
_entity_src_gen.pdbx_host_org_atcc                 ? 
_entity_src_gen.pdbx_host_org_culture_collection   ? 
_entity_src_gen.pdbx_host_org_cell                 ? 
_entity_src_gen.pdbx_host_org_organelle            ? 
_entity_src_gen.pdbx_host_org_cellular_location    ? 
_entity_src_gen.pdbx_host_org_vector_type          ? 
_entity_src_gen.pdbx_host_org_vector               ? 
_entity_src_gen.host_org_details                   ? 
_entity_src_gen.expression_system_id               ? 
_entity_src_gen.plasmid_name                       ? 
_entity_src_gen.plasmid_details                    ? 
_entity_src_gen.pdbx_description                   ? 
# 
loop_
_chem_comp.id 
_chem_comp.type 
_chem_comp.mon_nstd_flag 
_chem_comp.name 
_chem_comp.pdbx_synonyms 
_chem_comp.formula 
_chem_comp.formula_weight 
ALA 'L-peptide linking' y ALANINE         ? 'C3 H7 N O2'     89.093  
ARG 'L-peptide linking' y ARGININE        ? 'C6 H15 N4 O2 1' 175.209 
ASN 'L-peptide linking' y ASPARAGINE      ? 'C4 H8 N2 O3'    132.118 
ASP 'L-peptide linking' y 'ASPARTIC ACID' ? 'C4 H7 N O4'     133.103 
CYS 'L-peptide linking' y CYSTEINE        ? 'C3 H7 N O2 S'   121.158 
GLN 'L-peptide linking' y GLUTAMINE       ? 'C5 H10 N2 O3'   146.144 
GLU 'L-peptide linking' y 'GLUTAMIC ACID' ? 'C5 H9 N O4'     147.129 
GLY 'peptide linking'   y GLYCINE         ? 'C2 H5 N O2'     75.067  
HIS 'L-peptide linking' y HISTIDINE       ? 'C6 H10 N3 O2 1' 156.162 
HOH non-polymer         . WATER           ? 'H2 O'           18.015  
ILE 'L-peptide linking' y ISOLEUCINE      ? 'C6 H13 N O2'    131.173 
LEU 'L-peptide linking' y LEUCINE         ? 'C6 H13 N O2'    131.173 
LYS 'L-peptide linking' y LYSINE          ? 'C6 H15 N2 O2 1' 147.195 
MET 'L-peptide linking' y METHIONINE      ? 'C5 H11 N O2 S'  149.211 
PHE 'L-peptide linking' y PHENYLALANINE   ? 'C9 H11 N O2'    165.189 
PRO 'L-peptide linking' y PROLINE         ? 'C5 H9 N O2'     115.130 
SER 'L-peptide linking' y SERINE          ? 'C3 H7 N O3'     105.093 
THR 'L-peptide linking' y THREONINE       ? 'C4 H9 N O3'     119.119 
TRP 'L-peptide linking' y TRYPTOPHAN      ? 'C11 H12 N2 O2'  204.225 
TYR 'L-peptide linking' y TYROSINE        ? 'C9 H11 N O3'    181.189 
VAL 'L-peptide linking' y VALINE          ? 'C5 H11 N O2'    117.146 
# 
loop_
_pdbx_poly_seq_scheme.asym_id 
_pdbx_poly_seq_scheme.entity_id 
_pdbx_poly_seq_scheme.seq_id 
_pdbx_poly_seq_scheme.mon_id 
_pdbx_poly_seq_scheme.ndb_seq_num 
_pdbx_poly_seq_scheme.pdb_seq_num 
_pdbx_poly_seq_scheme.auth_seq_num 
_pdbx_poly_seq_scheme.pdb_mon_id 
_pdbx_poly_seq_scheme.auth_mon_id 
_pdbx_poly_seq_scheme.pdb_strand_id 
_pdbx_poly_seq_scheme.pdb_ins_code 
_pdbx_poly_seq_scheme.hetero 
A 1 1   MET 1   1   1   MET MET A . n 
A 1 2   LYS 2   2   2   LYS LYS A . n 
A 1 3   ALA 3   3   3   ALA ALA A . n 
A 1 4   VAL 4   4   4   VAL VAL A . n 
A 1 5   ILE 5   5   5   ILE ILE A . n 
A 1 6   ALA 6   6   6   ALA ALA A . n 
A 1 7   LYS 7   7   7   LYS LYS A . n 
A 1 8   ASN 8   8   8   ASN ASN A . n 
A 1 9   GLU 9   9   9   GLU GLU A . n 
A 1 10  GLU 10  10  10  GLU GLU A . n 
A 1 11  GLN 11  11  11  GLN GLN A . n 
A 1 12  LEU 12  12  12  LEU LEU A . n 
A 1 13  LYS 13  13  13  LYS LYS A . n 
A 1 14  ASP 14  14  14  ASP ASP A . n 
A 1 15  ALA 15  15  15  ALA ALA A . n 
A 1 16  PHE 16  16  16  PHE PHE A . n 
A 1 17  TYR 17  17  17  TYR TYR A . n 
A 1 18  VAL 18  18  18  VAL VAL A . n 
A 1 19  ARG 19  19  19  ARG ARG A . n 
A 1 20  GLU 20  20  20  GLU GLU A . n 
A 1 21  GLU 21  21  21  GLU GLU A . n 
A 1 22  VAL 22  22  22  VAL VAL A . n 
A 1 23  PHE 23  23  23  PHE PHE A . n 
A 1 24  VAL 24  24  24  VAL VAL A . n 
A 1 25  LYS 25  25  25  LYS LYS A . n 
A 1 26  GLU 26  26  26  GLU GLU A . n 
A 1 27  GLN 27  27  27  GLN GLN A . n 
A 1 28  ASN 28  28  28  ASN ASN A . n 
A 1 29  VAL 29  29  29  VAL VAL A . n 
A 1 30  PRO 30  30  30  PRO PRO A . n 
A 1 31  ALA 31  31  31  ALA ALA A . n 
A 1 32  GLU 32  32  32  GLU GLU A . n 
A 1 33  GLU 33  33  33  GLU GLU A . n 
A 1 34  GLU 34  34  34  GLU GLU A . n 
A 1 35  ILE 35  35  35  ILE ILE A . n 
A 1 36  ASP 36  36  36  ASP ASP A . n 
A 1 37  GLU 37  37  37  GLU GLU A . n 
A 1 38  LEU 38  38  38  LEU LEU A . n 
A 1 39  GLU 39  39  39  GLU GLU A . n 
A 1 40  ASN 40  40  40  ASN ASN A . n 
A 1 41  GLU 41  41  41  GLU GLU A . n 
A 1 42  SER 42  42  42  SER SER A . n 
A 1 43  GLU 43  43  43  GLU GLU A . n 
A 1 44  HIS 44  44  44  HIS HIS A . n 
A 1 45  ILE 45  45  45  ILE ILE A . n 
A 1 46  VAL 46  46  46  VAL VAL A . n 
A 1 47  VAL 47  47  47  VAL VAL A . n 
A 1 48  TYR 48  48  48  TYR TYR A . n 
A 1 49  ASP 49  49  49  ASP ASP A . n 
A 1 50  GLY 50  50  50  GLY GLY A . n 
A 1 51  GLU 51  51  51  GLU GLU A . n 
A 1 52  LYS 52  52  52  LYS LYS A . n 
A 1 53  PRO 53  53  53  PRO PRO A . n 
A 1 54  VAL 54  54  54  VAL VAL A . n 
A 1 55  GLY 55  55  55  GLY GLY A . n 
A 1 56  ALA 56  56  56  ALA ALA A . n 
A 1 57  GLY 57  57  57  GLY GLY A . n 
A 1 58  ARG 58  58  58  ARG ARG A . n 
A 1 59  TRP 59  59  59  TRP TRP A . n 
A 1 60  ARG 60  60  60  ARG ARG A . n 
A 1 61  MET 61  61  61  MET MET A . n 
A 1 62  LYS 62  62  62  LYS LYS A . n 
A 1 63  ASP 63  63  63  ASP ASP A . n 
A 1 64  GLY 64  64  64  GLY GLY A . n 
A 1 65  TYR 65  65  65  TYR TYR A . n 
A 1 66  GLY 66  66  66  GLY GLY A . n 
A 1 67  LYS 67  67  67  LYS LYS A . n 
A 1 68  LEU 68  68  68  LEU LEU A . n 
A 1 69  GLU 69  69  69  GLU GLU A . n 
A 1 70  ARG 70  70  70  ARG ARG A . n 
A 1 71  ILE 71  71  71  ILE ILE A . n 
A 1 72  CYS 72  72  72  CYS CYS A . n 
A 1 73  VAL 73  73  73  VAL VAL A . n 
A 1 74  LEU 74  74  74  LEU LEU A . n 
A 1 75  LYS 75  75  75  LYS LYS A . n 
A 1 76  SER 76  76  76  SER SER A . n 
A 1 77  HIS 77  77  77  HIS HIS A . n 
A 1 78  ARG 78  78  78  ARG ARG A . n 
A 1 79  SER 79  79  79  SER SER A . n 
A 1 80  ALA 80  80  80  ALA ALA A . n 
A 1 81  GLY 81  81  81  GLY GLY A . n 
A 1 82  VAL 82  82  82  VAL VAL A . n 
A 1 83  GLY 83  83  83  GLY GLY A . n 
A 1 84  GLY 84  84  84  GLY GLY A . n 
A 1 85  ILE 85  85  85  ILE ILE A . n 
A 1 86  ILE 86  86  86  ILE ILE A . n 
A 1 87  MET 87  87  87  MET MET A . n 
A 1 88  LYS 88  88  88  LYS LYS A . n 
A 1 89  ALA 89  89  89  ALA ALA A . n 
A 1 90  LEU 90  90  90  LEU LEU A . n 
A 1 91  GLU 91  91  91  GLU GLU A . n 
A 1 92  LYS 92  92  92  LYS LYS A . n 
A 1 93  ALA 93  93  93  ALA ALA A . n 
A 1 94  ALA 94  94  94  ALA ALA A . n 
A 1 95  ALA 95  95  95  ALA ALA A . n 
A 1 96  ASP 96  96  96  ASP ASP A . n 
A 1 97  GLY 97  97  97  GLY GLY A . n 
A 1 98  GLY 98  98  98  GLY GLY A . n 
A 1 99  ALA 99  99  99  ALA ALA A . n 
A 1 100 SER 100 100 100 SER SER A . n 
A 1 101 GLY 101 101 101 GLY GLY A . n 
A 1 102 PHE 102 102 102 PHE PHE A . n 
A 1 103 ILE 103 103 103 ILE ILE A . n 
A 1 104 LEU 104 104 104 LEU LEU A . n 
A 1 105 ASN 105 105 105 ASN ASN A . n 
A 1 106 ALA 106 106 106 ALA ALA A . n 
A 1 107 GLN 107 107 107 GLN GLN A . n 
A 1 108 THR 108 108 108 THR THR A . n 
A 1 109 GLN 109 109 109 GLN GLN A . n 
A 1 110 ALA 110 110 110 ALA ALA A . n 
A 1 111 VAL 111 111 111 VAL VAL A . n 
A 1 112 PRO 112 112 112 PRO PRO A . n 
A 1 113 PHE 113 113 113 PHE PHE A . n 
A 1 114 TYR 114 114 114 TYR TYR A . n 
A 1 115 LYS 115 115 115 LYS LYS A . n 
A 1 116 LYS 116 116 116 LYS LYS A . n 
A 1 117 HIS 117 117 117 HIS HIS A . n 
A 1 118 GLY 118 118 118 GLY GLY A . n 
A 1 119 TYR 119 119 119 TYR TYR A . n 
A 1 120 ARG 120 120 120 ARG ARG A . n 
A 1 121 VAL 121 121 121 VAL VAL A . n 
A 1 122 LEU 122 122 122 LEU LEU A . n 
A 1 123 SER 123 123 123 SER SER A . n 
A 1 124 GLU 124 124 124 GLU GLU A . n 
A 1 125 LYS 125 125 125 LYS LYS A . n 
A 1 126 GLU 126 126 126 GLU GLU A . n 
A 1 127 PHE 127 127 127 PHE PHE A . n 
A 1 128 LEU 128 128 128 LEU LEU A . n 
A 1 129 ASP 129 129 129 ASP ASP A . n 
A 1 130 ALA 130 130 130 ALA ALA A . n 
A 1 131 GLY 131 131 131 GLY GLY A . n 
A 1 132 ILE 132 132 132 ILE ILE A . n 
A 1 133 PRO 133 133 133 PRO PRO A . n 
A 1 134 HIS 134 134 134 HIS HIS A . n 
A 1 135 LEU 135 135 135 LEU LEU A . n 
A 1 136 GLN 136 136 136 GLN GLN A . n 
A 1 137 MET 137 137 137 MET MET A . n 
A 1 138 MET 138 138 138 MET MET A . n 
A 1 139 LYS 139 139 139 LYS LYS A . n 
A 1 140 ASP 140 140 140 ASP ASP A . n 
# 
loop_
_pdbx_nonpoly_scheme.asym_id 
_pdbx_nonpoly_scheme.entity_id 
_pdbx_nonpoly_scheme.mon_id 
_pdbx_nonpoly_scheme.ndb_seq_num 
_pdbx_nonpoly_scheme.pdb_seq_num 
_pdbx_nonpoly_scheme.auth_seq_num 
_pdbx_nonpoly_scheme.pdb_mon_id 
_pdbx_nonpoly_scheme.auth_mon_id 
_pdbx_nonpoly_scheme.pdb_strand_id 
_pdbx_nonpoly_scheme.pdb_ins_code 
B 2 HOH 1  201 201 HOH TIP A . 
B 2 HOH 2  202 202 HOH TIP A . 
B 2 HOH 3  203 203 HOH TIP A . 
B 2 HOH 4  206 206 HOH TIP A . 
B 2 HOH 5  207 207 HOH TIP A . 
B 2 HOH 6  209 209 HOH TIP A . 
B 2 HOH 7  210 210 HOH TIP A . 
B 2 HOH 8  212 212 HOH TIP A . 
B 2 HOH 9  214 214 HOH TIP A . 
B 2 HOH 10 215 215 HOH TIP A . 
B 2 HOH 11 216 216 HOH TIP A . 
B 2 HOH 12 217 217 HOH TIP A . 
B 2 HOH 13 218 218 HOH TIP A . 
B 2 HOH 14 219 219 HOH TIP A . 
B 2 HOH 15 220 220 HOH TIP A . 
B 2 HOH 16 221 221 HOH TIP A . 
B 2 HOH 17 223 223 HOH TIP A . 
B 2 HOH 18 225 225 HOH TIP A . 
B 2 HOH 19 226 226 HOH TIP A . 
B 2 HOH 20 227 227 HOH TIP A . 
B 2 HOH 21 229 229 HOH TIP A . 
B 2 HOH 22 230 230 HOH TIP A . 
B 2 HOH 23 231 231 HOH TIP A . 
B 2 HOH 24 232 232 HOH TIP A . 
B 2 HOH 25 233 233 HOH TIP A . 
B 2 HOH 26 234 234 HOH TIP A . 
B 2 HOH 27 236 236 HOH TIP A . 
B 2 HOH 28 237 237 HOH TIP A . 
B 2 HOH 29 238 238 HOH TIP A . 
B 2 HOH 30 239 239 HOH TIP A . 
B 2 HOH 31 241 241 HOH TIP A . 
B 2 HOH 32 243 243 HOH TIP A . 
B 2 HOH 33 244 244 HOH TIP A . 
B 2 HOH 34 245 245 HOH TIP A . 
B 2 HOH 35 247 247 HOH TIP A . 
B 2 HOH 36 249 249 HOH TIP A . 
# 
loop_
_software.name 
_software.classification 
_software.version 
_software.citation_id 
_software.pdbx_ordinal 
DENZO     'data reduction' .   ? 1 
SCALEPACK 'data scaling'   .   ? 2 
SOLVE     phasing          .   ? 3 
CNS       refinement       1.0 ? 4 
# 
_cell.entry_id           1Q2Y 
_cell.length_a           35.266 
_cell.length_b           59.283 
_cell.length_c           71.556 
_cell.angle_alpha        90.00 
_cell.angle_beta         90.00 
_cell.angle_gamma        90.00 
_cell.pdbx_unique_axis   ? 
_cell.Z_PDB              4 
# 
_symmetry.entry_id                         1Q2Y 
_symmetry.space_group_name_H-M             'P 21 21 21' 
_symmetry.pdbx_full_space_group_name_H-M   ? 
_symmetry.Int_Tables_number                19 
_symmetry.cell_setting                     ? 
# 
_exptl.entry_id          1Q2Y 
_exptl.method            'X-RAY DIFFRACTION' 
_exptl.crystals_number   1 
# 
_exptl_crystal.id                    1 
_exptl_crystal.density_meas          ? 
_exptl_crystal.density_Matthews      2.328 
_exptl_crystal.density_percent_sol   45.13 
_exptl_crystal.description           ? 
# 
_exptl_crystal_grow.crystal_id      1 
_exptl_crystal_grow.method          'VAPOR DIFFUSION, HANGING DROP' 
_exptl_crystal_grow.temp            277 
_exptl_crystal_grow.temp_details    ? 
_exptl_crystal_grow.pH              6.5 
_exptl_crystal_grow.pdbx_details    'PEG 550, Ammonium tartrate, BisTris , pH 6.5, VAPOR DIFFUSION, HANGING DROP, temperature 277K' 
_exptl_crystal_grow.pdbx_pH_range   . 
# 
_diffrn.id                     1 
_diffrn.ambient_temp           100 
_diffrn.ambient_temp_details   ? 
_diffrn.crystal_id             1 
# 
_diffrn_detector.diffrn_id              1 
_diffrn_detector.detector               CCD 
_diffrn_detector.type                   MARRESEARCH 
_diffrn_detector.pdbx_collection_date   2003-02-24 
_diffrn_detector.details                ? 
# 
_diffrn_radiation.diffrn_id                        1 
_diffrn_radiation.wavelength_id                    1 
_diffrn_radiation.pdbx_monochromatic_or_laue_m_l   M 
_diffrn_radiation.monochromator                    ? 
_diffrn_radiation.pdbx_diffrn_protocol             'SINGLE WAVELENGTH' 
_diffrn_radiation.pdbx_scattering_type             x-ray 
# 
_diffrn_radiation_wavelength.id           1 
_diffrn_radiation_wavelength.wavelength   1.0088 
_diffrn_radiation_wavelength.wt           1.0 
# 
_diffrn_source.diffrn_id                   1 
_diffrn_source.source                      SYNCHROTRON 
_diffrn_source.type                        'NSLS BEAMLINE X9A' 
_diffrn_source.pdbx_synchrotron_site       NSLS 
_diffrn_source.pdbx_synchrotron_beamline   X9A 
_diffrn_source.pdbx_wavelength             ? 
_diffrn_source.pdbx_wavelength_list        1.0088 
# 
_reflns.entry_id                     1Q2Y 
_reflns.observed_criterion_sigma_F   0.0 
_reflns.observed_criterion_sigma_I   0.0 
_reflns.d_resolution_high            2.0 
_reflns.d_resolution_low             15.0 
_reflns.number_all                   9584 
_reflns.number_obs                   9584 
_reflns.percent_possible_obs         93.0 
_reflns.pdbx_Rmerge_I_obs            0.048 
_reflns.pdbx_Rsym_value              ? 
_reflns.pdbx_netI_over_sigmaI        32.6 
_reflns.B_iso_Wilson_estimate        ? 
_reflns.pdbx_redundancy              4.1 
_reflns.R_free_details               ? 
_reflns.limit_h_max                  ? 
_reflns.limit_h_min                  ? 
_reflns.limit_k_max                  ? 
_reflns.limit_k_min                  ? 
_reflns.limit_l_max                  ? 
_reflns.limit_l_min                  ? 
_reflns.observed_criterion_F_max     ? 
_reflns.observed_criterion_F_min     ? 
_reflns.pdbx_diffrn_id               1 
_reflns.pdbx_ordinal                 1 
# 
_reflns_shell.d_res_high             2.00 
_reflns_shell.d_res_low              2.09 
_reflns_shell.percent_possible_all   92.1 
_reflns_shell.Rmerge_I_obs           0.153 
_reflns_shell.pdbx_Rsym_value        ? 
_reflns_shell.meanI_over_sigI_obs    7.8 
_reflns_shell.pdbx_redundancy        ? 
_reflns_shell.percent_possible_obs   ? 
_reflns_shell.number_unique_all      ? 
_reflns_shell.pdbx_diffrn_id         ? 
_reflns_shell.pdbx_ordinal           1 
# 
_refine.entry_id                                 1Q2Y 
_refine.ls_d_res_high                            2.0 
_refine.ls_d_res_low                             15.0 
_refine.pdbx_ls_sigma_F                          0.0 
_refine.pdbx_ls_sigma_I                          ? 
_refine.ls_number_reflns_all                     9584 
_refine.ls_number_reflns_obs                     9584 
_refine.ls_number_reflns_R_free                  507 
_refine.ls_percent_reflns_obs                    93.0 
_refine.ls_R_factor_all                          0.239 
_refine.ls_R_factor_obs                          0.239 
_refine.ls_R_factor_R_work                       0.234 
_refine.ls_R_factor_R_free                       0.265 
_refine.ls_redundancy_reflns_obs                 ? 
_refine.pdbx_data_cutoff_high_absF               ? 
_refine.pdbx_data_cutoff_low_absF                ? 
_refine.ls_number_parameters                     ? 
_refine.ls_number_restraints                     ? 
_refine.ls_percent_reflns_R_free                 5.3 
_refine.ls_R_factor_R_free_error                 0.006 
_refine.ls_R_factor_R_free_error_details         ? 
_refine.pdbx_method_to_determine_struct          MIR 
_refine.pdbx_starting_model                      ? 
_refine.pdbx_ls_cross_valid_method               THROUGHOUT 
_refine.pdbx_R_Free_selection_details            RANDOM 
_refine.pdbx_stereochem_target_val_spec_case     ? 
_refine.pdbx_stereochemistry_target_values       'Engh & Huber' 
_refine.solvent_model_details                    'flat model' 
_refine.solvent_model_param_bsol                 57.8304 
_refine.solvent_model_param_ksol                 0.413556 
_refine.occupancy_max                            ? 
_refine.occupancy_min                            ? 
_refine.pdbx_isotropic_thermal_model             ? 
_refine.B_iso_mean                               39.2 
_refine.aniso_B[1][1]                            ? 
_refine.aniso_B[1][2]                            ? 
_refine.aniso_B[1][3]                            ? 
_refine.aniso_B[2][2]                            ? 
_refine.aniso_B[2][3]                            ? 
_refine.aniso_B[3][3]                            ? 
_refine.details                                  ? 
_refine.B_iso_min                                ? 
_refine.B_iso_max                                ? 
_refine.correlation_coeff_Fo_to_Fc               ? 
_refine.correlation_coeff_Fo_to_Fc_free          ? 
_refine.pdbx_solvent_vdw_probe_radii             ? 
_refine.pdbx_solvent_ion_probe_radii             ? 
_refine.pdbx_solvent_shrinkage_radii             ? 
_refine.overall_SU_R_Cruickshank_DPI             ? 
_refine.overall_SU_R_free                        ? 
_refine.overall_SU_B                             ? 
_refine.overall_SU_ML                            ? 
_refine.pdbx_overall_ESU_R                       ? 
_refine.pdbx_overall_ESU_R_Free                  ? 
_refine.pdbx_data_cutoff_high_rms_absF           ? 
_refine.pdbx_refine_id                           'X-RAY DIFFRACTION' 
_refine.pdbx_diffrn_id                           1 
_refine.pdbx_TLS_residual_ADP_flag               ? 
_refine.pdbx_overall_phase_error                 ? 
_refine.pdbx_overall_SU_R_free_Cruickshank_DPI   ? 
_refine.pdbx_overall_SU_R_Blow_DPI               ? 
_refine.pdbx_overall_SU_R_free_Blow_DPI          ? 
# 
_refine_analyze.entry_id                        1Q2Y 
_refine_analyze.Luzzati_coordinate_error_obs    0.26 
_refine_analyze.Luzzati_d_res_low_obs           5.00 
_refine_analyze.Luzzati_coordinate_error_free   0.32 
_refine_analyze.Luzzati_d_res_low_free          ? 
_refine_analyze.Luzzati_sigma_a_obs             0.12 
_refine_analyze.Luzzati_sigma_a_free            0.22 
_refine_analyze.number_disordered_residues      ? 
_refine_analyze.occupancy_sum_non_hydrogen      ? 
_refine_analyze.occupancy_sum_hydrogen          ? 
_refine_analyze.pdbx_Luzzati_d_res_high_obs     ? 
_refine_analyze.pdbx_refine_id                  'X-RAY DIFFRACTION' 
# 
_refine_hist.pdbx_refine_id                   'X-RAY DIFFRACTION' 
_refine_hist.cycle_id                         LAST 
_refine_hist.pdbx_number_atoms_protein        1101 
_refine_hist.pdbx_number_atoms_nucleic_acid   0 
_refine_hist.pdbx_number_atoms_ligand         0 
_refine_hist.number_atoms_solvent             36 
_refine_hist.number_atoms_total               1137 
_refine_hist.d_res_high                       2.0 
_refine_hist.d_res_low                        15.0 
# 
loop_
_refine_ls_restr.type 
_refine_ls_restr.dev_ideal 
_refine_ls_restr.dev_ideal_target 
_refine_ls_restr.weight 
_refine_ls_restr.number 
_refine_ls_restr.pdbx_refine_id 
_refine_ls_restr.pdbx_restraint_function 
c_bond_d                0.006 ?    ? ? 'X-RAY DIFFRACTION' ? 
c_bond_d_na             ?     ?    ? ? 'X-RAY DIFFRACTION' ? 
c_bond_d_prot           ?     ?    ? ? 'X-RAY DIFFRACTION' ? 
c_angle_d               ?     ?    ? ? 'X-RAY DIFFRACTION' ? 
c_angle_d_na            ?     ?    ? ? 'X-RAY DIFFRACTION' ? 
c_angle_d_prot          ?     ?    ? ? 'X-RAY DIFFRACTION' ? 
c_angle_deg             1.36  ?    ? ? 'X-RAY DIFFRACTION' ? 
c_angle_deg_na          ?     ?    ? ? 'X-RAY DIFFRACTION' ? 
c_angle_deg_prot        ?     ?    ? ? 'X-RAY DIFFRACTION' ? 
c_dihedral_angle_d      23.5  ?    ? ? 'X-RAY DIFFRACTION' ? 
c_dihedral_angle_d_na   ?     ?    ? ? 'X-RAY DIFFRACTION' ? 
c_dihedral_angle_d_prot ?     ?    ? ? 'X-RAY DIFFRACTION' ? 
c_improper_angle_d      0.72  ?    ? ? 'X-RAY DIFFRACTION' ? 
c_improper_angle_d_na   ?     ?    ? ? 'X-RAY DIFFRACTION' ? 
c_improper_angle_d_prot ?     ?    ? ? 'X-RAY DIFFRACTION' ? 
c_mcbond_it             3.26  1.50 ? ? 'X-RAY DIFFRACTION' ? 
c_mcangle_it            5.11  2.00 ? ? 'X-RAY DIFFRACTION' ? 
c_scbond_it             5.98  2.00 ? ? 'X-RAY DIFFRACTION' ? 
c_scangle_it            9.30  2.50 ? ? 'X-RAY DIFFRACTION' ? 
# 
_refine_ls_shell.pdbx_total_number_of_bins_used   10 
_refine_ls_shell.d_res_high                       2.0 
_refine_ls_shell.d_res_low                        2.09 
_refine_ls_shell.number_reflns_R_work             1170 
_refine_ls_shell.R_factor_R_work                  0.242 
_refine_ls_shell.percent_reflns_obs               83 
_refine_ls_shell.R_factor_R_free                  0.294 
_refine_ls_shell.R_factor_R_free_error            0.021 
_refine_ls_shell.percent_reflns_R_free            5 
_refine_ls_shell.number_reflns_R_free             29 
_refine_ls_shell.number_reflns_obs                604 
_refine_ls_shell.redundancy_reflns_obs            ? 
_refine_ls_shell.number_reflns_all                ? 
_refine_ls_shell.pdbx_refine_id                   'X-RAY DIFFRACTION' 
_refine_ls_shell.R_factor_all                     ? 
# 
loop_
_pdbx_xplor_file.serial_no 
_pdbx_xplor_file.param_file 
_pdbx_xplor_file.topol_file 
_pdbx_xplor_file.pdbx_refine_id 
1 protein_rep.param protein.top 'X-RAY DIFFRACTION' 
2 ion.param         ion.top     'X-RAY DIFFRACTION' 
# 
_struct.entry_id                  1Q2Y 
_struct.title                     
'Crystal structure of the protein YJCF from Bacillus subtilis: a member of the GCN5-related N-acetyltransferase superfamily fold' 
_struct.pdbx_model_details        ? 
_struct.pdbx_CASP_flag            ? 
_struct.pdbx_model_type_details   ? 
# 
_struct_keywords.entry_id        1Q2Y 
_struct_keywords.pdbx_keywords   'structural genomics, unknown function' 
_struct_keywords.text            
;GCN5-related N-acetyltransferase superfamily fold, NYSGXRC, T804, PSI, Protein Structure Initiative, New York SGX Research Center for Structural Genomics, structural genomics, unknown function
;
# 
loop_
_struct_asym.id 
_struct_asym.pdbx_blank_PDB_chainid_flag 
_struct_asym.pdbx_modified 
_struct_asym.entity_id 
_struct_asym.details 
A N N 1 ? 
B N N 2 ? 
# 
_struct_ref.id                         1 
_struct_ref.db_name                    UNP 
_struct_ref.db_code                    O31628_BACSU 
_struct_ref.pdbx_db_accession          O31628 
_struct_ref.entity_id                  1 
_struct_ref.pdbx_seq_one_letter_code   
;MKAVIAKNEEQLKDAFYVREEVFVKEQNVPAEEEIDELENESEHIVVYDGEKPVGAGRWRMKDGYGKLERICVLKSHRSA
GVGGIIMKALEKAAADGGASGFILNAQTQAVPFYKKHGYRVLSEKEFLDAGIPHLQMMKD
;
_struct_ref.pdbx_align_begin           1 
_struct_ref.pdbx_db_isoform            ? 
# 
_struct_ref_seq.align_id                      1 
_struct_ref_seq.ref_id                        1 
_struct_ref_seq.pdbx_PDB_id_code              1Q2Y 
_struct_ref_seq.pdbx_strand_id                A 
_struct_ref_seq.seq_align_beg                 1 
_struct_ref_seq.pdbx_seq_align_beg_ins_code   ? 
_struct_ref_seq.seq_align_end                 140 
_struct_ref_seq.pdbx_seq_align_end_ins_code   ? 
_struct_ref_seq.pdbx_db_accession             O31628 
_struct_ref_seq.db_align_beg                  1 
_struct_ref_seq.pdbx_db_align_beg_ins_code    ? 
_struct_ref_seq.db_align_end                  140 
_struct_ref_seq.pdbx_db_align_end_ins_code    ? 
_struct_ref_seq.pdbx_auth_seq_align_beg       1 
_struct_ref_seq.pdbx_auth_seq_align_end       140 
# 
_pdbx_struct_assembly.id                   1 
_pdbx_struct_assembly.details              author_defined_assembly 
_pdbx_struct_assembly.method_details       ? 
_pdbx_struct_assembly.oligomeric_details   monomeric 
_pdbx_struct_assembly.oligomeric_count     1 
# 
_pdbx_struct_assembly_gen.assembly_id       1 
_pdbx_struct_assembly_gen.oper_expression   1 
_pdbx_struct_assembly_gen.asym_id_list      A,B 
# 
_pdbx_struct_oper_list.id                   1 
_pdbx_struct_oper_list.type                 'identity operation' 
_pdbx_struct_oper_list.name                 1_555 
_pdbx_struct_oper_list.symmetry_operation   x,y,z 
_pdbx_struct_oper_list.matrix[1][1]         1.0000000000 
_pdbx_struct_oper_list.matrix[1][2]         0.0000000000 
_pdbx_struct_oper_list.matrix[1][3]         0.0000000000 
_pdbx_struct_oper_list.vector[1]            0.0000000000 
_pdbx_struct_oper_list.matrix[2][1]         0.0000000000 
_pdbx_struct_oper_list.matrix[2][2]         1.0000000000 
_pdbx_struct_oper_list.matrix[2][3]         0.0000000000 
_pdbx_struct_oper_list.vector[2]            0.0000000000 
_pdbx_struct_oper_list.matrix[3][1]         0.0000000000 
_pdbx_struct_oper_list.matrix[3][2]         0.0000000000 
_pdbx_struct_oper_list.matrix[3][3]         1.0000000000 
_pdbx_struct_oper_list.vector[3]            0.0000000000 
# 
_struct_biol.id                    1 
_struct_biol.details               'The biological assembly is a monomer' 
_struct_biol.pdbx_parent_biol_id   ? 
# 
loop_
_struct_conf.conf_type_id 
_struct_conf.id 
_struct_conf.pdbx_PDB_helix_id 
_struct_conf.beg_label_comp_id 
_struct_conf.beg_label_asym_id 
_struct_conf.beg_label_seq_id 
_struct_conf.pdbx_beg_PDB_ins_code 
_struct_conf.end_label_comp_id 
_struct_conf.end_label_asym_id 
_struct_conf.end_label_seq_id 
_struct_conf.pdbx_end_PDB_ins_code 
_struct_conf.beg_auth_comp_id 
_struct_conf.beg_auth_asym_id 
_struct_conf.beg_auth_seq_id 
_struct_conf.end_auth_comp_id 
_struct_conf.end_auth_asym_id 
_struct_conf.end_auth_seq_id 
_struct_conf.pdbx_PDB_helix_class 
_struct_conf.details 
_struct_conf.pdbx_PDB_helix_length 
HELX_P HELX_P1 1 ASN A 8   ? VAL A 24  ? ASN A 8   VAL A 24  1 ? 17 
HELX_P HELX_P2 2 LEU A 38  ? SER A 42  ? LEU A 38  SER A 42  5 ? 5  
HELX_P HELX_P3 3 LEU A 74  ? ARG A 78  ? LEU A 74  ARG A 78  5 ? 5  
HELX_P HELX_P4 4 GLY A 81  ? GLY A 97  ? GLY A 81  GLY A 97  1 ? 17 
HELX_P HELX_P5 5 ALA A 110 ? HIS A 117 ? ALA A 110 HIS A 117 1 ? 8  
# 
_struct_conf_type.id          HELX_P 
_struct_conf_type.criteria    ? 
_struct_conf_type.reference   ? 
# 
loop_
_struct_sheet.id 
_struct_sheet.type 
_struct_sheet.number_strands 
_struct_sheet.details 
A ? 7 ? 
B ? 7 ? 
# 
loop_
_struct_sheet_order.sheet_id 
_struct_sheet_order.range_id_1 
_struct_sheet_order.range_id_2 
_struct_sheet_order.offset 
_struct_sheet_order.sense 
A 1 2 ? anti-parallel 
A 2 3 ? anti-parallel 
A 3 4 ? anti-parallel 
A 4 5 ? parallel      
A 5 6 ? anti-parallel 
A 6 7 ? anti-parallel 
B 1 2 ? anti-parallel 
B 2 3 ? anti-parallel 
B 3 4 ? anti-parallel 
B 4 5 ? parallel      
B 5 6 ? anti-parallel 
B 6 7 ? anti-parallel 
# 
loop_
_struct_sheet_range.sheet_id 
_struct_sheet_range.id 
_struct_sheet_range.beg_label_comp_id 
_struct_sheet_range.beg_label_asym_id 
_struct_sheet_range.beg_label_seq_id 
_struct_sheet_range.pdbx_beg_PDB_ins_code 
_struct_sheet_range.end_label_comp_id 
_struct_sheet_range.end_label_asym_id 
_struct_sheet_range.end_label_seq_id 
_struct_sheet_range.pdbx_end_PDB_ins_code 
_struct_sheet_range.beg_auth_comp_id 
_struct_sheet_range.beg_auth_asym_id 
_struct_sheet_range.beg_auth_seq_id 
_struct_sheet_range.end_auth_comp_id 
_struct_sheet_range.end_auth_asym_id 
_struct_sheet_range.end_auth_seq_id 
A 1 LYS A 2   ? ALA A 6   ? LYS A 2   ALA A 6   
A 2 GLU A 43  ? ASP A 49  ? GLU A 43  ASP A 49  
A 3 LYS A 52  ? LYS A 62  ? LYS A 52  LYS A 62  
A 4 TYR A 65  ? CYS A 72  ? TYR A 65  CYS A 72  
A 5 PHE A 102 ? GLN A 107 ? PHE A 102 GLN A 107 
A 6 PRO A 133 ? LYS A 139 ? PRO A 133 LYS A 139 
A 7 ARG A 120 ? VAL A 121 ? ARG A 120 VAL A 121 
B 1 LYS A 2   ? ALA A 6   ? LYS A 2   ALA A 6   
B 2 GLU A 43  ? ASP A 49  ? GLU A 43  ASP A 49  
B 3 LYS A 52  ? LYS A 62  ? LYS A 52  LYS A 62  
B 4 TYR A 65  ? CYS A 72  ? TYR A 65  CYS A 72  
B 5 PHE A 102 ? GLN A 107 ? PHE A 102 GLN A 107 
B 6 PRO A 133 ? LYS A 139 ? PRO A 133 LYS A 139 
B 7 PHE A 127 ? LEU A 128 ? PHE A 127 LEU A 128 
# 
loop_
_pdbx_struct_sheet_hbond.sheet_id 
_pdbx_struct_sheet_hbond.range_id_1 
_pdbx_struct_sheet_hbond.range_id_2 
_pdbx_struct_sheet_hbond.range_1_label_atom_id 
_pdbx_struct_sheet_hbond.range_1_label_comp_id 
_pdbx_struct_sheet_hbond.range_1_label_asym_id 
_pdbx_struct_sheet_hbond.range_1_label_seq_id 
_pdbx_struct_sheet_hbond.range_1_PDB_ins_code 
_pdbx_struct_sheet_hbond.range_1_auth_atom_id 
_pdbx_struct_sheet_hbond.range_1_auth_comp_id 
_pdbx_struct_sheet_hbond.range_1_auth_asym_id 
_pdbx_struct_sheet_hbond.range_1_auth_seq_id 
_pdbx_struct_sheet_hbond.range_2_label_atom_id 
_pdbx_struct_sheet_hbond.range_2_label_comp_id 
_pdbx_struct_sheet_hbond.range_2_label_asym_id 
_pdbx_struct_sheet_hbond.range_2_label_seq_id 
_pdbx_struct_sheet_hbond.range_2_PDB_ins_code 
_pdbx_struct_sheet_hbond.range_2_auth_atom_id 
_pdbx_struct_sheet_hbond.range_2_auth_comp_id 
_pdbx_struct_sheet_hbond.range_2_auth_asym_id 
_pdbx_struct_sheet_hbond.range_2_auth_seq_id 
A 1 2 N LYS A 2   ? N LYS A 2   O TYR A 48  ? O TYR A 48  
A 2 3 N VAL A 47  ? N VAL A 47  O VAL A 54  ? O VAL A 54  
A 3 4 N ARG A 60  ? N ARG A 60  O LYS A 67  ? O LYS A 67  
A 4 5 N LEU A 68  ? N LEU A 68  O ILE A 103 ? O ILE A 103 
A 5 6 N PHE A 102 ? N PHE A 102 O LYS A 139 ? O LYS A 139 
A 6 7 O MET A 138 ? O MET A 138 N ARG A 120 ? N ARG A 120 
B 1 2 N LYS A 2   ? N LYS A 2   O TYR A 48  ? O TYR A 48  
B 2 3 N VAL A 47  ? N VAL A 47  O VAL A 54  ? O VAL A 54  
B 3 4 N ARG A 60  ? N ARG A 60  O LYS A 67  ? O LYS A 67  
B 4 5 N LEU A 68  ? N LEU A 68  O ILE A 103 ? O ILE A 103 
B 5 6 N PHE A 102 ? N PHE A 102 O LYS A 139 ? O LYS A 139 
B 6 7 O HIS A 134 ? O HIS A 134 N PHE A 127 ? N PHE A 127 
# 
loop_
_pdbx_validate_torsion.id 
_pdbx_validate_torsion.PDB_model_num 
_pdbx_validate_torsion.auth_comp_id 
_pdbx_validate_torsion.auth_asym_id 
_pdbx_validate_torsion.auth_seq_id 
_pdbx_validate_torsion.PDB_ins_code 
_pdbx_validate_torsion.label_alt_id 
_pdbx_validate_torsion.phi 
_pdbx_validate_torsion.psi 
1 1 VAL A 24  ? ? -90.23  -60.31  
2 1 GLN A 27  ? ? -81.27  -132.67 
3 1 ASN A 28  ? ? -153.41 19.11   
4 1 ALA A 31  ? ? -5.18   -85.58  
5 1 ASP A 129 ? ? -95.53  -63.73  
# 
_pdbx_SG_project.id                    1 
_pdbx_SG_project.project_name          'PSI, Protein Structure Initiative' 
_pdbx_SG_project.full_name_of_center   'New York SGX Research Center for Structural Genomics' 
_pdbx_SG_project.initial_of_center     NYSGXRC 
# 
loop_
_chem_comp_atom.comp_id 
_chem_comp_atom.atom_id 
_chem_comp_atom.type_symbol 
_chem_comp_atom.pdbx_aromatic_flag 
_chem_comp_atom.pdbx_stereo_config 
_chem_comp_atom.pdbx_ordinal 
ALA N    N N N 1   
ALA CA   C N S 2   
ALA C    C N N 3   
ALA O    O N N 4   
ALA CB   C N N 5   
ALA OXT  O N N 6   
ALA H    H N N 7   
ALA H2   H N N 8   
ALA HA   H N N 9   
ALA HB1  H N N 10  
ALA HB2  H N N 11  
ALA HB3  H N N 12  
ALA HXT  H N N 13  
ARG N    N N N 14  
ARG CA   C N S 15  
ARG C    C N N 16  
ARG O    O N N 17  
ARG CB   C N N 18  
ARG CG   C N N 19  
ARG CD   C N N 20  
ARG NE   N N N 21  
ARG CZ   C N N 22  
ARG NH1  N N N 23  
ARG NH2  N N N 24  
ARG OXT  O N N 25  
ARG H    H N N 26  
ARG H2   H N N 27  
ARG HA   H N N 28  
ARG HB2  H N N 29  
ARG HB3  H N N 30  
ARG HG2  H N N 31  
ARG HG3  H N N 32  
ARG HD2  H N N 33  
ARG HD3  H N N 34  
ARG HE   H N N 35  
ARG HH11 H N N 36  
ARG HH12 H N N 37  
ARG HH21 H N N 38  
ARG HH22 H N N 39  
ARG HXT  H N N 40  
ASN N    N N N 41  
ASN CA   C N S 42  
ASN C    C N N 43  
ASN O    O N N 44  
ASN CB   C N N 45  
ASN CG   C N N 46  
ASN OD1  O N N 47  
ASN ND2  N N N 48  
ASN OXT  O N N 49  
ASN H    H N N 50  
ASN H2   H N N 51  
ASN HA   H N N 52  
ASN HB2  H N N 53  
ASN HB3  H N N 54  
ASN HD21 H N N 55  
ASN HD22 H N N 56  
ASN HXT  H N N 57  
ASP N    N N N 58  
ASP CA   C N S 59  
ASP C    C N N 60  
ASP O    O N N 61  
ASP CB   C N N 62  
ASP CG   C N N 63  
ASP OD1  O N N 64  
ASP OD2  O N N 65  
ASP OXT  O N N 66  
ASP H    H N N 67  
ASP H2   H N N 68  
ASP HA   H N N 69  
ASP HB2  H N N 70  
ASP HB3  H N N 71  
ASP HD2  H N N 72  
ASP HXT  H N N 73  
CYS N    N N N 74  
CYS CA   C N R 75  
CYS C    C N N 76  
CYS O    O N N 77  
CYS CB   C N N 78  
CYS SG   S N N 79  
CYS OXT  O N N 80  
CYS H    H N N 81  
CYS H2   H N N 82  
CYS HA   H N N 83  
CYS HB2  H N N 84  
CYS HB3  H N N 85  
CYS HG   H N N 86  
CYS HXT  H N N 87  
GLN N    N N N 88  
GLN CA   C N S 89  
GLN C    C N N 90  
GLN O    O N N 91  
GLN CB   C N N 92  
GLN CG   C N N 93  
GLN CD   C N N 94  
GLN OE1  O N N 95  
GLN NE2  N N N 96  
GLN OXT  O N N 97  
GLN H    H N N 98  
GLN H2   H N N 99  
GLN HA   H N N 100 
GLN HB2  H N N 101 
GLN HB3  H N N 102 
GLN HG2  H N N 103 
GLN HG3  H N N 104 
GLN HE21 H N N 105 
GLN HE22 H N N 106 
GLN HXT  H N N 107 
GLU N    N N N 108 
GLU CA   C N S 109 
GLU C    C N N 110 
GLU O    O N N 111 
GLU CB   C N N 112 
GLU CG   C N N 113 
GLU CD   C N N 114 
GLU OE1  O N N 115 
GLU OE2  O N N 116 
GLU OXT  O N N 117 
GLU H    H N N 118 
GLU H2   H N N 119 
GLU HA   H N N 120 
GLU HB2  H N N 121 
GLU HB3  H N N 122 
GLU HG2  H N N 123 
GLU HG3  H N N 124 
GLU HE2  H N N 125 
GLU HXT  H N N 126 
GLY N    N N N 127 
GLY CA   C N N 128 
GLY C    C N N 129 
GLY O    O N N 130 
GLY OXT  O N N 131 
GLY H    H N N 132 
GLY H2   H N N 133 
GLY HA2  H N N 134 
GLY HA3  H N N 135 
GLY HXT  H N N 136 
HIS N    N N N 137 
HIS CA   C N S 138 
HIS C    C N N 139 
HIS O    O N N 140 
HIS CB   C N N 141 
HIS CG   C Y N 142 
HIS ND1  N Y N 143 
HIS CD2  C Y N 144 
HIS CE1  C Y N 145 
HIS NE2  N Y N 146 
HIS OXT  O N N 147 
HIS H    H N N 148 
HIS H2   H N N 149 
HIS HA   H N N 150 
HIS HB2  H N N 151 
HIS HB3  H N N 152 
HIS HD1  H N N 153 
HIS HD2  H N N 154 
HIS HE1  H N N 155 
HIS HE2  H N N 156 
HIS HXT  H N N 157 
HOH O    O N N 158 
HOH H1   H N N 159 
HOH H2   H N N 160 
ILE N    N N N 161 
ILE CA   C N S 162 
ILE C    C N N 163 
ILE O    O N N 164 
ILE CB   C N S 165 
ILE CG1  C N N 166 
ILE CG2  C N N 167 
ILE CD1  C N N 168 
ILE OXT  O N N 169 
ILE H    H N N 170 
ILE H2   H N N 171 
ILE HA   H N N 172 
ILE HB   H N N 173 
ILE HG12 H N N 174 
ILE HG13 H N N 175 
ILE HG21 H N N 176 
ILE HG22 H N N 177 
ILE HG23 H N N 178 
ILE HD11 H N N 179 
ILE HD12 H N N 180 
ILE HD13 H N N 181 
ILE HXT  H N N 182 
LEU N    N N N 183 
LEU CA   C N S 184 
LEU C    C N N 185 
LEU O    O N N 186 
LEU CB   C N N 187 
LEU CG   C N N 188 
LEU CD1  C N N 189 
LEU CD2  C N N 190 
LEU OXT  O N N 191 
LEU H    H N N 192 
LEU H2   H N N 193 
LEU HA   H N N 194 
LEU HB2  H N N 195 
LEU HB3  H N N 196 
LEU HG   H N N 197 
LEU HD11 H N N 198 
LEU HD12 H N N 199 
LEU HD13 H N N 200 
LEU HD21 H N N 201 
LEU HD22 H N N 202 
LEU HD23 H N N 203 
LEU HXT  H N N 204 
LYS N    N N N 205 
LYS CA   C N S 206 
LYS C    C N N 207 
LYS O    O N N 208 
LYS CB   C N N 209 
LYS CG   C N N 210 
LYS CD   C N N 211 
LYS CE   C N N 212 
LYS NZ   N N N 213 
LYS OXT  O N N 214 
LYS H    H N N 215 
LYS H2   H N N 216 
LYS HA   H N N 217 
LYS HB2  H N N 218 
LYS HB3  H N N 219 
LYS HG2  H N N 220 
LYS HG3  H N N 221 
LYS HD2  H N N 222 
LYS HD3  H N N 223 
LYS HE2  H N N 224 
LYS HE3  H N N 225 
LYS HZ1  H N N 226 
LYS HZ2  H N N 227 
LYS HZ3  H N N 228 
LYS HXT  H N N 229 
MET N    N N N 230 
MET CA   C N S 231 
MET C    C N N 232 
MET O    O N N 233 
MET CB   C N N 234 
MET CG   C N N 235 
MET SD   S N N 236 
MET CE   C N N 237 
MET OXT  O N N 238 
MET H    H N N 239 
MET H2   H N N 240 
MET HA   H N N 241 
MET HB2  H N N 242 
MET HB3  H N N 243 
MET HG2  H N N 244 
MET HG3  H N N 245 
MET HE1  H N N 246 
MET HE2  H N N 247 
MET HE3  H N N 248 
MET HXT  H N N 249 
PHE N    N N N 250 
PHE CA   C N S 251 
PHE C    C N N 252 
PHE O    O N N 253 
PHE CB   C N N 254 
PHE CG   C Y N 255 
PHE CD1  C Y N 256 
PHE CD2  C Y N 257 
PHE CE1  C Y N 258 
PHE CE2  C Y N 259 
PHE CZ   C Y N 260 
PHE OXT  O N N 261 
PHE H    H N N 262 
PHE H2   H N N 263 
PHE HA   H N N 264 
PHE HB2  H N N 265 
PHE HB3  H N N 266 
PHE HD1  H N N 267 
PHE HD2  H N N 268 
PHE HE1  H N N 269 
PHE HE2  H N N 270 
PHE HZ   H N N 271 
PHE HXT  H N N 272 
PRO N    N N N 273 
PRO CA   C N S 274 
PRO C    C N N 275 
PRO O    O N N 276 
PRO CB   C N N 277 
PRO CG   C N N 278 
PRO CD   C N N 279 
PRO OXT  O N N 280 
PRO H    H N N 281 
PRO HA   H N N 282 
PRO HB2  H N N 283 
PRO HB3  H N N 284 
PRO HG2  H N N 285 
PRO HG3  H N N 286 
PRO HD2  H N N 287 
PRO HD3  H N N 288 
PRO HXT  H N N 289 
SER N    N N N 290 
SER CA   C N S 291 
SER C    C N N 292 
SER O    O N N 293 
SER CB   C N N 294 
SER OG   O N N 295 
SER OXT  O N N 296 
SER H    H N N 297 
SER H2   H N N 298 
SER HA   H N N 299 
SER HB2  H N N 300 
SER HB3  H N N 301 
SER HG   H N N 302 
SER HXT  H N N 303 
THR N    N N N 304 
THR CA   C N S 305 
THR C    C N N 306 
THR O    O N N 307 
THR CB   C N R 308 
THR OG1  O N N 309 
THR CG2  C N N 310 
THR OXT  O N N 311 
THR H    H N N 312 
THR H2   H N N 313 
THR HA   H N N 314 
THR HB   H N N 315 
THR HG1  H N N 316 
THR HG21 H N N 317 
THR HG22 H N N 318 
THR HG23 H N N 319 
THR HXT  H N N 320 
TRP N    N N N 321 
TRP CA   C N S 322 
TRP C    C N N 323 
TRP O    O N N 324 
TRP CB   C N N 325 
TRP CG   C Y N 326 
TRP CD1  C Y N 327 
TRP CD2  C Y N 328 
TRP NE1  N Y N 329 
TRP CE2  C Y N 330 
TRP CE3  C Y N 331 
TRP CZ2  C Y N 332 
TRP CZ3  C Y N 333 
TRP CH2  C Y N 334 
TRP OXT  O N N 335 
TRP H    H N N 336 
TRP H2   H N N 337 
TRP HA   H N N 338 
TRP HB2  H N N 339 
TRP HB3  H N N 340 
TRP HD1  H N N 341 
TRP HE1  H N N 342 
TRP HE3  H N N 343 
TRP HZ2  H N N 344 
TRP HZ3  H N N 345 
TRP HH2  H N N 346 
TRP HXT  H N N 347 
TYR N    N N N 348 
TYR CA   C N S 349 
TYR C    C N N 350 
TYR O    O N N 351 
TYR CB   C N N 352 
TYR CG   C Y N 353 
TYR CD1  C Y N 354 
TYR CD2  C Y N 355 
TYR CE1  C Y N 356 
TYR CE2  C Y N 357 
TYR CZ   C Y N 358 
TYR OH   O N N 359 
TYR OXT  O N N 360 
TYR H    H N N 361 
TYR H2   H N N 362 
TYR HA   H N N 363 
TYR HB2  H N N 364 
TYR HB3  H N N 365 
TYR HD1  H N N 366 
TYR HD2  H N N 367 
TYR HE1  H N N 368 
TYR HE2  H N N 369 
TYR HH   H N N 370 
TYR HXT  H N N 371 
VAL N    N N N 372 
VAL CA   C N S 373 
VAL C    C N N 374 
VAL O    O N N 375 
VAL CB   C N N 376 
VAL CG1  C N N 377 
VAL CG2  C N N 378 
VAL OXT  O N N 379 
VAL H    H N N 380 
VAL H2   H N N 381 
VAL HA   H N N 382 
VAL HB   H N N 383 
VAL HG11 H N N 384 
VAL HG12 H N N 385 
VAL HG13 H N N 386 
VAL HG21 H N N 387 
VAL HG22 H N N 388 
VAL HG23 H N N 389 
VAL HXT  H N N 390 
# 
loop_
_chem_comp_bond.comp_id 
_chem_comp_bond.atom_id_1 
_chem_comp_bond.atom_id_2 
_chem_comp_bond.value_order 
_chem_comp_bond.pdbx_aromatic_flag 
_chem_comp_bond.pdbx_stereo_config 
_chem_comp_bond.pdbx_ordinal 
ALA N   CA   sing N N 1   
ALA N   H    sing N N 2   
ALA N   H2   sing N N 3   
ALA CA  C    sing N N 4   
ALA CA  CB   sing N N 5   
ALA CA  HA   sing N N 6   
ALA C   O    doub N N 7   
ALA C   OXT  sing N N 8   
ALA CB  HB1  sing N N 9   
ALA CB  HB2  sing N N 10  
ALA CB  HB3  sing N N 11  
ALA OXT HXT  sing N N 12  
ARG N   CA   sing N N 13  
ARG N   H    sing N N 14  
ARG N   H2   sing N N 15  
ARG CA  C    sing N N 16  
ARG CA  CB   sing N N 17  
ARG CA  HA   sing N N 18  
ARG C   O    doub N N 19  
ARG C   OXT  sing N N 20  
ARG CB  CG   sing N N 21  
ARG CB  HB2  sing N N 22  
ARG CB  HB3  sing N N 23  
ARG CG  CD   sing N N 24  
ARG CG  HG2  sing N N 25  
ARG CG  HG3  sing N N 26  
ARG CD  NE   sing N N 27  
ARG CD  HD2  sing N N 28  
ARG CD  HD3  sing N N 29  
ARG NE  CZ   sing N N 30  
ARG NE  HE   sing N N 31  
ARG CZ  NH1  sing N N 32  
ARG CZ  NH2  doub N N 33  
ARG NH1 HH11 sing N N 34  
ARG NH1 HH12 sing N N 35  
ARG NH2 HH21 sing N N 36  
ARG NH2 HH22 sing N N 37  
ARG OXT HXT  sing N N 38  
ASN N   CA   sing N N 39  
ASN N   H    sing N N 40  
ASN N   H2   sing N N 41  
ASN CA  C    sing N N 42  
ASN CA  CB   sing N N 43  
ASN CA  HA   sing N N 44  
ASN C   O    doub N N 45  
ASN C   OXT  sing N N 46  
ASN CB  CG   sing N N 47  
ASN CB  HB2  sing N N 48  
ASN CB  HB3  sing N N 49  
ASN CG  OD1  doub N N 50  
ASN CG  ND2  sing N N 51  
ASN ND2 HD21 sing N N 52  
ASN ND2 HD22 sing N N 53  
ASN OXT HXT  sing N N 54  
ASP N   CA   sing N N 55  
ASP N   H    sing N N 56  
ASP N   H2   sing N N 57  
ASP CA  C    sing N N 58  
ASP CA  CB   sing N N 59  
ASP CA  HA   sing N N 60  
ASP C   O    doub N N 61  
ASP C   OXT  sing N N 62  
ASP CB  CG   sing N N 63  
ASP CB  HB2  sing N N 64  
ASP CB  HB3  sing N N 65  
ASP CG  OD1  doub N N 66  
ASP CG  OD2  sing N N 67  
ASP OD2 HD2  sing N N 68  
ASP OXT HXT  sing N N 69  
CYS N   CA   sing N N 70  
CYS N   H    sing N N 71  
CYS N   H2   sing N N 72  
CYS CA  C    sing N N 73  
CYS CA  CB   sing N N 74  
CYS CA  HA   sing N N 75  
CYS C   O    doub N N 76  
CYS C   OXT  sing N N 77  
CYS CB  SG   sing N N 78  
CYS CB  HB2  sing N N 79  
CYS CB  HB3  sing N N 80  
CYS SG  HG   sing N N 81  
CYS OXT HXT  sing N N 82  
GLN N   CA   sing N N 83  
GLN N   H    sing N N 84  
GLN N   H2   sing N N 85  
GLN CA  C    sing N N 86  
GLN CA  CB   sing N N 87  
GLN CA  HA   sing N N 88  
GLN C   O    doub N N 89  
GLN C   OXT  sing N N 90  
GLN CB  CG   sing N N 91  
GLN CB  HB2  sing N N 92  
GLN CB  HB3  sing N N 93  
GLN CG  CD   sing N N 94  
GLN CG  HG2  sing N N 95  
GLN CG  HG3  sing N N 96  
GLN CD  OE1  doub N N 97  
GLN CD  NE2  sing N N 98  
GLN NE2 HE21 sing N N 99  
GLN NE2 HE22 sing N N 100 
GLN OXT HXT  sing N N 101 
GLU N   CA   sing N N 102 
GLU N   H    sing N N 103 
GLU N   H2   sing N N 104 
GLU CA  C    sing N N 105 
GLU CA  CB   sing N N 106 
GLU CA  HA   sing N N 107 
GLU C   O    doub N N 108 
GLU C   OXT  sing N N 109 
GLU CB  CG   sing N N 110 
GLU CB  HB2  sing N N 111 
GLU CB  HB3  sing N N 112 
GLU CG  CD   sing N N 113 
GLU CG  HG2  sing N N 114 
GLU CG  HG3  sing N N 115 
GLU CD  OE1  doub N N 116 
GLU CD  OE2  sing N N 117 
GLU OE2 HE2  sing N N 118 
GLU OXT HXT  sing N N 119 
GLY N   CA   sing N N 120 
GLY N   H    sing N N 121 
GLY N   H2   sing N N 122 
GLY CA  C    sing N N 123 
GLY CA  HA2  sing N N 124 
GLY CA  HA3  sing N N 125 
GLY C   O    doub N N 126 
GLY C   OXT  sing N N 127 
GLY OXT HXT  sing N N 128 
HIS N   CA   sing N N 129 
HIS N   H    sing N N 130 
HIS N   H2   sing N N 131 
HIS CA  C    sing N N 132 
HIS CA  CB   sing N N 133 
HIS CA  HA   sing N N 134 
HIS C   O    doub N N 135 
HIS C   OXT  sing N N 136 
HIS CB  CG   sing N N 137 
HIS CB  HB2  sing N N 138 
HIS CB  HB3  sing N N 139 
HIS CG  ND1  sing Y N 140 
HIS CG  CD2  doub Y N 141 
HIS ND1 CE1  doub Y N 142 
HIS ND1 HD1  sing N N 143 
HIS CD2 NE2  sing Y N 144 
HIS CD2 HD2  sing N N 145 
HIS CE1 NE2  sing Y N 146 
HIS CE1 HE1  sing N N 147 
HIS NE2 HE2  sing N N 148 
HIS OXT HXT  sing N N 149 
HOH O   H1   sing N N 150 
HOH O   H2   sing N N 151 
ILE N   CA   sing N N 152 
ILE N   H    sing N N 153 
ILE N   H2   sing N N 154 
ILE CA  C    sing N N 155 
ILE CA  CB   sing N N 156 
ILE CA  HA   sing N N 157 
ILE C   O    doub N N 158 
ILE C   OXT  sing N N 159 
ILE CB  CG1  sing N N 160 
ILE CB  CG2  sing N N 161 
ILE CB  HB   sing N N 162 
ILE CG1 CD1  sing N N 163 
ILE CG1 HG12 sing N N 164 
ILE CG1 HG13 sing N N 165 
ILE CG2 HG21 sing N N 166 
ILE CG2 HG22 sing N N 167 
ILE CG2 HG23 sing N N 168 
ILE CD1 HD11 sing N N 169 
ILE CD1 HD12 sing N N 170 
ILE CD1 HD13 sing N N 171 
ILE OXT HXT  sing N N 172 
LEU N   CA   sing N N 173 
LEU N   H    sing N N 174 
LEU N   H2   sing N N 175 
LEU CA  C    sing N N 176 
LEU CA  CB   sing N N 177 
LEU CA  HA   sing N N 178 
LEU C   O    doub N N 179 
LEU C   OXT  sing N N 180 
LEU CB  CG   sing N N 181 
LEU CB  HB2  sing N N 182 
LEU CB  HB3  sing N N 183 
LEU CG  CD1  sing N N 184 
LEU CG  CD2  sing N N 185 
LEU CG  HG   sing N N 186 
LEU CD1 HD11 sing N N 187 
LEU CD1 HD12 sing N N 188 
LEU CD1 HD13 sing N N 189 
LEU CD2 HD21 sing N N 190 
LEU CD2 HD22 sing N N 191 
LEU CD2 HD23 sing N N 192 
LEU OXT HXT  sing N N 193 
LYS N   CA   sing N N 194 
LYS N   H    sing N N 195 
LYS N   H2   sing N N 196 
LYS CA  C    sing N N 197 
LYS CA  CB   sing N N 198 
LYS CA  HA   sing N N 199 
LYS C   O    doub N N 200 
LYS C   OXT  sing N N 201 
LYS CB  CG   sing N N 202 
LYS CB  HB2  sing N N 203 
LYS CB  HB3  sing N N 204 
LYS CG  CD   sing N N 205 
LYS CG  HG2  sing N N 206 
LYS CG  HG3  sing N N 207 
LYS CD  CE   sing N N 208 
LYS CD  HD2  sing N N 209 
LYS CD  HD3  sing N N 210 
LYS CE  NZ   sing N N 211 
LYS CE  HE2  sing N N 212 
LYS CE  HE3  sing N N 213 
LYS NZ  HZ1  sing N N 214 
LYS NZ  HZ2  sing N N 215 
LYS NZ  HZ3  sing N N 216 
LYS OXT HXT  sing N N 217 
MET N   CA   sing N N 218 
MET N   H    sing N N 219 
MET N   H2   sing N N 220 
MET CA  C    sing N N 221 
MET CA  CB   sing N N 222 
MET CA  HA   sing N N 223 
MET C   O    doub N N 224 
MET C   OXT  sing N N 225 
MET CB  CG   sing N N 226 
MET CB  HB2  sing N N 227 
MET CB  HB3  sing N N 228 
MET CG  SD   sing N N 229 
MET CG  HG2  sing N N 230 
MET CG  HG3  sing N N 231 
MET SD  CE   sing N N 232 
MET CE  HE1  sing N N 233 
MET CE  HE2  sing N N 234 
MET CE  HE3  sing N N 235 
MET OXT HXT  sing N N 236 
PHE N   CA   sing N N 237 
PHE N   H    sing N N 238 
PHE N   H2   sing N N 239 
PHE CA  C    sing N N 240 
PHE CA  CB   sing N N 241 
PHE CA  HA   sing N N 242 
PHE C   O    doub N N 243 
PHE C   OXT  sing N N 244 
PHE CB  CG   sing N N 245 
PHE CB  HB2  sing N N 246 
PHE CB  HB3  sing N N 247 
PHE CG  CD1  doub Y N 248 
PHE CG  CD2  sing Y N 249 
PHE CD1 CE1  sing Y N 250 
PHE CD1 HD1  sing N N 251 
PHE CD2 CE2  doub Y N 252 
PHE CD2 HD2  sing N N 253 
PHE CE1 CZ   doub Y N 254 
PHE CE1 HE1  sing N N 255 
PHE CE2 CZ   sing Y N 256 
PHE CE2 HE2  sing N N 257 
PHE CZ  HZ   sing N N 258 
PHE OXT HXT  sing N N 259 
PRO N   CA   sing N N 260 
PRO N   CD   sing N N 261 
PRO N   H    sing N N 262 
PRO CA  C    sing N N 263 
PRO CA  CB   sing N N 264 
PRO CA  HA   sing N N 265 
PRO C   O    doub N N 266 
PRO C   OXT  sing N N 267 
PRO CB  CG   sing N N 268 
PRO CB  HB2  sing N N 269 
PRO CB  HB3  sing N N 270 
PRO CG  CD   sing N N 271 
PRO CG  HG2  sing N N 272 
PRO CG  HG3  sing N N 273 
PRO CD  HD2  sing N N 274 
PRO CD  HD3  sing N N 275 
PRO OXT HXT  sing N N 276 
SER N   CA   sing N N 277 
SER N   H    sing N N 278 
SER N   H2   sing N N 279 
SER CA  C    sing N N 280 
SER CA  CB   sing N N 281 
SER CA  HA   sing N N 282 
SER C   O    doub N N 283 
SER C   OXT  sing N N 284 
SER CB  OG   sing N N 285 
SER CB  HB2  sing N N 286 
SER CB  HB3  sing N N 287 
SER OG  HG   sing N N 288 
SER OXT HXT  sing N N 289 
THR N   CA   sing N N 290 
THR N   H    sing N N 291 
THR N   H2   sing N N 292 
THR CA  C    sing N N 293 
THR CA  CB   sing N N 294 
THR CA  HA   sing N N 295 
THR C   O    doub N N 296 
THR C   OXT  sing N N 297 
THR CB  OG1  sing N N 298 
THR CB  CG2  sing N N 299 
THR CB  HB   sing N N 300 
THR OG1 HG1  sing N N 301 
THR CG2 HG21 sing N N 302 
THR CG2 HG22 sing N N 303 
THR CG2 HG23 sing N N 304 
THR OXT HXT  sing N N 305 
TRP N   CA   sing N N 306 
TRP N   H    sing N N 307 
TRP N   H2   sing N N 308 
TRP CA  C    sing N N 309 
TRP CA  CB   sing N N 310 
TRP CA  HA   sing N N 311 
TRP C   O    doub N N 312 
TRP C   OXT  sing N N 313 
TRP CB  CG   sing N N 314 
TRP CB  HB2  sing N N 315 
TRP CB  HB3  sing N N 316 
TRP CG  CD1  doub Y N 317 
TRP CG  CD2  sing Y N 318 
TRP CD1 NE1  sing Y N 319 
TRP CD1 HD1  sing N N 320 
TRP CD2 CE2  doub Y N 321 
TRP CD2 CE3  sing Y N 322 
TRP NE1 CE2  sing Y N 323 
TRP NE1 HE1  sing N N 324 
TRP CE2 CZ2  sing Y N 325 
TRP CE3 CZ3  doub Y N 326 
TRP CE3 HE3  sing N N 327 
TRP CZ2 CH2  doub Y N 328 
TRP CZ2 HZ2  sing N N 329 
TRP CZ3 CH2  sing Y N 330 
TRP CZ3 HZ3  sing N N 331 
TRP CH2 HH2  sing N N 332 
TRP OXT HXT  sing N N 333 
TYR N   CA   sing N N 334 
TYR N   H    sing N N 335 
TYR N   H2   sing N N 336 
TYR CA  C    sing N N 337 
TYR CA  CB   sing N N 338 
TYR CA  HA   sing N N 339 
TYR C   O    doub N N 340 
TYR C   OXT  sing N N 341 
TYR CB  CG   sing N N 342 
TYR CB  HB2  sing N N 343 
TYR CB  HB3  sing N N 344 
TYR CG  CD1  doub Y N 345 
TYR CG  CD2  sing Y N 346 
TYR CD1 CE1  sing Y N 347 
TYR CD1 HD1  sing N N 348 
TYR CD2 CE2  doub Y N 349 
TYR CD2 HD2  sing N N 350 
TYR CE1 CZ   doub Y N 351 
TYR CE1 HE1  sing N N 352 
TYR CE2 CZ   sing Y N 353 
TYR CE2 HE2  sing N N 354 
TYR CZ  OH   sing N N 355 
TYR OH  HH   sing N N 356 
TYR OXT HXT  sing N N 357 
VAL N   CA   sing N N 358 
VAL N   H    sing N N 359 
VAL N   H2   sing N N 360 
VAL CA  C    sing N N 361 
VAL CA  CB   sing N N 362 
VAL CA  HA   sing N N 363 
VAL C   O    doub N N 364 
VAL C   OXT  sing N N 365 
VAL CB  CG1  sing N N 366 
VAL CB  CG2  sing N N 367 
VAL CB  HB   sing N N 368 
VAL CG1 HG11 sing N N 369 
VAL CG1 HG12 sing N N 370 
VAL CG1 HG13 sing N N 371 
VAL CG2 HG21 sing N N 372 
VAL CG2 HG22 sing N N 373 
VAL CG2 HG23 sing N N 374 
VAL OXT HXT  sing N N 375 
# 
_atom_sites.entry_id                    1Q2Y 
_atom_sites.fract_transf_matrix[1][1]   0.00254094 
_atom_sites.fract_transf_matrix[1][2]   -0.01508399 
_atom_sites.fract_transf_matrix[1][3]   -0.02387634 
_atom_sites.fract_transf_matrix[2][1]   -0.01164455 
_atom_sites.fract_transf_matrix[2][2]   -0.01083887 
_atom_sites.fract_transf_matrix[2][3]   0.00560828 
_atom_sites.fract_transf_matrix[3][1]   -0.01003294 
_atom_sites.fract_transf_matrix[3][2]   0.00770697 
_atom_sites.fract_transf_matrix[3][3]   -0.00593662 
_atom_sites.fract_transf_vector[1]      0.791632 
_atom_sites.fract_transf_vector[2]      0.560803 
_atom_sites.fract_transf_vector[3]      0.321104 
# 
loop_
_atom_type.symbol 
C 
N 
O 
S 
# 
loop_
_atom_site.group_PDB 
_atom_site.id 
_atom_site.type_symbol 
_atom_site.label_atom_id 
_atom_site.label_alt_id 
_atom_site.label_comp_id 
_atom_site.label_asym_id 
_atom_site.label_entity_id 
_atom_site.label_seq_id 
_atom_site.pdbx_PDB_ins_code 
_atom_site.Cartn_x 
_atom_site.Cartn_y 
_atom_site.Cartn_z 
_atom_site.occupancy 
_atom_site.B_iso_or_equiv 
_atom_site.pdbx_formal_charge 
_atom_site.auth_seq_id 
_atom_site.auth_comp_id 
_atom_site.auth_asym_id 
_atom_site.auth_atom_id 
_atom_site.pdbx_PDB_model_num 
ATOM   1    N N   . MET A 1 1   ? -16.029 2.235   7.619   1.00 25.59 ? 1   MET A N   1 
ATOM   2    C CA  . MET A 1 1   ? -14.671 1.758   7.216   1.00 27.48 ? 1   MET A CA  1 
ATOM   3    C C   . MET A 1 1   ? -13.958 0.938   8.291   1.00 26.80 ? 1   MET A C   1 
ATOM   4    O O   . MET A 1 1   ? -13.810 1.384   9.427   1.00 26.26 ? 1   MET A O   1 
ATOM   5    C CB  . MET A 1 1   ? -13.808 2.950   6.812   1.00 30.66 ? 1   MET A CB  1 
ATOM   6    C CG  . MET A 1 1   ? -14.199 3.536   5.470   1.00 35.97 ? 1   MET A CG  1 
ATOM   7    S SD  . MET A 1 1   ? -13.408 5.112   5.130   1.00 45.73 ? 1   MET A SD  1 
ATOM   8    C CE  . MET A 1 1   ? -14.833 6.227   5.190   1.00 42.59 ? 1   MET A CE  1 
ATOM   9    N N   . LYS A 1 2   ? -13.507 -0.260  7.917   1.00 22.80 ? 2   LYS A N   1 
ATOM   10   C CA  . LYS A 1 2   ? -12.809 -1.147  8.848   1.00 22.00 ? 2   LYS A CA  1 
ATOM   11   C C   . LYS A 1 2   ? -11.580 -1.808  8.193   1.00 20.28 ? 2   LYS A C   1 
ATOM   12   O O   . LYS A 1 2   ? -11.698 -2.452  7.147   1.00 18.68 ? 2   LYS A O   1 
ATOM   13   C CB  . LYS A 1 2   ? -13.782 -2.222  9.340   1.00 38.86 ? 2   LYS A CB  1 
ATOM   14   C CG  . LYS A 1 2   ? -13.515 -2.728  10.748  1.00 45.09 ? 2   LYS A CG  1 
ATOM   15   C CD  . LYS A 1 2   ? -12.150 -3.385  10.866  1.00 49.22 ? 2   LYS A CD  1 
ATOM   16   C CE  . LYS A 1 2   ? -11.895 -3.882  12.281  1.00 52.50 ? 2   LYS A CE  1 
ATOM   17   N NZ  . LYS A 1 2   ? -10.559 -4.528  12.400  1.00 55.72 ? 2   LYS A NZ  1 
ATOM   18   N N   . ALA A 1 3   ? -10.409 -1.636  8.810   1.00 21.89 ? 3   ALA A N   1 
ATOM   19   C CA  . ALA A 1 3   ? -9.160  -2.214  8.302   1.00 22.05 ? 3   ALA A CA  1 
ATOM   20   C C   . ALA A 1 3   ? -8.943  -3.601  8.905   1.00 21.41 ? 3   ALA A C   1 
ATOM   21   O O   . ALA A 1 3   ? -9.193  -3.820  10.089  1.00 22.11 ? 3   ALA A O   1 
ATOM   22   C CB  . ALA A 1 3   ? -7.976  -1.306  8.645   1.00 16.01 ? 3   ALA A CB  1 
ATOM   23   N N   . VAL A 1 4   ? -8.458  -4.533  8.092   1.00 18.27 ? 4   VAL A N   1 
ATOM   24   C CA  . VAL A 1 4   ? -8.244  -5.893  8.562   1.00 19.22 ? 4   VAL A CA  1 
ATOM   25   C C   . VAL A 1 4   ? -6.997  -6.534  7.959   1.00 17.69 ? 4   VAL A C   1 
ATOM   26   O O   . VAL A 1 4   ? -6.671  -6.289  6.797   1.00 16.21 ? 4   VAL A O   1 
ATOM   27   C CB  . VAL A 1 4   ? -9.461  -6.780  8.202   1.00 31.19 ? 4   VAL A CB  1 
ATOM   28   C CG1 . VAL A 1 4   ? -9.232  -8.203  8.666   1.00 34.29 ? 4   VAL A CG1 1 
ATOM   29   C CG2 . VAL A 1 4   ? -10.720 -6.217  8.831   1.00 32.64 ? 4   VAL A CG2 1 
ATOM   30   N N   . ILE A 1 5   ? -6.294  -7.346  8.746   1.00 17.66 ? 5   ILE A N   1 
ATOM   31   C CA  . ILE A 1 5   ? -5.129  -8.048  8.222   1.00 17.74 ? 5   ILE A CA  1 
ATOM   32   C C   . ILE A 1 5   ? -5.708  -9.249  7.475   1.00 17.72 ? 5   ILE A C   1 
ATOM   33   O O   . ILE A 1 5   ? -6.335  -10.117 8.076   1.00 17.34 ? 5   ILE A O   1 
ATOM   34   C CB  . ILE A 1 5   ? -4.189  -8.543  9.348   1.00 20.04 ? 5   ILE A CB  1 
ATOM   35   C CG1 . ILE A 1 5   ? -3.553  -7.343  10.056  1.00 19.91 ? 5   ILE A CG1 1 
ATOM   36   C CG2 . ILE A 1 5   ? -3.097  -9.447  8.758   1.00 20.65 ? 5   ILE A CG2 1 
ATOM   37   C CD1 . ILE A 1 5   ? -2.756  -7.706  11.292  1.00 21.54 ? 5   ILE A CD1 1 
ATOM   38   N N   . ALA A 1 6   ? -5.511  -9.274  6.161   1.00 17.31 ? 6   ALA A N   1 
ATOM   39   C CA  . ALA A 1 6   ? -6.027  -10.338 5.311   1.00 18.53 ? 6   ALA A CA  1 
ATOM   40   C C   . ALA A 1 6   ? -5.200  -11.611 5.426   1.00 19.76 ? 6   ALA A C   1 
ATOM   41   O O   . ALA A 1 6   ? -4.021  -11.633 5.057   1.00 19.44 ? 6   ALA A O   1 
ATOM   42   C CB  . ALA A 1 6   ? -6.063  -9.861  3.863   1.00 10.52 ? 6   ALA A CB  1 
ATOM   43   N N   . LYS A 1 7   ? -5.831  -12.669 5.930   1.00 17.67 ? 7   LYS A N   1 
ATOM   44   C CA  . LYS A 1 7   ? -5.167  -13.956 6.123   1.00 18.83 ? 7   LYS A CA  1 
ATOM   45   C C   . LYS A 1 7   ? -5.871  -15.130 5.451   1.00 16.55 ? 7   LYS A C   1 
ATOM   46   O O   . LYS A 1 7   ? -5.216  -16.098 5.068   1.00 16.63 ? 7   LYS A O   1 
ATOM   47   C CB  . LYS A 1 7   ? -5.047  -14.269 7.614   1.00 26.55 ? 7   LYS A CB  1 
ATOM   48   C CG  . LYS A 1 7   ? -4.152  -13.326 8.392   1.00 30.88 ? 7   LYS A CG  1 
ATOM   49   C CD  . LYS A 1 7   ? -4.079  -13.744 9.851   1.00 34.38 ? 7   LYS A CD  1 
ATOM   50   C CE  . LYS A 1 7   ? -3.002  -12.971 10.584  1.00 36.20 ? 7   LYS A CE  1 
ATOM   51   N NZ  . LYS A 1 7   ? -1.674  -13.144 9.937   1.00 40.36 ? 7   LYS A NZ  1 
ATOM   52   N N   . ASN A 1 8   ? -7.196  -15.060 5.329   1.00 16.16 ? 8   ASN A N   1 
ATOM   53   C CA  . ASN A 1 8   ? -7.950  -16.159 4.732   1.00 16.78 ? 8   ASN A CA  1 
ATOM   54   C C   . ASN A 1 8   ? -8.193  -15.998 3.243   1.00 13.66 ? 8   ASN A C   1 
ATOM   55   O O   . ASN A 1 8   ? -7.774  -15.006 2.641   1.00 13.30 ? 8   ASN A O   1 
ATOM   56   C CB  . ASN A 1 8   ? -9.283  -16.384 5.485   1.00 22.07 ? 8   ASN A CB  1 
ATOM   57   C CG  . ASN A 1 8   ? -10.273 -15.214 5.353   1.00 25.70 ? 8   ASN A CG  1 
ATOM   58   O OD1 . ASN A 1 8   ? -11.093 -14.989 6.250   1.00 30.66 ? 8   ASN A OD1 1 
ATOM   59   N ND2 . ASN A 1 8   ? -10.222 -14.494 4.242   1.00 24.07 ? 8   ASN A ND2 1 
ATOM   60   N N   . GLU A 1 9   ? -8.870  -16.973 2.649   1.00 10.79 ? 9   GLU A N   1 
ATOM   61   C CA  . GLU A 1 9   ? -9.125  -16.942 1.215   1.00 13.33 ? 9   GLU A CA  1 
ATOM   62   C C   . GLU A 1 9   ? -9.860  -15.706 0.705   1.00 12.73 ? 9   GLU A C   1 
ATOM   63   O O   . GLU A 1 9   ? -9.389  -15.028 -0.210  1.00 13.29 ? 9   GLU A O   1 
ATOM   64   C CB  . GLU A 1 9   ? -9.905  -18.185 0.775   1.00 18.25 ? 9   GLU A CB  1 
ATOM   65   C CG  . GLU A 1 9   ? -9.986  -18.318 -0.746  1.00 21.40 ? 9   GLU A CG  1 
ATOM   66   C CD  . GLU A 1 9   ? -11.013 -19.336 -1.209  1.00 21.26 ? 9   GLU A CD  1 
ATOM   67   O OE1 . GLU A 1 9   ? -11.219 -20.335 -0.497  1.00 22.97 ? 9   GLU A OE1 1 
ATOM   68   O OE2 . GLU A 1 9   ? -11.601 -19.147 -2.296  1.00 22.97 ? 9   GLU A OE2 1 
ATOM   69   N N   . GLU A 1 10  ? -11.018 -15.412 1.284   1.00 13.05 ? 10  GLU A N   1 
ATOM   70   C CA  . GLU A 1 10  ? -11.797 -14.278 0.822   1.00 15.94 ? 10  GLU A CA  1 
ATOM   71   C C   . GLU A 1 10  ? -11.142 -12.925 1.065   1.00 14.41 ? 10  GLU A C   1 
ATOM   72   O O   . GLU A 1 10  ? -11.224 -12.047 0.214   1.00 12.97 ? 10  GLU A O   1 
ATOM   73   C CB  . GLU A 1 10  ? -13.203 -14.322 1.432   1.00 39.65 ? 10  GLU A CB  1 
ATOM   74   C CG  . GLU A 1 10  ? -13.963 -15.601 1.070   1.00 47.50 ? 10  GLU A CG  1 
ATOM   75   C CD  . GLU A 1 10  ? -13.985 -15.881 -0.435  1.00 52.71 ? 10  GLU A CD  1 
ATOM   76   O OE1 . GLU A 1 10  ? -14.300 -17.027 -0.833  1.00 53.96 ? 10  GLU A OE1 1 
ATOM   77   O OE2 . GLU A 1 10  ? -13.695 -14.957 -1.226  1.00 55.17 ? 10  GLU A OE2 1 
ATOM   78   N N   . GLN A 1 11  ? -10.480 -12.759 2.205   1.00 13.77 ? 11  GLN A N   1 
ATOM   79   C CA  . GLN A 1 11  ? -9.822  -11.489 2.508   1.00 16.08 ? 11  GLN A CA  1 
ATOM   80   C C   . GLN A 1 11  ? -8.648  -11.193 1.563   1.00 15.01 ? 11  GLN A C   1 
ATOM   81   O O   . GLN A 1 11  ? -8.454  -10.050 1.151   1.00 14.87 ? 11  GLN A O   1 
ATOM   82   C CB  . GLN A 1 11  ? -9.312  -11.481 3.951   1.00 21.56 ? 11  GLN A CB  1 
ATOM   83   C CG  . GLN A 1 11  ? -10.386 -11.598 5.020   1.00 23.83 ? 11  GLN A CG  1 
ATOM   84   C CD  . GLN A 1 11  ? -9.792  -11.933 6.382   1.00 26.20 ? 11  GLN A CD  1 
ATOM   85   O OE1 . GLN A 1 11  ? -8.982  -12.859 6.509   1.00 26.40 ? 11  GLN A OE1 1 
ATOM   86   N NE2 . GLN A 1 11  ? -10.195 -11.192 7.407   1.00 28.85 ? 11  GLN A NE2 1 
ATOM   87   N N   . LEU A 1 12  ? -7.861  -12.213 1.234   1.00 12.21 ? 12  LEU A N   1 
ATOM   88   C CA  . LEU A 1 12  ? -6.720  -12.011 0.345   1.00 12.52 ? 12  LEU A CA  1 
ATOM   89   C C   . LEU A 1 12  ? -7.208  -11.812 -1.079  1.00 13.27 ? 12  LEU A C   1 
ATOM   90   O O   . LEU A 1 12  ? -6.600  -11.063 -1.844  1.00 11.88 ? 12  LEU A O   1 
ATOM   91   C CB  . LEU A 1 12  ? -5.729  -13.188 0.443   1.00 13.56 ? 12  LEU A CB  1 
ATOM   92   C CG  . LEU A 1 12  ? -4.882  -13.158 1.730   1.00 13.51 ? 12  LEU A CG  1 
ATOM   93   C CD1 . LEU A 1 12  ? -4.178  -14.496 1.953   1.00 14.70 ? 12  LEU A CD1 1 
ATOM   94   C CD2 . LEU A 1 12  ? -3.839  -12.037 1.622   1.00 13.61 ? 12  LEU A CD2 1 
ATOM   95   N N   . LYS A 1 13  ? -8.308  -12.476 -1.435  1.00 16.46 ? 13  LYS A N   1 
ATOM   96   C CA  . LYS A 1 13  ? -8.880  -12.316 -2.766  1.00 17.77 ? 13  LYS A CA  1 
ATOM   97   C C   . LYS A 1 13  ? -9.316  -10.862 -2.906  1.00 18.45 ? 13  LYS A C   1 
ATOM   98   O O   . LYS A 1 13  ? -9.132  -10.250 -3.956  1.00 17.71 ? 13  LYS A O   1 
ATOM   99   C CB  . LYS A 1 13  ? -10.105 -13.216 -2.960  1.00 20.35 ? 13  LYS A CB  1 
ATOM   100  C CG  . LYS A 1 13  ? -9.809  -14.616 -3.452  1.00 24.11 ? 13  LYS A CG  1 
ATOM   101  C CD  . LYS A 1 13  ? -11.108 -15.391 -3.652  1.00 29.40 ? 13  LYS A CD  1 
ATOM   102  C CE  . LYS A 1 13  ? -10.863 -16.714 -4.337  1.00 29.86 ? 13  LYS A CE  1 
ATOM   103  N NZ  . LYS A 1 13  ? -12.127 -17.492 -4.466  1.00 32.26 ? 13  LYS A NZ  1 
ATOM   104  N N   . ASP A 1 14  ? -9.904  -10.313 -1.845  1.00 19.48 ? 14  ASP A N   1 
ATOM   105  C CA  . ASP A 1 14  ? -10.352 -8.924  -1.881  1.00 19.35 ? 14  ASP A CA  1 
ATOM   106  C C   . ASP A 1 14  ? -9.163  -7.969  -2.003  1.00 17.75 ? 14  ASP A C   1 
ATOM   107  O O   . ASP A 1 14  ? -9.252  -6.941  -2.678  1.00 18.04 ? 14  ASP A O   1 
ATOM   108  C CB  . ASP A 1 14  ? -11.155 -8.573  -0.622  1.00 15.12 ? 14  ASP A CB  1 
ATOM   109  C CG  . ASP A 1 14  ? -12.532 -9.232  -0.585  1.00 19.18 ? 14  ASP A CG  1 
ATOM   110  O OD1 . ASP A 1 14  ? -13.071 -9.588  -1.658  1.00 19.36 ? 14  ASP A OD1 1 
ATOM   111  O OD2 . ASP A 1 14  ? -13.086 -9.378  0.527   1.00 18.95 ? 14  ASP A OD2 1 
ATOM   112  N N   . ALA A 1 15  ? -8.052  -8.313  -1.353  1.00 11.47 ? 15  ALA A N   1 
ATOM   113  C CA  . ALA A 1 15  ? -6.861  -7.461  -1.386  1.00 12.20 ? 15  ALA A CA  1 
ATOM   114  C C   . ALA A 1 15  ? -6.304  -7.346  -2.790  1.00 12.31 ? 15  ALA A C   1 
ATOM   115  O O   . ALA A 1 15  ? -5.955  -6.250  -3.238  1.00 11.94 ? 15  ALA A O   1 
ATOM   116  C CB  . ALA A 1 15  ? -5.773  -8.001  -0.435  1.00 10.28 ? 15  ALA A CB  1 
ATOM   117  N N   . PHE A 1 16  ? -6.222  -8.475  -3.488  1.00 15.64 ? 16  PHE A N   1 
ATOM   118  C CA  . PHE A 1 16  ? -5.695  -8.467  -4.842  1.00 15.86 ? 16  PHE A CA  1 
ATOM   119  C C   . PHE A 1 16  ? -6.694  -7.938  -5.861  1.00 14.96 ? 16  PHE A C   1 
ATOM   120  O O   . PHE A 1 16  ? -6.307  -7.510  -6.945  1.00 14.47 ? 16  PHE A O   1 
ATOM   121  C CB  . PHE A 1 16  ? -5.179  -9.862  -5.219  1.00 18.22 ? 16  PHE A CB  1 
ATOM   122  C CG  . PHE A 1 16  ? -3.843  -10.198 -4.582  1.00 21.61 ? 16  PHE A CG  1 
ATOM   123  C CD1 . PHE A 1 16  ? -3.776  -10.828 -3.341  1.00 22.90 ? 16  PHE A CD1 1 
ATOM   124  C CD2 . PHE A 1 16  ? -2.653  -9.814  -5.196  1.00 21.84 ? 16  PHE A CD2 1 
ATOM   125  C CE1 . PHE A 1 16  ? -2.540  -11.065 -2.716  1.00 23.37 ? 16  PHE A CE1 1 
ATOM   126  C CE2 . PHE A 1 16  ? -1.415  -10.044 -4.586  1.00 23.19 ? 16  PHE A CE2 1 
ATOM   127  C CZ  . PHE A 1 16  ? -1.360  -10.669 -3.342  1.00 25.04 ? 16  PHE A CZ  1 
ATOM   128  N N   . TYR A 1 17  ? -7.980  -7.963  -5.519  1.00 13.66 ? 17  TYR A N   1 
ATOM   129  C CA  . TYR A 1 17  ? -8.990  -7.417  -6.414  1.00 13.67 ? 17  TYR A CA  1 
ATOM   130  C C   . TYR A 1 17  ? -8.800  -5.903  -6.402  1.00 13.03 ? 17  TYR A C   1 
ATOM   131  O O   . TYR A 1 17  ? -8.878  -5.234  -7.436  1.00 15.44 ? 17  TYR A O   1 
ATOM   132  C CB  . TYR A 1 17  ? -10.406 -7.738  -5.921  1.00 19.24 ? 17  TYR A CB  1 
ATOM   133  C CG  . TYR A 1 17  ? -11.475 -7.121  -6.795  1.00 22.26 ? 17  TYR A CG  1 
ATOM   134  C CD1 . TYR A 1 17  ? -11.841 -7.713  -8.006  1.00 25.03 ? 17  TYR A CD1 1 
ATOM   135  C CD2 . TYR A 1 17  ? -12.098 -5.923  -6.431  1.00 21.45 ? 17  TYR A CD2 1 
ATOM   136  C CE1 . TYR A 1 17  ? -12.799 -7.132  -8.835  1.00 24.42 ? 17  TYR A CE1 1 
ATOM   137  C CE2 . TYR A 1 17  ? -13.057 -5.330  -7.252  1.00 22.26 ? 17  TYR A CE2 1 
ATOM   138  C CZ  . TYR A 1 17  ? -13.402 -5.941  -8.451  1.00 25.03 ? 17  TYR A CZ  1 
ATOM   139  O OH  . TYR A 1 17  ? -14.352 -5.365  -9.268  1.00 24.38 ? 17  TYR A OH  1 
ATOM   140  N N   . VAL A 1 18  ? -8.544  -5.363  -5.215  1.00 11.40 ? 18  VAL A N   1 
ATOM   141  C CA  . VAL A 1 18  ? -8.334  -3.927  -5.069  1.00 8.78  ? 18  VAL A CA  1 
ATOM   142  C C   . VAL A 1 18  ? -7.035  -3.501  -5.765  1.00 12.44 ? 18  VAL A C   1 
ATOM   143  O O   . VAL A 1 18  ? -6.978  -2.437  -6.382  1.00 12.90 ? 18  VAL A O   1 
ATOM   144  C CB  . VAL A 1 18  ? -8.288  -3.528  -3.580  1.00 13.29 ? 18  VAL A CB  1 
ATOM   145  C CG1 . VAL A 1 18  ? -7.901  -2.052  -3.438  1.00 14.48 ? 18  VAL A CG1 1 
ATOM   146  C CG2 . VAL A 1 18  ? -9.657  -3.779  -2.946  1.00 13.07 ? 18  VAL A CG2 1 
ATOM   147  N N   . ARG A 1 19  ? -5.995  -4.323  -5.684  1.00 13.08 ? 19  ARG A N   1 
ATOM   148  C CA  . ARG A 1 19  ? -4.751  -3.948  -6.345  1.00 15.52 ? 19  ARG A CA  1 
ATOM   149  C C   . ARG A 1 19  ? -4.901  -4.041  -7.862  1.00 14.41 ? 19  ARG A C   1 
ATOM   150  O O   . ARG A 1 19  ? -4.299  -3.266  -8.594  1.00 14.25 ? 19  ARG A O   1 
ATOM   151  C CB  . ARG A 1 19  ? -3.572  -4.820  -5.901  1.00 17.23 ? 19  ARG A CB  1 
ATOM   152  C CG  . ARG A 1 19  ? -2.237  -4.140  -6.246  1.00 24.12 ? 19  ARG A CG  1 
ATOM   153  C CD  . ARG A 1 19  ? -1.034  -5.026  -6.045  1.00 23.84 ? 19  ARG A CD  1 
ATOM   154  N NE  . ARG A 1 19  ? -0.840  -5.477  -4.665  1.00 19.77 ? 19  ARG A NE  1 
ATOM   155  C CZ  . ARG A 1 19  ? 0.072   -6.387  -4.327  1.00 17.61 ? 19  ARG A CZ  1 
ATOM   156  N NH1 . ARG A 1 19  ? 0.843   -6.911  -5.268  1.00 15.20 ? 19  ARG A NH1 1 
ATOM   157  N NH2 . ARG A 1 19  ? 0.206   -6.789  -3.072  1.00 16.60 ? 19  ARG A NH2 1 
ATOM   158  N N   . GLU A 1 20  ? -5.700  -4.988  -8.337  1.00 17.80 ? 20  GLU A N   1 
ATOM   159  C CA  . GLU A 1 20  ? -5.914  -5.119  -9.780  1.00 18.21 ? 20  GLU A CA  1 
ATOM   160  C C   . GLU A 1 20  ? -6.653  -3.876  -10.290 1.00 17.49 ? 20  GLU A C   1 
ATOM   161  O O   . GLU A 1 20  ? -6.357  -3.355  -11.365 1.00 19.30 ? 20  GLU A O   1 
ATOM   162  C CB  . GLU A 1 20  ? -6.743  -6.367  -10.095 1.00 22.36 ? 20  GLU A CB  1 
ATOM   163  C CG  . GLU A 1 20  ? -6.887  -6.636  -11.588 1.00 25.93 ? 20  GLU A CG  1 
ATOM   164  C CD  . GLU A 1 20  ? -7.923  -7.701  -11.899 1.00 30.23 ? 20  GLU A CD  1 
ATOM   165  O OE1 . GLU A 1 20  ? -8.021  -8.108  -13.077 1.00 32.04 ? 20  GLU A OE1 1 
ATOM   166  O OE2 . GLU A 1 20  ? -8.645  -8.121  -10.969 1.00 31.92 ? 20  GLU A OE2 1 
ATOM   167  N N   . GLU A 1 21  ? -7.612  -3.407  -9.497  1.00 13.09 ? 21  GLU A N   1 
ATOM   168  C CA  . GLU A 1 21  ? -8.402  -2.232  -9.826  1.00 14.06 ? 21  GLU A CA  1 
ATOM   169  C C   . GLU A 1 21  ? -7.514  -1.012  -10.149 1.00 14.91 ? 21  GLU A C   1 
ATOM   170  O O   . GLU A 1 21  ? -7.680  -0.363  -11.190 1.00 13.09 ? 21  GLU A O   1 
ATOM   171  C CB  . GLU A 1 21  ? -9.319  -1.898  -8.645  1.00 19.46 ? 21  GLU A CB  1 
ATOM   172  C CG  . GLU A 1 21  ? -10.254 -0.721  -8.861  1.00 24.13 ? 21  GLU A CG  1 
ATOM   173  C CD  . GLU A 1 21  ? -11.500 -1.104  -9.635  1.00 28.67 ? 21  GLU A CD  1 
ATOM   174  O OE1 . GLU A 1 21  ? -12.130 -2.125  -9.275  1.00 26.27 ? 21  GLU A OE1 1 
ATOM   175  O OE2 . GLU A 1 21  ? -11.851 -0.382  -10.593 1.00 29.57 ? 21  GLU A OE2 1 
ATOM   176  N N   . VAL A 1 22  ? -6.581  -0.705  -9.253  1.00 14.67 ? 22  VAL A N   1 
ATOM   177  C CA  . VAL A 1 22  ? -5.692  0.439   -9.436  1.00 15.48 ? 22  VAL A CA  1 
ATOM   178  C C   . VAL A 1 22  ? -4.615  0.261   -10.508 1.00 15.70 ? 22  VAL A C   1 
ATOM   179  O O   . VAL A 1 22  ? -4.488  1.094   -11.409 1.00 17.02 ? 22  VAL A O   1 
ATOM   180  C CB  . VAL A 1 22  ? -5.001  0.824   -8.104  1.00 16.04 ? 22  VAL A CB  1 
ATOM   181  C CG1 . VAL A 1 22  ? -4.045  2.006   -8.328  1.00 13.37 ? 22  VAL A CG1 1 
ATOM   182  C CG2 . VAL A 1 22  ? -6.048  1.193   -7.065  1.00 16.04 ? 22  VAL A CG2 1 
ATOM   183  N N   . PHE A 1 23  ? -3.840  -0.816  -10.422 1.00 16.04 ? 23  PHE A N   1 
ATOM   184  C CA  . PHE A 1 23  ? -2.772  -1.046  -11.391 1.00 18.23 ? 23  PHE A CA  1 
ATOM   185  C C   . PHE A 1 23  ? -3.227  -1.438  -12.798 1.00 19.67 ? 23  PHE A C   1 
ATOM   186  O O   . PHE A 1 23  ? -2.725  -0.909  -13.787 1.00 20.40 ? 23  PHE A O   1 
ATOM   187  C CB  . PHE A 1 23  ? -1.789  -2.103  -10.864 1.00 15.85 ? 23  PHE A CB  1 
ATOM   188  C CG  . PHE A 1 23  ? -0.814  -1.576  -9.837  1.00 19.25 ? 23  PHE A CG  1 
ATOM   189  C CD1 . PHE A 1 23  ? -1.148  -1.539  -8.487  1.00 19.07 ? 23  PHE A CD1 1 
ATOM   190  C CD2 . PHE A 1 23  ? 0.437   -1.097  -10.230 1.00 22.58 ? 23  PHE A CD2 1 
ATOM   191  C CE1 . PHE A 1 23  ? -0.256  -1.032  -7.542  1.00 20.56 ? 23  PHE A CE1 1 
ATOM   192  C CE2 . PHE A 1 23  ? 1.338   -0.588  -9.295  1.00 23.80 ? 23  PHE A CE2 1 
ATOM   193  C CZ  . PHE A 1 23  ? 0.989   -0.556  -7.946  1.00 23.53 ? 23  PHE A CZ  1 
ATOM   194  N N   . VAL A 1 24  ? -4.183  -2.350  -12.890 1.00 18.40 ? 24  VAL A N   1 
ATOM   195  C CA  . VAL A 1 24  ? -4.654  -2.810  -14.184 1.00 19.72 ? 24  VAL A CA  1 
ATOM   196  C C   . VAL A 1 24  ? -5.820  -2.028  -14.781 1.00 21.44 ? 24  VAL A C   1 
ATOM   197  O O   . VAL A 1 24  ? -5.707  -1.454  -15.863 1.00 20.16 ? 24  VAL A O   1 
ATOM   198  C CB  . VAL A 1 24  ? -5.059  -4.289  -14.115 1.00 17.80 ? 24  VAL A CB  1 
ATOM   199  C CG1 . VAL A 1 24  ? -5.474  -4.788  -15.501 1.00 18.32 ? 24  VAL A CG1 1 
ATOM   200  C CG2 . VAL A 1 24  ? -3.902  -5.110  -13.577 1.00 20.14 ? 24  VAL A CG2 1 
ATOM   201  N N   . LYS A 1 25  ? -6.942  -2.005  -14.079 1.00 18.70 ? 25  LYS A N   1 
ATOM   202  C CA  . LYS A 1 25  ? -8.112  -1.321  -14.595 1.00 23.48 ? 25  LYS A CA  1 
ATOM   203  C C   . LYS A 1 25  ? -7.980  0.191   -14.743 1.00 23.63 ? 25  LYS A C   1 
ATOM   204  O O   . LYS A 1 25  ? -8.380  0.739   -15.768 1.00 23.11 ? 25  LYS A O   1 
ATOM   205  C CB  . LYS A 1 25  ? -9.328  -1.688  -13.746 1.00 24.04 ? 25  LYS A CB  1 
ATOM   206  C CG  . LYS A 1 25  ? -9.601  -3.195  -13.755 1.00 30.26 ? 25  LYS A CG  1 
ATOM   207  C CD  . LYS A 1 25  ? -10.930 -3.532  -13.117 1.00 35.52 ? 25  LYS A CD  1 
ATOM   208  C CE  . LYS A 1 25  ? -11.217 -5.020  -13.207 1.00 37.43 ? 25  LYS A CE  1 
ATOM   209  N NZ  . LYS A 1 25  ? -10.322 -5.807  -12.336 1.00 41.98 ? 25  LYS A NZ  1 
ATOM   210  N N   . GLU A 1 26  ? -7.411  0.869   -13.751 1.00 21.62 ? 26  GLU A N   1 
ATOM   211  C CA  . GLU A 1 26  ? -7.257  2.318   -13.836 1.00 22.20 ? 26  GLU A CA  1 
ATOM   212  C C   . GLU A 1 26  ? -6.028  2.728   -14.636 1.00 25.23 ? 26  GLU A C   1 
ATOM   213  O O   . GLU A 1 26  ? -6.090  3.639   -15.458 1.00 26.50 ? 26  GLU A O   1 
ATOM   214  C CB  . GLU A 1 26  ? -7.166  2.931   -12.450 1.00 22.16 ? 26  GLU A CB  1 
ATOM   215  C CG  . GLU A 1 26  ? -8.336  2.629   -11.564 1.00 19.81 ? 26  GLU A CG  1 
ATOM   216  C CD  . GLU A 1 26  ? -8.286  3.438   -10.294 1.00 18.03 ? 26  GLU A CD  1 
ATOM   217  O OE1 . GLU A 1 26  ? -7.203  3.986   -9.989  1.00 19.90 ? 26  GLU A OE1 1 
ATOM   218  O OE2 . GLU A 1 26  ? -9.320  3.526   -9.606  1.00 17.45 ? 26  GLU A OE2 1 
ATOM   219  N N   . GLN A 1 27  ? -4.900  2.082   -14.374 1.00 34.60 ? 27  GLN A N   1 
ATOM   220  C CA  . GLN A 1 27  ? -3.694  2.406   -15.114 1.00 39.27 ? 27  GLN A CA  1 
ATOM   221  C C   . GLN A 1 27  ? -3.812  1.655   -16.419 1.00 42.44 ? 27  GLN A C   1 
ATOM   222  O O   . GLN A 1 27  ? -4.858  1.688   -17.063 1.00 44.12 ? 27  GLN A O   1 
ATOM   223  C CB  . GLN A 1 27  ? -2.445  1.958   -14.355 1.00 35.98 ? 27  GLN A CB  1 
ATOM   224  C CG  . GLN A 1 27  ? -1.750  3.071   -13.614 1.00 36.60 ? 27  GLN A CG  1 
ATOM   225  C CD  . GLN A 1 27  ? -2.531  3.552   -12.415 1.00 36.23 ? 27  GLN A CD  1 
ATOM   226  O OE1 . GLN A 1 27  ? -3.727  3.809   -12.509 1.00 36.57 ? 27  GLN A OE1 1 
ATOM   227  N NE2 . GLN A 1 27  ? -1.854  3.687   -11.280 1.00 36.51 ? 27  GLN A NE2 1 
ATOM   228  N N   . ASN A 1 28  ? -2.751  0.971   -16.811 1.00 35.22 ? 28  ASN A N   1 
ATOM   229  C CA  . ASN A 1 28  ? -2.786  0.202   -18.044 1.00 36.86 ? 28  ASN A CA  1 
ATOM   230  C C   . ASN A 1 28  ? -1.794  -0.937  -17.927 1.00 34.43 ? 28  ASN A C   1 
ATOM   231  O O   . ASN A 1 28  ? -1.372  -1.520  -18.923 1.00 34.67 ? 28  ASN A O   1 
ATOM   232  C CB  . ASN A 1 28  ? -2.433  1.094   -19.234 1.00 77.36 ? 28  ASN A CB  1 
ATOM   233  C CG  . ASN A 1 28  ? -3.382  2.267   -19.382 1.00 80.86 ? 28  ASN A CG  1 
ATOM   234  O OD1 . ASN A 1 28  ? -4.590  2.087   -19.545 1.00 80.86 ? 28  ASN A OD1 1 
ATOM   235  N ND2 . ASN A 1 28  ? -2.841  3.480   -19.323 1.00 81.01 ? 28  ASN A ND2 1 
ATOM   236  N N   . VAL A 1 29  ? -1.428  -1.244  -16.687 1.00 27.76 ? 29  VAL A N   1 
ATOM   237  C CA  . VAL A 1 29  ? -0.482  -2.308  -16.404 1.00 25.24 ? 29  VAL A CA  1 
ATOM   238  C C   . VAL A 1 29  ? -1.052  -3.624  -16.915 1.00 24.81 ? 29  VAL A C   1 
ATOM   239  O O   . VAL A 1 29  ? -2.210  -3.951  -16.655 1.00 20.96 ? 29  VAL A O   1 
ATOM   240  C CB  . VAL A 1 29  ? -0.215  -2.419  -14.883 1.00 31.63 ? 29  VAL A CB  1 
ATOM   241  C CG1 . VAL A 1 29  ? 0.737   -3.567  -14.599 1.00 33.11 ? 29  VAL A CG1 1 
ATOM   242  C CG2 . VAL A 1 29  ? 0.360   -1.111  -14.360 1.00 29.46 ? 29  VAL A CG2 1 
ATOM   243  N N   . PRO A 1 30  ? -0.248  -4.390  -17.666 1.00 34.81 ? 30  PRO A N   1 
ATOM   244  C CA  . PRO A 1 30  ? -0.701  -5.674  -18.204 1.00 34.82 ? 30  PRO A CA  1 
ATOM   245  C C   . PRO A 1 30  ? -1.255  -6.565  -17.091 1.00 34.27 ? 30  PRO A C   1 
ATOM   246  O O   . PRO A 1 30  ? -0.724  -6.587  -15.979 1.00 34.33 ? 30  PRO A O   1 
ATOM   247  C CB  . PRO A 1 30  ? 0.566   -6.247  -18.836 1.00 30.02 ? 30  PRO A CB  1 
ATOM   248  C CG  . PRO A 1 30  ? 1.301   -5.016  -19.272 1.00 29.24 ? 30  PRO A CG  1 
ATOM   249  C CD  . PRO A 1 30  ? 1.140   -4.112  -18.075 1.00 29.97 ? 30  PRO A CD  1 
ATOM   250  N N   . ALA A 1 31  ? -2.327  -7.282  -17.413 1.00 58.07 ? 31  ALA A N   1 
ATOM   251  C CA  . ALA A 1 31  ? -3.019  -8.189  -16.501 1.00 61.00 ? 31  ALA A CA  1 
ATOM   252  C C   . ALA A 1 31  ? -2.405  -8.414  -15.121 1.00 63.79 ? 31  ALA A C   1 
ATOM   253  O O   . ALA A 1 31  ? -2.780  -7.743  -14.157 1.00 65.16 ? 31  ALA A O   1 
ATOM   254  C CB  . ALA A 1 31  ? -3.245  -9.534  -17.185 1.00 50.80 ? 31  ALA A CB  1 
ATOM   255  N N   . GLU A 1 32  ? -1.467  -9.350  -15.010 1.00 26.27 ? 32  GLU A N   1 
ATOM   256  C CA  . GLU A 1 32  ? -0.888  -9.636  -13.699 1.00 28.11 ? 32  GLU A CA  1 
ATOM   257  C C   . GLU A 1 32  ? 0.546   -9.189  -13.418 1.00 26.39 ? 32  GLU A C   1 
ATOM   258  O O   . GLU A 1 32  ? 1.248   -9.825  -12.632 1.00 24.36 ? 32  GLU A O   1 
ATOM   259  C CB  . GLU A 1 32  ? -1.018  -11.130 -13.397 1.00 73.82 ? 32  GLU A CB  1 
ATOM   260  C CG  . GLU A 1 32  ? -0.269  -12.027 -14.356 1.00 79.40 ? 32  GLU A CG  1 
ATOM   261  C CD  . GLU A 1 32  ? -0.546  -13.499 -14.106 1.00 81.24 ? 32  GLU A CD  1 
ATOM   262  O OE1 . GLU A 1 32  ? -1.708  -13.926 -14.281 1.00 82.15 ? 32  GLU A OE1 1 
ATOM   263  O OE2 . GLU A 1 32  ? 0.399   -14.229 -13.734 1.00 81.03 ? 32  GLU A OE2 1 
ATOM   264  N N   . GLU A 1 33  ? 0.985   -8.100  -14.038 1.00 23.43 ? 33  GLU A N   1 
ATOM   265  C CA  . GLU A 1 33  ? 2.338   -7.593  -13.786 1.00 23.05 ? 33  GLU A CA  1 
ATOM   266  C C   . GLU A 1 33  ? 2.332   -6.907  -12.418 1.00 20.22 ? 33  GLU A C   1 
ATOM   267  O O   . GLU A 1 33  ? 3.371   -6.514  -11.891 1.00 16.30 ? 33  GLU A O   1 
ATOM   268  C CB  . GLU A 1 33  ? 2.741   -6.581  -14.862 1.00 54.72 ? 33  GLU A CB  1 
ATOM   269  C CG  . GLU A 1 33  ? 2.776   -7.149  -16.271 1.00 60.43 ? 33  GLU A CG  1 
ATOM   270  C CD  . GLU A 1 33  ? 3.706   -8.342  -16.399 1.00 61.76 ? 33  GLU A CD  1 
ATOM   271  O OE1 . GLU A 1 33  ? 4.911   -8.197  -16.096 1.00 62.92 ? 33  GLU A OE1 1 
ATOM   272  O OE2 . GLU A 1 33  ? 3.232   -9.426  -16.804 1.00 63.25 ? 33  GLU A OE2 1 
ATOM   273  N N   . GLU A 1 34  ? 1.130   -6.786  -11.864 1.00 28.73 ? 34  GLU A N   1 
ATOM   274  C CA  . GLU A 1 34  ? 0.856   -6.155  -10.574 1.00 28.45 ? 34  GLU A CA  1 
ATOM   275  C C   . GLU A 1 34  ? 1.256   -7.012  -9.368  1.00 25.73 ? 34  GLU A C   1 
ATOM   276  O O   . GLU A 1 34  ? 1.333   -6.517  -8.246  1.00 25.00 ? 34  GLU A O   1 
ATOM   277  C CB  . GLU A 1 34  ? -0.644  -5.874  -10.495 1.00 44.21 ? 34  GLU A CB  1 
ATOM   278  C CG  . GLU A 1 34  ? -1.455  -7.125  -10.844 1.00 48.61 ? 34  GLU A CG  1 
ATOM   279  C CD  . GLU A 1 34  ? -2.935  -6.972  -10.597 1.00 49.74 ? 34  GLU A CD  1 
ATOM   280  O OE1 . GLU A 1 34  ? -3.297  -6.347  -9.577  1.00 55.06 ? 34  GLU A OE1 1 
ATOM   281  O OE2 . GLU A 1 34  ? -3.735  -7.487  -11.406 1.00 47.69 ? 34  GLU A OE2 1 
ATOM   282  N N   . ILE A 1 35  ? 1.495   -8.297  -9.602  1.00 25.85 ? 35  ILE A N   1 
ATOM   283  C CA  . ILE A 1 35  ? 1.846   -9.223  -8.529  1.00 23.35 ? 35  ILE A CA  1 
ATOM   284  C C   . ILE A 1 35  ? 3.296   -9.667  -8.642  1.00 23.65 ? 35  ILE A C   1 
ATOM   285  O O   . ILE A 1 35  ? 3.756   -10.024 -9.728  1.00 23.22 ? 35  ILE A O   1 
ATOM   286  C CB  . ILE A 1 35  ? 0.921   -10.457 -8.583  1.00 27.88 ? 35  ILE A CB  1 
ATOM   287  C CG1 . ILE A 1 35  ? -0.530  -10.008 -8.384  1.00 28.83 ? 35  ILE A CG1 1 
ATOM   288  C CG2 . ILE A 1 35  ? 1.326   -11.477 -7.534  1.00 27.34 ? 35  ILE A CG2 1 
ATOM   289  C CD1 . ILE A 1 35  ? -1.548  -11.096 -8.611  1.00 30.22 ? 35  ILE A CD1 1 
ATOM   290  N N   . ASP A 1 36  ? 4.020   -9.645  -7.526  1.00 21.36 ? 36  ASP A N   1 
ATOM   291  C CA  . ASP A 1 36  ? 5.417   -10.047 -7.564  1.00 21.83 ? 36  ASP A CA  1 
ATOM   292  C C   . ASP A 1 36  ? 5.737   -11.270 -6.708  1.00 22.23 ? 36  ASP A C   1 
ATOM   293  O O   . ASP A 1 36  ? 4.839   -11.897 -6.148  1.00 19.76 ? 36  ASP A O   1 
ATOM   294  C CB  . ASP A 1 36  ? 6.322   -8.864  -7.188  1.00 21.80 ? 36  ASP A CB  1 
ATOM   295  C CG  . ASP A 1 36  ? 6.175   -8.431  -5.731  1.00 21.69 ? 36  ASP A CG  1 
ATOM   296  O OD1 . ASP A 1 36  ? 6.772   -7.391  -5.367  1.00 21.01 ? 36  ASP A OD1 1 
ATOM   297  O OD2 . ASP A 1 36  ? 5.478   -9.117  -4.954  1.00 17.32 ? 36  ASP A OD2 1 
ATOM   298  N N   . GLU A 1 37  ? 7.022   -11.599 -6.612  1.00 23.79 ? 37  GLU A N   1 
ATOM   299  C CA  . GLU A 1 37  ? 7.477   -12.769 -5.862  1.00 25.63 ? 37  GLU A CA  1 
ATOM   300  C C   . GLU A 1 37  ? 7.601   -12.556 -4.356  1.00 22.66 ? 37  GLU A C   1 
ATOM   301  O O   . GLU A 1 37  ? 8.087   -13.433 -3.648  1.00 19.70 ? 37  GLU A O   1 
ATOM   302  C CB  . GLU A 1 37  ? 8.836   -13.228 -6.402  1.00 57.99 ? 37  GLU A CB  1 
ATOM   303  C CG  . GLU A 1 37  ? 8.896   -13.372 -7.914  1.00 67.91 ? 37  GLU A CG  1 
ATOM   304  C CD  . GLU A 1 37  ? 8.050   -14.521 -8.430  1.00 73.53 ? 37  GLU A CD  1 
ATOM   305  O OE1 . GLU A 1 37  ? 8.339   -15.683 -8.066  1.00 75.04 ? 37  GLU A OE1 1 
ATOM   306  O OE2 . GLU A 1 37  ? 7.099   -14.262 -9.201  1.00 76.52 ? 37  GLU A OE2 1 
ATOM   307  N N   . LEU A 1 38  ? 7.152   -11.408 -3.863  1.00 21.74 ? 38  LEU A N   1 
ATOM   308  C CA  . LEU A 1 38  ? 7.260   -11.101 -2.435  1.00 20.30 ? 38  LEU A CA  1 
ATOM   309  C C   . LEU A 1 38  ? 5.935   -11.143 -1.665  1.00 18.99 ? 38  LEU A C   1 
ATOM   310  O O   . LEU A 1 38  ? 5.898   -10.825 -0.484  1.00 18.68 ? 38  LEU A O   1 
ATOM   311  C CB  . LEU A 1 38  ? 7.885   -9.712  -2.267  1.00 22.74 ? 38  LEU A CB  1 
ATOM   312  C CG  . LEU A 1 38  ? 9.230   -9.461  -2.950  1.00 23.06 ? 38  LEU A CG  1 
ATOM   313  C CD1 . LEU A 1 38  ? 9.603   -7.996  -2.806  1.00 21.66 ? 38  LEU A CD1 1 
ATOM   314  C CD2 . LEU A 1 38  ? 10.300  -10.352 -2.337  1.00 23.79 ? 38  LEU A CD2 1 
ATOM   315  N N   . GLU A 1 39  ? 4.853   -11.533 -2.332  1.00 19.81 ? 39  GLU A N   1 
ATOM   316  C CA  . GLU A 1 39  ? 3.542   -11.571 -1.690  1.00 18.09 ? 39  GLU A CA  1 
ATOM   317  C C   . GLU A 1 39  ? 3.463   -12.468 -0.444  1.00 18.17 ? 39  GLU A C   1 
ATOM   318  O O   . GLU A 1 39  ? 2.845   -12.093 0.556   1.00 16.36 ? 39  GLU A O   1 
ATOM   319  C CB  . GLU A 1 39  ? 2.476   -12.012 -2.704  1.00 20.80 ? 39  GLU A CB  1 
ATOM   320  C CG  . GLU A 1 39  ? 2.521   -11.302 -4.055  1.00 19.09 ? 39  GLU A CG  1 
ATOM   321  C CD  . GLU A 1 39  ? 2.206   -9.810  -3.987  1.00 20.07 ? 39  GLU A CD  1 
ATOM   322  O OE1 . GLU A 1 39  ? 1.836   -9.302  -2.907  1.00 16.45 ? 39  GLU A OE1 1 
ATOM   323  O OE2 . GLU A 1 39  ? 2.326   -9.141  -5.033  1.00 16.40 ? 39  GLU A OE2 1 
ATOM   324  N N   . ASN A 1 40  ? 4.073   -13.648 -0.494  1.00 17.13 ? 40  ASN A N   1 
ATOM   325  C CA  . ASN A 1 40  ? 4.020   -14.546 0.654   1.00 19.49 ? 40  ASN A CA  1 
ATOM   326  C C   . ASN A 1 40  ? 4.910   -14.114 1.811   1.00 21.20 ? 40  ASN A C   1 
ATOM   327  O O   . ASN A 1 40  ? 4.722   -14.575 2.938   1.00 21.81 ? 40  ASN A O   1 
ATOM   328  C CB  . ASN A 1 40  ? 4.375   -15.980 0.246   1.00 23.01 ? 40  ASN A CB  1 
ATOM   329  C CG  . ASN A 1 40  ? 3.259   -16.658 -0.528  1.00 23.70 ? 40  ASN A CG  1 
ATOM   330  O OD1 . ASN A 1 40  ? 2.092   -16.557 -0.164  1.00 25.52 ? 40  ASN A OD1 1 
ATOM   331  N ND2 . ASN A 1 40  ? 3.617   -17.365 -1.590  1.00 23.34 ? 40  ASN A ND2 1 
ATOM   332  N N   . GLU A 1 41  ? 5.868   -13.230 1.540   1.00 22.11 ? 41  GLU A N   1 
ATOM   333  C CA  . GLU A 1 41  ? 6.772   -12.741 2.584   1.00 23.80 ? 41  GLU A CA  1 
ATOM   334  C C   . GLU A 1 41  ? 6.246   -11.445 3.200   1.00 22.81 ? 41  GLU A C   1 
ATOM   335  O O   . GLU A 1 41  ? 6.826   -10.917 4.146   1.00 23.63 ? 41  GLU A O   1 
ATOM   336  C CB  . GLU A 1 41  ? 8.165   -12.456 2.013   1.00 35.38 ? 41  GLU A CB  1 
ATOM   337  C CG  . GLU A 1 41  ? 8.721   -13.523 1.098   1.00 39.02 ? 41  GLU A CG  1 
ATOM   338  C CD  . GLU A 1 41  ? 10.084  -13.151 0.554   1.00 40.72 ? 41  GLU A CD  1 
ATOM   339  O OE1 . GLU A 1 41  ? 10.573  -13.856 -0.353  1.00 39.52 ? 41  GLU A OE1 1 
ATOM   340  O OE2 . GLU A 1 41  ? 10.668  -12.156 1.037   1.00 43.29 ? 41  GLU A OE2 1 
ATOM   341  N N   . SER A 1 42  ? 5.151   -10.931 2.655   1.00 17.79 ? 42  SER A N   1 
ATOM   342  C CA  . SER A 1 42  ? 4.575   -9.687  3.143   1.00 15.36 ? 42  SER A CA  1 
ATOM   343  C C   . SER A 1 42  ? 3.268   -9.911  3.884   1.00 15.12 ? 42  SER A C   1 
ATOM   344  O O   . SER A 1 42  ? 2.621   -10.950 3.720   1.00 13.61 ? 42  SER A O   1 
ATOM   345  C CB  . SER A 1 42  ? 4.308   -8.749  1.960   1.00 15.26 ? 42  SER A CB  1 
ATOM   346  O OG  . SER A 1 42  ? 5.481   -8.513  1.199   1.00 18.41 ? 42  SER A OG  1 
ATOM   347  N N   . GLU A 1 43  ? 2.878   -8.933  4.699   1.00 17.11 ? 43  GLU A N   1 
ATOM   348  C CA  . GLU A 1 43  ? 1.611   -9.009  5.413   1.00 17.26 ? 43  GLU A CA  1 
ATOM   349  C C   . GLU A 1 43  ? 0.675   -8.046  4.685   1.00 15.63 ? 43  GLU A C   1 
ATOM   350  O O   . GLU A 1 43  ? 1.056   -6.917  4.383   1.00 14.98 ? 43  GLU A O   1 
ATOM   351  C CB  . GLU A 1 43  ? 1.773   -8.594  6.879   1.00 18.84 ? 43  GLU A CB  1 
ATOM   352  C CG  . GLU A 1 43  ? 0.453   -8.566  7.635   1.00 20.76 ? 43  GLU A CG  1 
ATOM   353  C CD  . GLU A 1 43  ? 0.638   -8.577  9.146   1.00 21.49 ? 43  GLU A CD  1 
ATOM   354  O OE1 . GLU A 1 43  ? 0.962   -7.522  9.722   1.00 22.93 ? 43  GLU A OE1 1 
ATOM   355  O OE2 . GLU A 1 43  ? 0.467   -9.649  9.753   1.00 21.56 ? 43  GLU A OE2 1 
ATOM   356  N N   . HIS A 1 44  ? -0.549  -8.492  4.407   1.00 13.59 ? 44  HIS A N   1 
ATOM   357  C CA  . HIS A 1 44  ? -1.504  -7.679  3.678   1.00 11.96 ? 44  HIS A CA  1 
ATOM   358  C C   . HIS A 1 44  ? -2.641  -7.107  4.498   1.00 13.90 ? 44  HIS A C   1 
ATOM   359  O O   . HIS A 1 44  ? -3.165  -7.763  5.391   1.00 14.29 ? 44  HIS A O   1 
ATOM   360  C CB  . HIS A 1 44  ? -2.098  -8.491  2.524   1.00 14.69 ? 44  HIS A CB  1 
ATOM   361  C CG  . HIS A 1 44  ? -1.076  -8.990  1.560   1.00 13.08 ? 44  HIS A CG  1 
ATOM   362  N ND1 . HIS A 1 44  ? -0.246  -10.055 1.837   1.00 16.13 ? 44  HIS A ND1 1 
ATOM   363  C CD2 . HIS A 1 44  ? -0.701  -8.528  0.346   1.00 13.14 ? 44  HIS A CD2 1 
ATOM   364  C CE1 . HIS A 1 44  ? 0.600   -10.225 0.838   1.00 11.76 ? 44  HIS A CE1 1 
ATOM   365  N NE2 . HIS A 1 44  ? 0.344   -9.311  -0.079  1.00 17.03 ? 44  HIS A NE2 1 
ATOM   366  N N   . ILE A 1 45  ? -3.030  -5.878  4.173   1.00 18.07 ? 45  ILE A N   1 
ATOM   367  C CA  . ILE A 1 45  ? -4.140  -5.230  4.863   1.00 17.09 ? 45  ILE A CA  1 
ATOM   368  C C   . ILE A 1 45  ? -5.203  -4.771  3.877   1.00 18.59 ? 45  ILE A C   1 
ATOM   369  O O   . ILE A 1 45  ? -4.886  -4.261  2.796   1.00 18.30 ? 45  ILE A O   1 
ATOM   370  C CB  . ILE A 1 45  ? -3.684  -4.007  5.668   1.00 18.58 ? 45  ILE A CB  1 
ATOM   371  C CG1 . ILE A 1 45  ? -2.885  -4.467  6.884   1.00 18.60 ? 45  ILE A CG1 1 
ATOM   372  C CG2 . ILE A 1 45  ? -4.897  -3.177  6.091   1.00 19.06 ? 45  ILE A CG2 1 
ATOM   373  C CD1 . ILE A 1 45  ? -2.487  -3.334  7.798   1.00 20.81 ? 45  ILE A CD1 1 
ATOM   374  N N   . VAL A 1 46  ? -6.462  -4.954  4.261   1.00 15.12 ? 46  VAL A N   1 
ATOM   375  C CA  . VAL A 1 46  ? -7.599  -4.557  3.436   1.00 15.33 ? 46  VAL A CA  1 
ATOM   376  C C   . VAL A 1 46  ? -8.548  -3.697  4.257   1.00 14.75 ? 46  VAL A C   1 
ATOM   377  O O   . VAL A 1 46  ? -8.767  -3.960  5.438   1.00 12.49 ? 46  VAL A O   1 
ATOM   378  C CB  . VAL A 1 46  ? -8.394  -5.785  2.924   1.00 15.69 ? 46  VAL A CB  1 
ATOM   379  C CG1 . VAL A 1 46  ? -9.619  -5.328  2.140   1.00 17.07 ? 46  VAL A CG1 1 
ATOM   380  C CG2 . VAL A 1 46  ? -7.507  -6.638  2.047   1.00 15.59 ? 46  VAL A CG2 1 
ATOM   381  N N   . VAL A 1 47  ? -9.095  -2.662  3.628   1.00 16.02 ? 47  VAL A N   1 
ATOM   382  C CA  . VAL A 1 47  ? -10.042 -1.777  4.290   1.00 16.88 ? 47  VAL A CA  1 
ATOM   383  C C   . VAL A 1 47  ? -11.412 -2.033  3.669   1.00 17.27 ? 47  VAL A C   1 
ATOM   384  O O   . VAL A 1 47  ? -11.560 -2.014  2.444   1.00 18.53 ? 47  VAL A O   1 
ATOM   385  C CB  . VAL A 1 47  ? -9.664  -0.278  4.095   1.00 20.73 ? 47  VAL A CB  1 
ATOM   386  C CG1 . VAL A 1 47  ? -10.758 0.627   4.670   1.00 20.51 ? 47  VAL A CG1 1 
ATOM   387  C CG2 . VAL A 1 47  ? -8.335  0.019   4.780   1.00 19.78 ? 47  VAL A CG2 1 
ATOM   388  N N   . TYR A 1 48  ? -12.406 -2.293  4.514   1.00 19.09 ? 48  TYR A N   1 
ATOM   389  C CA  . TYR A 1 48  ? -13.766 -2.546  4.041   1.00 19.83 ? 48  TYR A CA  1 
ATOM   390  C C   . TYR A 1 48  ? -14.749 -1.451  4.445   1.00 20.79 ? 48  TYR A C   1 
ATOM   391  O O   . TYR A 1 48  ? -14.607 -0.828  5.497   1.00 21.16 ? 48  TYR A O   1 
ATOM   392  C CB  . TYR A 1 48  ? -14.333 -3.847  4.624   1.00 18.24 ? 48  TYR A CB  1 
ATOM   393  C CG  . TYR A 1 48  ? -13.713 -5.137  4.151   1.00 19.82 ? 48  TYR A CG  1 
ATOM   394  C CD1 . TYR A 1 48  ? -12.648 -5.718  4.839   1.00 19.62 ? 48  TYR A CD1 1 
ATOM   395  C CD2 . TYR A 1 48  ? -14.206 -5.789  3.023   1.00 20.16 ? 48  TYR A CD2 1 
ATOM   396  C CE1 . TYR A 1 48  ? -12.090 -6.922  4.413   1.00 21.93 ? 48  TYR A CE1 1 
ATOM   397  C CE2 . TYR A 1 48  ? -13.659 -6.986  2.590   1.00 20.31 ? 48  TYR A CE2 1 
ATOM   398  C CZ  . TYR A 1 48  ? -12.602 -7.550  3.288   1.00 21.02 ? 48  TYR A CZ  1 
ATOM   399  O OH  . TYR A 1 48  ? -12.067 -8.740  2.856   1.00 18.93 ? 48  TYR A OH  1 
ATOM   400  N N   . ASP A 1 49  ? -15.742 -1.223  3.592   1.00 20.30 ? 49  ASP A N   1 
ATOM   401  C CA  . ASP A 1 49  ? -16.828 -0.302  3.898   1.00 21.74 ? 49  ASP A CA  1 
ATOM   402  C C   . ASP A 1 49  ? -17.987 -1.282  3.729   1.00 23.02 ? 49  ASP A C   1 
ATOM   403  O O   . ASP A 1 49  ? -18.418 -1.558  2.604   1.00 22.80 ? 49  ASP A O   1 
ATOM   404  C CB  . ASP A 1 49  ? -16.959 0.829   2.880   1.00 20.75 ? 49  ASP A CB  1 
ATOM   405  C CG  . ASP A 1 49  ? -18.066 1.811   3.255   1.00 24.43 ? 49  ASP A CG  1 
ATOM   406  O OD1 . ASP A 1 49  ? -18.997 1.401   3.987   1.00 22.09 ? 49  ASP A OD1 1 
ATOM   407  O OD2 . ASP A 1 49  ? -18.020 2.980   2.820   1.00 26.58 ? 49  ASP A OD2 1 
ATOM   408  N N   . GLY A 1 50  ? -18.471 -1.828  4.839   1.00 19.00 ? 50  GLY A N   1 
ATOM   409  C CA  . GLY A 1 50  ? -19.528 -2.815  4.746   1.00 22.07 ? 50  GLY A CA  1 
ATOM   410  C C   . GLY A 1 50  ? -18.804 -4.052  4.247   1.00 24.83 ? 50  GLY A C   1 
ATOM   411  O O   . GLY A 1 50  ? -17.741 -4.386  4.772   1.00 26.42 ? 50  GLY A O   1 
ATOM   412  N N   . GLU A 1 51  ? -19.333 -4.727  3.234   1.00 24.94 ? 51  GLU A N   1 
ATOM   413  C CA  . GLU A 1 51  ? -18.646 -5.909  2.727   1.00 27.06 ? 51  GLU A CA  1 
ATOM   414  C C   . GLU A 1 51  ? -17.833 -5.609  1.466   1.00 24.23 ? 51  GLU A C   1 
ATOM   415  O O   . GLU A 1 51  ? -17.239 -6.505  0.872   1.00 22.77 ? 51  GLU A O   1 
ATOM   416  C CB  . GLU A 1 51  ? -19.640 -7.042  2.459   1.00 55.22 ? 51  GLU A CB  1 
ATOM   417  C CG  . GLU A 1 51  ? -20.705 -6.738  1.430   1.00 62.65 ? 51  GLU A CG  1 
ATOM   418  C CD  . GLU A 1 51  ? -21.585 -7.948  1.149   1.00 67.38 ? 51  GLU A CD  1 
ATOM   419  O OE1 . GLU A 1 51  ? -22.136 -8.518  2.115   1.00 70.01 ? 51  GLU A OE1 1 
ATOM   420  O OE2 . GLU A 1 51  ? -21.725 -8.328  -0.035  1.00 69.09 ? 51  GLU A OE2 1 
ATOM   421  N N   . LYS A 1 52  ? -17.794 -4.341  1.071   1.00 24.16 ? 52  LYS A N   1 
ATOM   422  C CA  . LYS A 1 52  ? -17.044 -3.933  -0.115  1.00 21.64 ? 52  LYS A CA  1 
ATOM   423  C C   . LYS A 1 52  ? -15.599 -3.548  0.217   1.00 17.29 ? 52  LYS A C   1 
ATOM   424  O O   . LYS A 1 52  ? -15.354 -2.750  1.117   1.00 16.37 ? 52  LYS A O   1 
ATOM   425  C CB  . LYS A 1 52  ? -17.730 -2.735  -0.778  1.00 23.45 ? 52  LYS A CB  1 
ATOM   426  C CG  . LYS A 1 52  ? -17.051 -2.236  -2.048  1.00 28.97 ? 52  LYS A CG  1 
ATOM   427  C CD  . LYS A 1 52  ? -17.734 -0.980  -2.572  1.00 35.13 ? 52  LYS A CD  1 
ATOM   428  C CE  . LYS A 1 52  ? -17.159 -0.530  -3.912  1.00 38.27 ? 52  LYS A CE  1 
ATOM   429  N NZ  . LYS A 1 52  ? -17.474 -1.478  -5.021  1.00 41.77 ? 52  LYS A NZ  1 
ATOM   430  N N   . PRO A 1 53  ? -14.621 -4.127  -0.496  1.00 18.48 ? 53  PRO A N   1 
ATOM   431  C CA  . PRO A 1 53  ? -13.216 -3.781  -0.227  1.00 15.70 ? 53  PRO A CA  1 
ATOM   432  C C   . PRO A 1 53  ? -12.936 -2.446  -0.913  1.00 15.40 ? 53  PRO A C   1 
ATOM   433  O O   . PRO A 1 53  ? -13.173 -2.313  -2.112  1.00 16.15 ? 53  PRO A O   1 
ATOM   434  C CB  . PRO A 1 53  ? -12.445 -4.942  -0.867  1.00 12.27 ? 53  PRO A CB  1 
ATOM   435  C CG  . PRO A 1 53  ? -13.316 -5.322  -2.027  1.00 15.06 ? 53  PRO A CG  1 
ATOM   436  C CD  . PRO A 1 53  ? -14.723 -5.254  -1.438  1.00 14.89 ? 53  PRO A CD  1 
ATOM   437  N N   . VAL A 1 54  ? -12.446 -1.457  -0.162  1.00 11.67 ? 54  VAL A N   1 
ATOM   438  C CA  . VAL A 1 54  ? -12.173 -0.142  -0.740  1.00 12.23 ? 54  VAL A CA  1 
ATOM   439  C C   . VAL A 1 54  ? -10.714 0.333   -0.644  1.00 13.21 ? 54  VAL A C   1 
ATOM   440  O O   . VAL A 1 54  ? -10.392 1.452   -1.054  1.00 15.69 ? 54  VAL A O   1 
ATOM   441  C CB  . VAL A 1 54  ? -13.097 0.923   -0.109  1.00 16.34 ? 54  VAL A CB  1 
ATOM   442  C CG1 . VAL A 1 54  ? -14.557 0.570   -0.404  1.00 16.27 ? 54  VAL A CG1 1 
ATOM   443  C CG2 . VAL A 1 54  ? -12.860 1.005   1.405   1.00 16.20 ? 54  VAL A CG2 1 
ATOM   444  N N   . GLY A 1 55  ? -9.844  -0.521  -0.112  1.00 16.78 ? 55  GLY A N   1 
ATOM   445  C CA  . GLY A 1 55  ? -8.435  -0.189  0.008   1.00 17.30 ? 55  GLY A CA  1 
ATOM   446  C C   . GLY A 1 55  ? -7.566  -1.391  0.351   1.00 14.17 ? 55  GLY A C   1 
ATOM   447  O O   . GLY A 1 55  ? -8.041  -2.359  0.944   1.00 14.41 ? 55  GLY A O   1 
ATOM   448  N N   . ALA A 1 56  ? -6.289  -1.328  -0.017  1.00 11.87 ? 56  ALA A N   1 
ATOM   449  C CA  . ALA A 1 56  ? -5.352  -2.407  0.263   1.00 10.87 ? 56  ALA A CA  1 
ATOM   450  C C   . ALA A 1 56  ? -3.891  -1.938  0.256   1.00 11.11 ? 56  ALA A C   1 
ATOM   451  O O   . ALA A 1 56  ? -3.552  -0.913  -0.336  1.00 10.10 ? 56  ALA A O   1 
ATOM   452  C CB  . ALA A 1 56  ? -5.535  -3.537  -0.741  1.00 21.70 ? 56  ALA A CB  1 
ATOM   453  N N   . GLY A 1 57  ? -3.034  -2.708  0.924   1.00 12.35 ? 57  GLY A N   1 
ATOM   454  C CA  . GLY A 1 57  ? -1.621  -2.383  1.000   1.00 13.94 ? 57  GLY A CA  1 
ATOM   455  C C   . GLY A 1 57  ? -0.860  -3.543  1.621   1.00 13.74 ? 57  GLY A C   1 
ATOM   456  O O   . GLY A 1 57  ? -1.481  -4.512  2.060   1.00 12.32 ? 57  GLY A O   1 
ATOM   457  N N   . ARG A 1 58  ? 0.471   -3.461  1.648   1.00 13.28 ? 58  ARG A N   1 
ATOM   458  C CA  . ARG A 1 58  ? 1.282   -4.520  2.236   1.00 14.10 ? 58  ARG A CA  1 
ATOM   459  C C   . ARG A 1 58  ? 2.536   -3.953  2.882   1.00 15.41 ? 58  ARG A C   1 
ATOM   460  O O   . ARG A 1 58  ? 2.930   -2.827  2.602   1.00 15.75 ? 58  ARG A O   1 
ATOM   461  C CB  . ARG A 1 58  ? 1.691   -5.555  1.174   1.00 9.31  ? 58  ARG A CB  1 
ATOM   462  C CG  . ARG A 1 58  ? 2.907   -5.157  0.338   1.00 10.89 ? 58  ARG A CG  1 
ATOM   463  C CD  . ARG A 1 58  ? 3.312   -6.239  -0.671  1.00 13.08 ? 58  ARG A CD  1 
ATOM   464  N NE  . ARG A 1 58  ? 4.490   -5.842  -1.441  1.00 16.93 ? 58  ARG A NE  1 
ATOM   465  C CZ  . ARG A 1 58  ? 4.984   -6.512  -2.483  1.00 17.61 ? 58  ARG A CZ  1 
ATOM   466  N NH1 . ARG A 1 58  ? 4.410   -7.633  -2.903  1.00 15.64 ? 58  ARG A NH1 1 
ATOM   467  N NH2 . ARG A 1 58  ? 6.061   -6.051  -3.113  1.00 16.91 ? 58  ARG A NH2 1 
ATOM   468  N N   . TRP A 1 59  ? 3.153   -4.735  3.765   1.00 16.53 ? 59  TRP A N   1 
ATOM   469  C CA  . TRP A 1 59  ? 4.384   -4.314  4.414   1.00 16.96 ? 59  TRP A CA  1 
ATOM   470  C C   . TRP A 1 59  ? 5.214   -5.544  4.708   1.00 14.48 ? 59  TRP A C   1 
ATOM   471  O O   . TRP A 1 59  ? 4.696   -6.659  4.759   1.00 13.31 ? 59  TRP A O   1 
ATOM   472  C CB  . TRP A 1 59  ? 4.108   -3.564  5.730   1.00 16.18 ? 59  TRP A CB  1 
ATOM   473  C CG  . TRP A 1 59  ? 3.791   -4.456  6.901   1.00 19.05 ? 59  TRP A CG  1 
ATOM   474  C CD1 . TRP A 1 59  ? 2.567   -4.960  7.250   1.00 17.35 ? 59  TRP A CD1 1 
ATOM   475  C CD2 . TRP A 1 59  ? 4.729   -4.981  7.856   1.00 19.24 ? 59  TRP A CD2 1 
ATOM   476  N NE1 . TRP A 1 59  ? 2.687   -5.764  8.360   1.00 20.40 ? 59  TRP A NE1 1 
ATOM   477  C CE2 . TRP A 1 59  ? 4.001   -5.796  8.749   1.00 20.28 ? 59  TRP A CE2 1 
ATOM   478  C CE3 . TRP A 1 59  ? 6.113   -4.840  8.040   1.00 19.19 ? 59  TRP A CE3 1 
ATOM   479  C CZ2 . TRP A 1 59  ? 4.613   -6.473  9.817   1.00 20.83 ? 59  TRP A CZ2 1 
ATOM   480  C CZ3 . TRP A 1 59  ? 6.723   -5.511  9.104   1.00 19.63 ? 59  TRP A CZ3 1 
ATOM   481  C CH2 . TRP A 1 59  ? 5.970   -6.318  9.976   1.00 20.46 ? 59  TRP A CH2 1 
ATOM   482  N N   . ARG A 1 60  ? 6.512   -5.340  4.869   1.00 10.89 ? 60  ARG A N   1 
ATOM   483  C CA  . ARG A 1 60  ? 7.426   -6.420  5.205   1.00 14.13 ? 60  ARG A CA  1 
ATOM   484  C C   . ARG A 1 60  ? 8.642   -5.795  5.866   1.00 15.21 ? 60  ARG A C   1 
ATOM   485  O O   . ARG A 1 60  ? 8.914   -4.603  5.679   1.00 11.99 ? 60  ARG A O   1 
ATOM   486  C CB  . ARG A 1 60  ? 7.833   -7.217  3.961   1.00 21.08 ? 60  ARG A CB  1 
ATOM   487  C CG  . ARG A 1 60  ? 8.524   -6.424  2.872   1.00 22.84 ? 60  ARG A CG  1 
ATOM   488  C CD  . ARG A 1 60  ? 8.609   -7.260  1.600   1.00 25.07 ? 60  ARG A CD  1 
ATOM   489  N NE  . ARG A 1 60  ? 9.005   -6.465  0.441   1.00 24.81 ? 60  ARG A NE  1 
ATOM   490  C CZ  . ARG A 1 60  ? 10.258  -6.135  0.154   1.00 24.62 ? 60  ARG A CZ  1 
ATOM   491  N NH1 . ARG A 1 60  ? 10.520  -5.402  -0.917  1.00 26.47 ? 60  ARG A NH1 1 
ATOM   492  N NH2 . ARG A 1 60  ? 11.250  -6.553  0.926   1.00 26.27 ? 60  ARG A NH2 1 
ATOM   493  N N   . MET A 1 61  ? 9.350   -6.590  6.660   1.00 22.26 ? 61  MET A N   1 
ATOM   494  C CA  . MET A 1 61  ? 10.532  -6.108  7.365   1.00 24.82 ? 61  MET A CA  1 
ATOM   495  C C   . MET A 1 61  ? 11.715  -6.126  6.406   1.00 23.46 ? 61  MET A C   1 
ATOM   496  O O   . MET A 1 61  ? 11.944  -7.112  5.715   1.00 23.73 ? 61  MET A O   1 
ATOM   497  C CB  . MET A 1 61  ? 10.826  -7.005  8.575   1.00 27.77 ? 61  MET A CB  1 
ATOM   498  C CG  . MET A 1 61  ? 11.470  -6.282  9.745   1.00 31.45 ? 61  MET A CG  1 
ATOM   499  S SD  . MET A 1 61  ? 10.337  -5.111  10.524  1.00 31.99 ? 61  MET A SD  1 
ATOM   500  C CE  . MET A 1 61  ? 9.354   -6.228  11.507  1.00 30.80 ? 61  MET A CE  1 
ATOM   501  N N   . LYS A 1 62  ? 12.463  -5.031  6.361   1.00 19.80 ? 62  LYS A N   1 
ATOM   502  C CA  . LYS A 1 62  ? 13.614  -4.936  5.474   1.00 20.76 ? 62  LYS A CA  1 
ATOM   503  C C   . LYS A 1 62  ? 14.696  -4.108  6.162   1.00 20.52 ? 62  LYS A C   1 
ATOM   504  O O   . LYS A 1 62  ? 14.529  -2.907  6.381   1.00 20.15 ? 62  LYS A O   1 
ATOM   505  C CB  . LYS A 1 62  ? 13.201  -4.272  4.157   1.00 27.78 ? 62  LYS A CB  1 
ATOM   506  C CG  . LYS A 1 62  ? 14.338  -4.017  3.179   1.00 30.66 ? 62  LYS A CG  1 
ATOM   507  C CD  . LYS A 1 62  ? 14.876  -5.298  2.578   1.00 34.24 ? 62  LYS A CD  1 
ATOM   508  C CE  . LYS A 1 62  ? 16.049  -5.023  1.630   1.00 36.19 ? 62  LYS A CE  1 
ATOM   509  N NZ  . LYS A 1 62  ? 15.689  -4.098  0.523   1.00 41.57 ? 62  LYS A NZ  1 
ATOM   510  N N   . ASP A 1 63  ? 15.803  -4.760  6.498   1.00 19.91 ? 63  ASP A N   1 
ATOM   511  C CA  . ASP A 1 63  ? 16.919  -4.104  7.176   1.00 19.62 ? 63  ASP A CA  1 
ATOM   512  C C   . ASP A 1 63  ? 16.487  -3.319  8.410   1.00 19.59 ? 63  ASP A C   1 
ATOM   513  O O   . ASP A 1 63  ? 16.914  -2.188  8.622   1.00 20.12 ? 63  ASP A O   1 
ATOM   514  C CB  . ASP A 1 63  ? 17.671  -3.191  6.200   1.00 23.78 ? 63  ASP A CB  1 
ATOM   515  C CG  . ASP A 1 63  ? 18.276  -3.965  5.037   1.00 25.91 ? 63  ASP A CG  1 
ATOM   516  O OD1 . ASP A 1 63  ? 18.672  -5.129  5.247   1.00 24.31 ? 63  ASP A OD1 1 
ATOM   517  O OD2 . ASP A 1 63  ? 18.367  -3.415  3.923   1.00 27.65 ? 63  ASP A OD2 1 
ATOM   518  N N   . GLY A 1 64  ? 15.624  -3.930  9.216   1.00 27.31 ? 64  GLY A N   1 
ATOM   519  C CA  . GLY A 1 64  ? 15.169  -3.298  10.438  1.00 27.37 ? 64  GLY A CA  1 
ATOM   520  C C   . GLY A 1 64  ? 14.044  -2.297  10.278  1.00 27.07 ? 64  GLY A C   1 
ATOM   521  O O   . GLY A 1 64  ? 13.451  -1.879  11.270  1.00 26.77 ? 64  GLY A O   1 
ATOM   522  N N   . TYR A 1 65  ? 13.758  -1.898  9.042   1.00 22.57 ? 65  TYR A N   1 
ATOM   523  C CA  . TYR A 1 65  ? 12.680  -0.948  8.779   1.00 23.45 ? 65  TYR A CA  1 
ATOM   524  C C   . TYR A 1 65  ? 11.407  -1.682  8.350   1.00 20.58 ? 65  TYR A C   1 
ATOM   525  O O   . TYR A 1 65  ? 11.452  -2.843  7.959   1.00 20.05 ? 65  TYR A O   1 
ATOM   526  C CB  . TYR A 1 65  ? 13.064  0.017   7.652   1.00 38.87 ? 65  TYR A CB  1 
ATOM   527  C CG  . TYR A 1 65  ? 13.981  1.151   8.042   1.00 43.90 ? 65  TYR A CG  1 
ATOM   528  C CD1 . TYR A 1 65  ? 15.367  1.019   7.957   1.00 45.76 ? 65  TYR A CD1 1 
ATOM   529  C CD2 . TYR A 1 65  ? 13.462  2.371   8.472   1.00 45.41 ? 65  TYR A CD2 1 
ATOM   530  C CE1 . TYR A 1 65  ? 16.212  2.083   8.288   1.00 47.79 ? 65  TYR A CE1 1 
ATOM   531  C CE2 . TYR A 1 65  ? 14.295  3.436   8.807   1.00 48.10 ? 65  TYR A CE2 1 
ATOM   532  C CZ  . TYR A 1 65  ? 15.667  3.286   8.711   1.00 48.27 ? 65  TYR A CZ  1 
ATOM   533  O OH  . TYR A 1 65  ? 16.484  4.342   9.027   1.00 52.27 ? 65  TYR A OH  1 
ATOM   534  N N   . GLY A 1 66  ? 10.273  -0.997  8.428   1.00 21.30 ? 66  GLY A N   1 
ATOM   535  C CA  . GLY A 1 66  ? 9.028   -1.592  7.988   1.00 19.47 ? 66  GLY A CA  1 
ATOM   536  C C   . GLY A 1 66  ? 8.848   -1.030  6.592   1.00 18.51 ? 66  GLY A C   1 
ATOM   537  O O   . GLY A 1 66  ? 8.725   0.179   6.431   1.00 19.31 ? 66  GLY A O   1 
ATOM   538  N N   . LYS A 1 67  ? 8.862   -1.881  5.573   1.00 15.19 ? 67  LYS A N   1 
ATOM   539  C CA  . LYS A 1 67  ? 8.711   -1.388  4.208   1.00 16.40 ? 67  LYS A CA  1 
ATOM   540  C C   . LYS A 1 67  ? 7.254   -1.467  3.762   1.00 15.65 ? 67  LYS A C   1 
ATOM   541  O O   . LYS A 1 67  ? 6.683   -2.555  3.673   1.00 17.57 ? 67  LYS A O   1 
ATOM   542  C CB  . LYS A 1 67  ? 9.617   -2.188  3.264   1.00 18.85 ? 67  LYS A CB  1 
ATOM   543  C CG  . LYS A 1 67  ? 9.697   -1.646  1.844   1.00 20.51 ? 67  LYS A CG  1 
ATOM   544  C CD  . LYS A 1 67  ? 10.800  -2.357  1.075   1.00 24.22 ? 67  LYS A CD  1 
ATOM   545  C CE  . LYS A 1 67  ? 10.839  -1.948  -0.398  1.00 25.73 ? 67  LYS A CE  1 
ATOM   546  N NZ  . LYS A 1 67  ? 10.913  -0.489  -0.587  1.00 24.14 ? 67  LYS A NZ  1 
ATOM   547  N N   . LEU A 1 68  ? 6.659   -0.305  3.497   1.00 15.40 ? 68  LEU A N   1 
ATOM   548  C CA  . LEU A 1 68  ? 5.258   -0.218  3.078   1.00 16.52 ? 68  LEU A CA  1 
ATOM   549  C C   . LEU A 1 68  ? 5.175   -0.099  1.565   1.00 14.64 ? 68  LEU A C   1 
ATOM   550  O O   . LEU A 1 68  ? 5.825   0.752   0.972   1.00 13.23 ? 68  LEU A O   1 
ATOM   551  C CB  . LEU A 1 68  ? 4.573   0.992   3.732   1.00 20.40 ? 68  LEU A CB  1 
ATOM   552  C CG  . LEU A 1 68  ? 4.660   1.125   5.257   1.00 23.24 ? 68  LEU A CG  1 
ATOM   553  C CD1 . LEU A 1 68  ? 3.587   2.093   5.743   1.00 22.84 ? 68  LEU A CD1 1 
ATOM   554  C CD2 . LEU A 1 68  ? 4.472   -0.220  5.926   1.00 24.76 ? 68  LEU A CD2 1 
ATOM   555  N N   . GLU A 1 69  ? 4.347   -0.930  0.944   1.00 15.72 ? 69  GLU A N   1 
ATOM   556  C CA  . GLU A 1 69  ? 4.250   -0.922  -0.510  1.00 16.04 ? 69  GLU A CA  1 
ATOM   557  C C   . GLU A 1 69  ? 2.851   -1.133  -1.080  1.00 15.42 ? 69  GLU A C   1 
ATOM   558  O O   . GLU A 1 69  ? 1.954   -1.635  -0.407  1.00 11.50 ? 69  GLU A O   1 
ATOM   559  C CB  . GLU A 1 69  ? 5.145   -2.019  -1.081  1.00 17.26 ? 69  GLU A CB  1 
ATOM   560  C CG  . GLU A 1 69  ? 6.622   -1.885  -0.790  1.00 19.03 ? 69  GLU A CG  1 
ATOM   561  C CD  . GLU A 1 69  ? 7.381   -3.157  -1.139  1.00 18.67 ? 69  GLU A CD  1 
ATOM   562  O OE1 . GLU A 1 69  ? 8.552   -3.060  -1.543  1.00 20.86 ? 69  GLU A OE1 1 
ATOM   563  O OE2 . GLU A 1 69  ? 6.811   -4.256  -0.996  1.00 18.22 ? 69  GLU A OE2 1 
ATOM   564  N N   . ARG A 1 70  ? 2.707   -0.769  -2.350  1.00 14.84 ? 70  ARG A N   1 
ATOM   565  C CA  . ARG A 1 70  ? 1.464   -0.931  -3.094  1.00 16.90 ? 70  ARG A CA  1 
ATOM   566  C C   . ARG A 1 70  ? 0.196   -0.505  -2.360  1.00 15.23 ? 70  ARG A C   1 
ATOM   567  O O   . ARG A 1 70  ? -0.760  -1.278  -2.222  1.00 14.49 ? 70  ARG A O   1 
ATOM   568  C CB  . ARG A 1 70  ? 1.371   -2.383  -3.568  1.00 18.70 ? 70  ARG A CB  1 
ATOM   569  C CG  . ARG A 1 70  ? 2.722   -2.826  -4.093  1.00 23.17 ? 70  ARG A CG  1 
ATOM   570  C CD  . ARG A 1 70  ? 2.700   -4.031  -4.980  1.00 26.78 ? 70  ARG A CD  1 
ATOM   571  N NE  . ARG A 1 70  ? 3.913   -4.056  -5.796  1.00 29.62 ? 70  ARG A NE  1 
ATOM   572  C CZ  . ARG A 1 70  ? 4.231   -5.031  -6.640  1.00 31.88 ? 70  ARG A CZ  1 
ATOM   573  N NH1 . ARG A 1 70  ? 5.354   -4.962  -7.344  1.00 31.82 ? 70  ARG A NH1 1 
ATOM   574  N NH2 . ARG A 1 70  ? 3.432   -6.080  -6.773  1.00 33.43 ? 70  ARG A NH2 1 
ATOM   575  N N   . ILE A 1 71  ? 0.198   0.738   -1.893  1.00 12.65 ? 71  ILE A N   1 
ATOM   576  C CA  . ILE A 1 71  ? -0.956  1.282   -1.208  1.00 13.69 ? 71  ILE A CA  1 
ATOM   577  C C   . ILE A 1 71  ? -1.917  1.620   -2.340  1.00 14.19 ? 71  ILE A C   1 
ATOM   578  O O   . ILE A 1 71  ? -1.627  2.476   -3.184  1.00 14.09 ? 71  ILE A O   1 
ATOM   579  C CB  . ILE A 1 71  ? -0.608  2.554   -0.407  1.00 22.46 ? 71  ILE A CB  1 
ATOM   580  C CG1 . ILE A 1 71  ? 0.310   2.214   0.777   1.00 24.40 ? 71  ILE A CG1 1 
ATOM   581  C CG2 . ILE A 1 71  ? -1.878  3.168   0.161   1.00 19.17 ? 71  ILE A CG2 1 
ATOM   582  C CD1 . ILE A 1 71  ? 1.640   1.642   0.399   1.00 30.47 ? 71  ILE A CD1 1 
ATOM   583  N N   . CYS A 1 72  ? -3.054  0.932   -2.355  1.00 13.04 ? 72  CYS A N   1 
ATOM   584  C CA  . CYS A 1 72  ? -4.055  1.105   -3.405  1.00 14.37 ? 72  CYS A CA  1 
ATOM   585  C C   . CYS A 1 72  ? -5.441  1.551   -2.949  1.00 14.18 ? 72  CYS A C   1 
ATOM   586  O O   . CYS A 1 72  ? -6.081  0.875   -2.139  1.00 13.62 ? 72  CYS A O   1 
ATOM   587  C CB  . CYS A 1 72  ? -4.228  -0.212  -4.165  1.00 15.57 ? 72  CYS A CB  1 
ATOM   588  S SG  . CYS A 1 72  ? -2.818  -0.712  -5.129  1.00 19.62 ? 72  CYS A SG  1 
ATOM   589  N N   . VAL A 1 73  ? -5.897  2.672   -3.497  1.00 13.06 ? 73  VAL A N   1 
ATOM   590  C CA  . VAL A 1 73  ? -7.228  3.202   -3.215  1.00 15.97 ? 73  VAL A CA  1 
ATOM   591  C C   . VAL A 1 73  ? -7.859  3.556   -4.573  1.00 16.02 ? 73  VAL A C   1 
ATOM   592  O O   . VAL A 1 73  ? -7.412  4.487   -5.250  1.00 13.70 ? 73  VAL A O   1 
ATOM   593  C CB  . VAL A 1 73  ? -7.167  4.471   -2.324  1.00 18.28 ? 73  VAL A CB  1 
ATOM   594  C CG1 . VAL A 1 73  ? -8.566  5.054   -2.149  1.00 20.71 ? 73  VAL A CG1 1 
ATOM   595  C CG2 . VAL A 1 73  ? -6.575  4.125   -0.966  1.00 21.89 ? 73  VAL A CG2 1 
ATOM   596  N N   . LEU A 1 74  ? -8.888  2.817   -4.983  1.00 17.93 ? 74  LEU A N   1 
ATOM   597  C CA  . LEU A 1 74  ? -9.510  3.109   -6.279  1.00 21.24 ? 74  LEU A CA  1 
ATOM   598  C C   . LEU A 1 74  ? -10.170 4.489   -6.344  1.00 21.27 ? 74  LEU A C   1 
ATOM   599  O O   . LEU A 1 74  ? -10.592 5.040   -5.323  1.00 20.38 ? 74  LEU A O   1 
ATOM   600  C CB  . LEU A 1 74  ? -10.521 2.025   -6.652  1.00 40.57 ? 74  LEU A CB  1 
ATOM   601  C CG  . LEU A 1 74  ? -11.518 1.563   -5.601  1.00 43.33 ? 74  LEU A CG  1 
ATOM   602  C CD1 . LEU A 1 74  ? -12.598 0.714   -6.266  1.00 45.23 ? 74  LEU A CD1 1 
ATOM   603  C CD2 . LEU A 1 74  ? -10.786 0.773   -4.530  1.00 44.93 ? 74  LEU A CD2 1 
ATOM   604  N N   . LYS A 1 75  ? -10.248 5.034   -7.557  1.00 17.33 ? 75  LYS A N   1 
ATOM   605  C CA  . LYS A 1 75  ? -10.821 6.361   -7.809  1.00 20.65 ? 75  LYS A CA  1 
ATOM   606  C C   . LYS A 1 75  ? -12.140 6.659   -7.110  1.00 19.68 ? 75  LYS A C   1 
ATOM   607  O O   . LYS A 1 75  ? -12.325 7.743   -6.552  1.00 18.24 ? 75  LYS A O   1 
ATOM   608  C CB  . LYS A 1 75  ? -11.007 6.576   -9.318  1.00 24.68 ? 75  LYS A CB  1 
ATOM   609  C CG  . LYS A 1 75  ? -9.711  6.622   -10.107 1.00 30.88 ? 75  LYS A CG  1 
ATOM   610  C CD  . LYS A 1 75  ? -9.970  6.739   -11.601 1.00 33.74 ? 75  LYS A CD  1 
ATOM   611  C CE  . LYS A 1 75  ? -8.663  6.935   -12.358 1.00 34.08 ? 75  LYS A CE  1 
ATOM   612  N NZ  . LYS A 1 75  ? -8.858  7.030   -13.834 1.00 34.04 ? 75  LYS A NZ  1 
ATOM   613  N N   . SER A 1 76  ? -13.058 5.705   -7.156  1.00 19.12 ? 76  SER A N   1 
ATOM   614  C CA  . SER A 1 76  ? -14.369 5.866   -6.541  1.00 21.86 ? 76  SER A CA  1 
ATOM   615  C C   . SER A 1 76  ? -14.301 6.263   -5.070  1.00 22.08 ? 76  SER A C   1 
ATOM   616  O O   . SER A 1 76  ? -15.229 6.879   -4.551  1.00 22.08 ? 76  SER A O   1 
ATOM   617  C CB  . SER A 1 76  ? -15.165 4.565   -6.667  1.00 37.48 ? 76  SER A CB  1 
ATOM   618  O OG  . SER A 1 76  ? -14.537 3.517   -5.937  1.00 39.62 ? 76  SER A OG  1 
ATOM   619  N N   . HIS A 1 77  ? -13.210 5.916   -4.394  1.00 21.53 ? 77  HIS A N   1 
ATOM   620  C CA  . HIS A 1 77  ? -13.088 6.238   -2.972  1.00 23.05 ? 77  HIS A CA  1 
ATOM   621  C C   . HIS A 1 77  ? -11.919 7.135   -2.587  1.00 22.83 ? 77  HIS A C   1 
ATOM   622  O O   . HIS A 1 77  ? -11.436 7.060   -1.460  1.00 21.89 ? 77  HIS A O   1 
ATOM   623  C CB  . HIS A 1 77  ? -13.022 4.947   -2.148  1.00 28.55 ? 77  HIS A CB  1 
ATOM   624  C CG  . HIS A 1 77  ? -14.302 4.173   -2.142  1.00 29.48 ? 77  HIS A CG  1 
ATOM   625  N ND1 . HIS A 1 77  ? -14.738 3.446   -3.230  1.00 30.04 ? 77  HIS A ND1 1 
ATOM   626  C CD2 . HIS A 1 77  ? -15.263 4.047   -1.196  1.00 29.72 ? 77  HIS A CD2 1 
ATOM   627  C CE1 . HIS A 1 77  ? -15.911 2.907   -2.954  1.00 29.30 ? 77  HIS A CE1 1 
ATOM   628  N NE2 . HIS A 1 77  ? -16.253 3.256   -1.727  1.00 28.63 ? 77  HIS A NE2 1 
ATOM   629  N N   . ARG A 1 78  ? -11.476 7.990   -3.503  1.00 28.67 ? 78  ARG A N   1 
ATOM   630  C CA  . ARG A 1 78  ? -10.352 8.884   -3.224  1.00 31.49 ? 78  ARG A CA  1 
ATOM   631  C C   . ARG A 1 78  ? -10.635 9.954   -2.174  1.00 32.02 ? 78  ARG A C   1 
ATOM   632  O O   . ARG A 1 78  ? -9.731  10.375  -1.455  1.00 31.93 ? 78  ARG A O   1 
ATOM   633  C CB  . ARG A 1 78  ? -9.874  9.558   -4.513  1.00 28.06 ? 78  ARG A CB  1 
ATOM   634  C CG  . ARG A 1 78  ? -9.137  8.613   -5.440  1.00 34.14 ? 78  ARG A CG  1 
ATOM   635  C CD  . ARG A 1 78  ? -8.682  9.303   -6.705  1.00 39.38 ? 78  ARG A CD  1 
ATOM   636  N NE  . ARG A 1 78  ? -7.891  8.406   -7.539  1.00 46.45 ? 78  ARG A NE  1 
ATOM   637  C CZ  . ARG A 1 78  ? -7.452  8.712   -8.754  1.00 49.85 ? 78  ARG A CZ  1 
ATOM   638  N NH1 . ARG A 1 78  ? -7.731  9.898   -9.278  1.00 51.99 ? 78  ARG A NH1 1 
ATOM   639  N NH2 . ARG A 1 78  ? -6.731  7.837   -9.441  1.00 51.63 ? 78  ARG A NH2 1 
ATOM   640  N N   . SER A 1 79  ? -11.882 10.398  -2.077  1.00 40.52 ? 79  SER A N   1 
ATOM   641  C CA  . SER A 1 79  ? -12.215 11.424  -1.098  1.00 40.87 ? 79  SER A CA  1 
ATOM   642  C C   . SER A 1 79  ? -12.951 10.838  0.105   1.00 40.17 ? 79  SER A C   1 
ATOM   643  O O   . SER A 1 79  ? -13.610 11.558  0.852   1.00 40.02 ? 79  SER A O   1 
ATOM   644  C CB  . SER A 1 79  ? -13.057 12.526  -1.757  1.00 33.22 ? 79  SER A CB  1 
ATOM   645  O OG  . SER A 1 79  ? -14.310 12.034  -2.196  1.00 35.03 ? 79  SER A OG  1 
ATOM   646  N N   . ALA A 1 80  ? -12.818 9.529   0.300   1.00 29.65 ? 80  ALA A N   1 
ATOM   647  C CA  . ALA A 1 80  ? -13.478 8.847   1.407   1.00 27.57 ? 80  ALA A CA  1 
ATOM   648  C C   . ALA A 1 80  ? -12.591 8.661   2.641   1.00 24.56 ? 80  ALA A C   1 
ATOM   649  O O   . ALA A 1 80  ? -13.045 8.133   3.649   1.00 24.53 ? 80  ALA A O   1 
ATOM   650  C CB  . ALA A 1 80  ? -13.999 7.491   0.941   1.00 28.23 ? 80  ALA A CB  1 
ATOM   651  N N   . GLY A 1 81  ? -11.331 9.079   2.558   1.00 31.63 ? 81  GLY A N   1 
ATOM   652  C CA  . GLY A 1 81  ? -10.427 8.945   3.691   1.00 30.77 ? 81  GLY A CA  1 
ATOM   653  C C   . GLY A 1 81  ? -9.835  7.559   3.898   1.00 30.71 ? 81  GLY A C   1 
ATOM   654  O O   . GLY A 1 81  ? -9.364  7.230   4.989   1.00 32.43 ? 81  GLY A O   1 
ATOM   655  N N   . VAL A 1 82  ? -9.855  6.739   2.856   1.00 20.71 ? 82  VAL A N   1 
ATOM   656  C CA  . VAL A 1 82  ? -9.314  5.393   2.947   1.00 19.35 ? 82  VAL A CA  1 
ATOM   657  C C   . VAL A 1 82  ? -7.787  5.441   3.060   1.00 17.94 ? 82  VAL A C   1 
ATOM   658  O O   . VAL A 1 82  ? -7.173  4.560   3.664   1.00 16.39 ? 82  VAL A O   1 
ATOM   659  C CB  . VAL A 1 82  ? -9.718  4.555   1.711   1.00 17.98 ? 82  VAL A CB  1 
ATOM   660  C CG1 . VAL A 1 82  ? -9.216  3.123   1.850   1.00 16.41 ? 82  VAL A CG1 1 
ATOM   661  C CG2 . VAL A 1 82  ? -11.238 4.559   1.558   1.00 19.53 ? 82  VAL A CG2 1 
ATOM   662  N N   . GLY A 1 83  ? -7.181  6.478   2.488   1.00 20.95 ? 83  GLY A N   1 
ATOM   663  C CA  . GLY A 1 83  ? -5.732  6.614   2.531   1.00 21.59 ? 83  GLY A CA  1 
ATOM   664  C C   . GLY A 1 83  ? -5.131  6.656   3.928   1.00 24.15 ? 83  GLY A C   1 
ATOM   665  O O   . GLY A 1 83  ? -4.201  5.911   4.236   1.00 24.25 ? 83  GLY A O   1 
ATOM   666  N N   . GLY A 1 84  ? -5.655  7.531   4.779   1.00 25.18 ? 84  GLY A N   1 
ATOM   667  C CA  . GLY A 1 84  ? -5.138  7.623   6.131   1.00 27.34 ? 84  GLY A CA  1 
ATOM   668  C C   . GLY A 1 84  ? -5.363  6.349   6.932   1.00 27.89 ? 84  GLY A C   1 
ATOM   669  O O   . GLY A 1 84  ? -4.543  5.989   7.781   1.00 29.02 ? 84  GLY A O   1 
ATOM   670  N N   . ILE A 1 85  ? -6.472  5.663   6.666   1.00 21.74 ? 85  ILE A N   1 
ATOM   671  C CA  . ILE A 1 85  ? -6.789  4.432   7.381   1.00 20.72 ? 85  ILE A CA  1 
ATOM   672  C C   . ILE A 1 85  ? -5.823  3.301   7.039   1.00 20.47 ? 85  ILE A C   1 
ATOM   673  O O   . ILE A 1 85  ? -5.376  2.580   7.926   1.00 18.70 ? 85  ILE A O   1 
ATOM   674  C CB  . ILE A 1 85  ? -8.238  3.984   7.102   1.00 24.15 ? 85  ILE A CB  1 
ATOM   675  C CG1 . ILE A 1 85  ? -9.205  4.994   7.722   1.00 25.89 ? 85  ILE A CG1 1 
ATOM   676  C CG2 . ILE A 1 85  ? -8.486  2.596   7.683   1.00 21.80 ? 85  ILE A CG2 1 
ATOM   677  C CD1 . ILE A 1 85  ? -10.658 4.670   7.496   1.00 29.13 ? 85  ILE A CD1 1 
ATOM   678  N N   . ILE A 1 86  ? -5.493  3.148   5.761   1.00 17.31 ? 86  ILE A N   1 
ATOM   679  C CA  . ILE A 1 86  ? -4.566  2.099   5.356   1.00 19.20 ? 86  ILE A CA  1 
ATOM   680  C C   . ILE A 1 86  ? -3.178  2.373   5.938   1.00 18.08 ? 86  ILE A C   1 
ATOM   681  O O   . ILE A 1 86  ? -2.563  1.493   6.529   1.00 18.33 ? 86  ILE A O   1 
ATOM   682  C CB  . ILE A 1 86  ? -4.416  2.013   3.829   1.00 32.06 ? 86  ILE A CB  1 
ATOM   683  C CG1 . ILE A 1 86  ? -5.778  1.847   3.170   1.00 35.74 ? 86  ILE A CG1 1 
ATOM   684  C CG2 . ILE A 1 86  ? -3.552  0.818   3.464   1.00 35.59 ? 86  ILE A CG2 1 
ATOM   685  C CD1 . ILE A 1 86  ? -5.728  1.945   1.657   1.00 37.65 ? 86  ILE A CD1 1 
ATOM   686  N N   . MET A 1 87  ? -2.692  3.597   5.754   1.00 26.07 ? 87  MET A N   1 
ATOM   687  C CA  . MET A 1 87  ? -1.375  3.991   6.247   1.00 27.80 ? 87  MET A CA  1 
ATOM   688  C C   . MET A 1 87  ? -1.183  3.729   7.728   1.00 27.76 ? 87  MET A C   1 
ATOM   689  O O   . MET A 1 87  ? -0.166  3.172   8.147   1.00 28.73 ? 87  MET A O   1 
ATOM   690  C CB  . MET A 1 87  ? -1.130  5.470   5.972   1.00 29.12 ? 87  MET A CB  1 
ATOM   691  C CG  . MET A 1 87  ? -0.837  5.764   4.531   1.00 33.53 ? 87  MET A CG  1 
ATOM   692  S SD  . MET A 1 87  ? 0.444   4.658   3.931   1.00 39.76 ? 87  MET A SD  1 
ATOM   693  C CE  . MET A 1 87  ? 1.871   5.253   4.862   1.00 37.83 ? 87  MET A CE  1 
ATOM   694  N N   . LYS A 1 88  ? -2.161  4.153   8.515   1.00 26.71 ? 88  LYS A N   1 
ATOM   695  C CA  . LYS A 1 88  ? -2.121  3.982   9.957   1.00 26.61 ? 88  LYS A CA  1 
ATOM   696  C C   . LYS A 1 88  ? -2.145  2.499   10.323  1.00 25.09 ? 88  LYS A C   1 
ATOM   697  O O   . LYS A 1 88  ? -1.452  2.071   11.247  1.00 23.23 ? 88  LYS A O   1 
ATOM   698  C CB  . LYS A 1 88  ? -3.315  4.706   10.580  1.00 38.16 ? 88  LYS A CB  1 
ATOM   699  C CG  . LYS A 1 88  ? -3.314  4.762   12.091  1.00 43.56 ? 88  LYS A CG  1 
ATOM   700  C CD  . LYS A 1 88  ? -4.526  5.541   12.587  1.00 49.35 ? 88  LYS A CD  1 
ATOM   701  C CE  . LYS A 1 88  ? -5.834  4.846   12.227  1.00 52.29 ? 88  LYS A CE  1 
ATOM   702  N NZ  . LYS A 1 88  ? -7.025  5.686   12.540  1.00 55.80 ? 88  LYS A NZ  1 
ATOM   703  N N   . ALA A 1 89  ? -2.942  1.719   9.595   1.00 23.01 ? 89  ALA A N   1 
ATOM   704  C CA  . ALA A 1 89  ? -3.034  0.282   9.857   1.00 21.91 ? 89  ALA A CA  1 
ATOM   705  C C   . ALA A 1 89  ? -1.690  -0.378  9.555   1.00 20.33 ? 89  ALA A C   1 
ATOM   706  O O   . ALA A 1 89  ? -1.201  -1.199  10.332  1.00 17.77 ? 89  ALA A O   1 
ATOM   707  C CB  . ALA A 1 89  ? -4.135  -0.345  8.999   1.00 30.97 ? 89  ALA A CB  1 
ATOM   708  N N   . LEU A 1 90  ? -1.092  -0.013  8.423   1.00 17.53 ? 90  LEU A N   1 
ATOM   709  C CA  . LEU A 1 90  ? 0.206   -0.567  8.040   1.00 17.02 ? 90  LEU A CA  1 
ATOM   710  C C   . LEU A 1 90  ? 1.296   -0.207  9.048   1.00 17.92 ? 90  LEU A C   1 
ATOM   711  O O   . LEU A 1 90  ? 2.081   -1.062  9.460   1.00 16.51 ? 90  LEU A O   1 
ATOM   712  C CB  . LEU A 1 90  ? 0.613   -0.071  6.652   1.00 17.05 ? 90  LEU A CB  1 
ATOM   713  C CG  . LEU A 1 90  ? -0.115  -0.680  5.453   1.00 15.92 ? 90  LEU A CG  1 
ATOM   714  C CD1 . LEU A 1 90  ? 0.284   0.064   4.175   1.00 12.31 ? 90  LEU A CD1 1 
ATOM   715  C CD2 . LEU A 1 90  ? 0.224   -2.169  5.349   1.00 13.57 ? 90  LEU A CD2 1 
ATOM   716  N N   . GLU A 1 91  ? 1.349   1.059   9.445   1.00 26.96 ? 91  GLU A N   1 
ATOM   717  C CA  . GLU A 1 91  ? 2.352   1.490   10.413  1.00 28.00 ? 91  GLU A CA  1 
ATOM   718  C C   . GLU A 1 91  ? 2.176   0.726   11.719  1.00 29.04 ? 91  GLU A C   1 
ATOM   719  O O   . GLU A 1 91  ? 3.150   0.278   12.324  1.00 28.84 ? 91  GLU A O   1 
ATOM   720  C CB  . GLU A 1 91  ? 2.237   2.995   10.657  1.00 28.62 ? 91  GLU A CB  1 
ATOM   721  C CG  . GLU A 1 91  ? 2.597   3.833   9.445   1.00 28.16 ? 91  GLU A CG  1 
ATOM   722  C CD  . GLU A 1 91  ? 2.411   5.316   9.687   1.00 29.39 ? 91  GLU A CD  1 
ATOM   723  O OE1 . GLU A 1 91  ? 2.712   6.112   8.773   1.00 27.87 ? 91  GLU A OE1 1 
ATOM   724  O OE2 . GLU A 1 91  ? 1.962   5.685   10.790  1.00 30.51 ? 91  GLU A OE2 1 
ATOM   725  N N   . LYS A 1 92  ? 0.929   0.564   12.142  1.00 27.77 ? 92  LYS A N   1 
ATOM   726  C CA  . LYS A 1 92  ? 0.630   -0.154  13.375  1.00 29.43 ? 92  LYS A CA  1 
ATOM   727  C C   . LYS A 1 92  ? 1.100   -1.605  13.291  1.00 28.99 ? 92  LYS A C   1 
ATOM   728  O O   . LYS A 1 92  ? 1.793   -2.096  14.185  1.00 28.24 ? 92  LYS A O   1 
ATOM   729  C CB  . LYS A 1 92  ? -0.874  -0.107  13.653  1.00 45.34 ? 92  LYS A CB  1 
ATOM   730  C CG  . LYS A 1 92  ? -1.283  -0.759  14.959  1.00 50.83 ? 92  LYS A CG  1 
ATOM   731  C CD  . LYS A 1 92  ? -2.770  -0.562  15.234  1.00 55.95 ? 92  LYS A CD  1 
ATOM   732  C CE  . LYS A 1 92  ? -3.169  -1.154  16.581  1.00 58.59 ? 92  LYS A CE  1 
ATOM   733  N NZ  . LYS A 1 92  ? -4.586  -0.849  16.931  1.00 61.63 ? 92  LYS A NZ  1 
ATOM   734  N N   . ALA A 1 93  ? 0.732   -2.287  12.209  1.00 24.93 ? 93  ALA A N   1 
ATOM   735  C CA  . ALA A 1 93  ? 1.117   -3.680  12.021  1.00 24.81 ? 93  ALA A CA  1 
ATOM   736  C C   . ALA A 1 93  ? 2.629   -3.834  11.958  1.00 25.77 ? 93  ALA A C   1 
ATOM   737  O O   . ALA A 1 93  ? 3.193   -4.754  12.548  1.00 26.63 ? 93  ALA A O   1 
ATOM   738  C CB  . ALA A 1 93  ? 0.489   -4.230  10.751  1.00 20.11 ? 93  ALA A CB  1 
ATOM   739  N N   . ALA A 1 94  ? 3.286   -2.931  11.238  1.00 27.46 ? 94  ALA A N   1 
ATOM   740  C CA  . ALA A 1 94  ? 4.737   -2.971  11.109  1.00 27.56 ? 94  ALA A CA  1 
ATOM   741  C C   . ALA A 1 94  ? 5.391   -2.792  12.477  1.00 28.40 ? 94  ALA A C   1 
ATOM   742  O O   . ALA A 1 94  ? 6.321   -3.518  12.829  1.00 28.45 ? 94  ALA A O   1 
ATOM   743  C CB  . ALA A 1 94  ? 5.207   -1.878  10.155  1.00 25.57 ? 94  ALA A CB  1 
ATOM   744  N N   . ALA A 1 95  ? 4.901   -1.816  13.238  1.00 31.81 ? 95  ALA A N   1 
ATOM   745  C CA  . ALA A 1 95  ? 5.426   -1.534  14.568  1.00 33.58 ? 95  ALA A CA  1 
ATOM   746  C C   . ALA A 1 95  ? 5.312   -2.767  15.452  1.00 35.22 ? 95  ALA A C   1 
ATOM   747  O O   . ALA A 1 95  ? 6.291   -3.179  16.069  1.00 35.59 ? 95  ALA A O   1 
ATOM   748  C CB  . ALA A 1 95  ? 4.671   -0.368  15.194  1.00 28.76 ? 95  ALA A CB  1 
ATOM   749  N N   . ASP A 1 96  ? 4.119   -3.353  15.508  1.00 34.75 ? 96  ASP A N   1 
ATOM   750  C CA  . ASP A 1 96  ? 3.896   -4.548  16.311  1.00 37.35 ? 96  ASP A CA  1 
ATOM   751  C C   . ASP A 1 96  ? 4.822   -5.659  15.847  1.00 37.69 ? 96  ASP A C   1 
ATOM   752  O O   . ASP A 1 96  ? 5.225   -6.515  16.639  1.00 37.03 ? 96  ASP A O   1 
ATOM   753  C CB  . ASP A 1 96  ? 2.446   -5.024  16.191  1.00 61.92 ? 96  ASP A CB  1 
ATOM   754  C CG  . ASP A 1 96  ? 1.478   -4.145  16.956  1.00 66.30 ? 96  ASP A CG  1 
ATOM   755  O OD1 . ASP A 1 96  ? 1.672   -3.969  18.176  1.00 67.07 ? 96  ASP A OD1 1 
ATOM   756  O OD2 . ASP A 1 96  ? 0.519   -3.637  16.339  1.00 67.84 ? 96  ASP A OD2 1 
ATOM   757  N N   . GLY A 1 97  ? 5.154   -5.636  14.559  1.00 33.30 ? 97  GLY A N   1 
ATOM   758  C CA  . GLY A 1 97  ? 6.033   -6.649  14.004  1.00 32.61 ? 97  GLY A CA  1 
ATOM   759  C C   . GLY A 1 97  ? 7.484   -6.427  14.388  1.00 32.14 ? 97  GLY A C   1 
ATOM   760  O O   . GLY A 1 97  ? 8.352   -7.224  14.041  1.00 32.40 ? 97  GLY A O   1 
ATOM   761  N N   . GLY A 1 98  ? 7.750   -5.337  15.101  1.00 37.33 ? 98  GLY A N   1 
ATOM   762  C CA  . GLY A 1 98  ? 9.105   -5.042  15.526  1.00 37.74 ? 98  GLY A CA  1 
ATOM   763  C C   . GLY A 1 98  ? 9.881   -4.177  14.554  1.00 38.06 ? 98  GLY A C   1 
ATOM   764  O O   . GLY A 1 98  ? 11.112  -4.217  14.523  1.00 37.46 ? 98  GLY A O   1 
ATOM   765  N N   . ALA A 1 99  ? 9.167   -3.386  13.763  1.00 37.21 ? 99  ALA A N   1 
ATOM   766  C CA  . ALA A 1 99  ? 9.802   -2.514  12.787  1.00 37.37 ? 99  ALA A CA  1 
ATOM   767  C C   . ALA A 1 99  ? 10.385  -1.283  13.454  1.00 37.47 ? 99  ALA A C   1 
ATOM   768  O O   . ALA A 1 99  ? 9.907   -0.847  14.501  1.00 38.02 ? 99  ALA A O   1 
ATOM   769  C CB  . ALA A 1 99  ? 8.791   -2.097  11.726  1.00 39.85 ? 99  ALA A CB  1 
ATOM   770  N N   . SER A 1 100 ? 11.425  -0.731  12.839  1.00 41.98 ? 100 SER A N   1 
ATOM   771  C CA  . SER A 1 100 ? 12.080  0.468   13.343  1.00 40.30 ? 100 SER A CA  1 
ATOM   772  C C   . SER A 1 100 ? 12.145  1.503   12.231  1.00 38.82 ? 100 SER A C   1 
ATOM   773  O O   . SER A 1 100 ? 13.084  1.515   11.432  1.00 40.22 ? 100 SER A O   1 
ATOM   774  C CB  . SER A 1 100 ? 13.496  0.153   13.816  1.00 50.73 ? 100 SER A CB  1 
ATOM   775  O OG  . SER A 1 100 ? 14.175  1.350   14.155  1.00 51.81 ? 100 SER A OG  1 
ATOM   776  N N   . GLY A 1 101 ? 11.148  2.378   12.187  1.00 37.21 ? 101 GLY A N   1 
ATOM   777  C CA  . GLY A 1 101 ? 11.114  3.388   11.148  1.00 33.64 ? 101 GLY A CA  1 
ATOM   778  C C   . GLY A 1 101 ? 10.365  2.830   9.957   1.00 32.21 ? 101 GLY A C   1 
ATOM   779  O O   . GLY A 1 101 ? 10.157  1.618   9.856   1.00 32.15 ? 101 GLY A O   1 
ATOM   780  N N   . PHE A 1 102 ? 9.958   3.697   9.044   1.00 20.52 ? 102 PHE A N   1 
ATOM   781  C CA  . PHE A 1 102 ? 9.222   3.228   7.887   1.00 20.12 ? 102 PHE A CA  1 
ATOM   782  C C   . PHE A 1 102 ? 9.792   3.741   6.572   1.00 19.41 ? 102 PHE A C   1 
ATOM   783  O O   . PHE A 1 102 ? 10.202  4.896   6.471   1.00 20.52 ? 102 PHE A O   1 
ATOM   784  C CB  . PHE A 1 102 ? 7.751   3.647   7.999   1.00 23.64 ? 102 PHE A CB  1 
ATOM   785  C CG  . PHE A 1 102 ? 7.092   3.239   9.293   1.00 23.66 ? 102 PHE A CG  1 
ATOM   786  C CD1 . PHE A 1 102 ? 6.811   4.185   10.273  1.00 23.00 ? 102 PHE A CD1 1 
ATOM   787  C CD2 . PHE A 1 102 ? 6.749   1.912   9.530   1.00 23.05 ? 102 PHE A CD2 1 
ATOM   788  C CE1 . PHE A 1 102 ? 6.197   3.816   11.466  1.00 21.83 ? 102 PHE A CE1 1 
ATOM   789  C CE2 . PHE A 1 102 ? 6.132   1.532   10.727  1.00 21.94 ? 102 PHE A CE2 1 
ATOM   790  C CZ  . PHE A 1 102 ? 5.855   2.485   11.694  1.00 22.42 ? 102 PHE A CZ  1 
ATOM   791  N N   . ILE A 1 103 ? 9.835   2.865   5.576   1.00 18.12 ? 103 ILE A N   1 
ATOM   792  C CA  . ILE A 1 103 ? 10.296  3.236   4.246   1.00 18.67 ? 103 ILE A CA  1 
ATOM   793  C C   . ILE A 1 103 ? 9.108   2.953   3.332   1.00 16.37 ? 103 ILE A C   1 
ATOM   794  O O   . ILE A 1 103 ? 8.535   1.865   3.371   1.00 18.22 ? 103 ILE A O   1 
ATOM   795  C CB  . ILE A 1 103 ? 11.536  2.421   3.821   1.00 27.22 ? 103 ILE A CB  1 
ATOM   796  C CG1 . ILE A 1 103 ? 12.730  2.848   4.684   1.00 30.86 ? 103 ILE A CG1 1 
ATOM   797  C CG2 . ILE A 1 103 ? 11.845  2.656   2.345   1.00 27.11 ? 103 ILE A CG2 1 
ATOM   798  C CD1 . ILE A 1 103 ? 14.046  2.224   4.288   1.00 31.88 ? 103 ILE A CD1 1 
ATOM   799  N N   . LEU A 1 104 ? 8.737   3.936   2.522   1.00 17.40 ? 104 LEU A N   1 
ATOM   800  C CA  . LEU A 1 104 ? 7.567   3.813   1.652   1.00 18.78 ? 104 LEU A CA  1 
ATOM   801  C C   . LEU A 1 104 ? 7.780   4.088   0.170   1.00 17.80 ? 104 LEU A C   1 
ATOM   802  O O   . LEU A 1 104 ? 8.458   5.045   -0.214  1.00 16.42 ? 104 LEU A O   1 
ATOM   803  C CB  . LEU A 1 104 ? 6.465   4.756   2.163   1.00 26.37 ? 104 LEU A CB  1 
ATOM   804  C CG  . LEU A 1 104 ? 5.282   5.103   1.243   1.00 27.61 ? 104 LEU A CG  1 
ATOM   805  C CD1 . LEU A 1 104 ? 4.194   4.059   1.383   1.00 25.15 ? 104 LEU A CD1 1 
ATOM   806  C CD2 . LEU A 1 104 ? 4.729   6.474   1.613   1.00 28.41 ? 104 LEU A CD2 1 
ATOM   807  N N   . ASN A 1 105 ? 7.181   3.234   -0.654  1.00 14.25 ? 105 ASN A N   1 
ATOM   808  C CA  . ASN A 1 105 ? 7.226   3.384   -2.099  1.00 14.21 ? 105 ASN A CA  1 
ATOM   809  C C   . ASN A 1 105 ? 5.907   4.080   -2.421  1.00 15.12 ? 105 ASN A C   1 
ATOM   810  O O   . ASN A 1 105 ? 4.830   3.499   -2.283  1.00 15.50 ? 105 ASN A O   1 
ATOM   811  C CB  . ASN A 1 105 ? 7.306   2.017   -2.779  1.00 15.53 ? 105 ASN A CB  1 
ATOM   812  C CG  . ASN A 1 105 ? 8.729   1.464   -2.824  1.00 17.39 ? 105 ASN A CG  1 
ATOM   813  O OD1 . ASN A 1 105 ? 9.650   2.049   -2.264  1.00 17.91 ? 105 ASN A OD1 1 
ATOM   814  N ND2 . ASN A 1 105 ? 8.905   0.336   -3.497  1.00 16.93 ? 105 ASN A ND2 1 
ATOM   815  N N   . ALA A 1 106 ? 6.001   5.337   -2.831  1.00 14.56 ? 106 ALA A N   1 
ATOM   816  C CA  . ALA A 1 106 ? 4.820   6.143   -3.119  1.00 16.30 ? 106 ALA A CA  1 
ATOM   817  C C   . ALA A 1 106 ? 4.667   6.471   -4.592  1.00 16.85 ? 106 ALA A C   1 
ATOM   818  O O   . ALA A 1 106 ? 5.649   6.745   -5.275  1.00 16.98 ? 106 ALA A O   1 
ATOM   819  C CB  . ALA A 1 106 ? 4.890   7.455   -2.312  1.00 10.50 ? 106 ALA A CB  1 
ATOM   820  N N   . GLN A 1 107 ? 3.430   6.434   -5.078  1.00 14.87 ? 107 GLN A N   1 
ATOM   821  C CA  . GLN A 1 107 ? 3.154   6.805   -6.460  1.00 17.60 ? 107 GLN A CA  1 
ATOM   822  C C   . GLN A 1 107 ? 3.543   8.280   -6.480  1.00 18.42 ? 107 GLN A C   1 
ATOM   823  O O   . GLN A 1 107 ? 3.222   9.012   -5.548  1.00 16.47 ? 107 GLN A O   1 
ATOM   824  C CB  . GLN A 1 107 ? 1.662   6.634   -6.757  1.00 33.46 ? 107 GLN A CB  1 
ATOM   825  C CG  . GLN A 1 107 ? 1.199   5.181   -6.692  1.00 36.93 ? 107 GLN A CG  1 
ATOM   826  C CD  . GLN A 1 107 ? -0.298  5.039   -6.450  1.00 41.72 ? 107 GLN A CD  1 
ATOM   827  O OE1 . GLN A 1 107 ? -0.782  5.213   -5.324  1.00 42.96 ? 107 GLN A OE1 1 
ATOM   828  N NE2 . GLN A 1 107 ? -1.042  4.727   -7.509  1.00 40.56 ? 107 GLN A NE2 1 
ATOM   829  N N   . THR A 1 108 ? 4.236   8.717   -7.522  1.00 21.69 ? 108 THR A N   1 
ATOM   830  C CA  . THR A 1 108 ? 4.692   10.102  -7.595  1.00 23.55 ? 108 THR A CA  1 
ATOM   831  C C   . THR A 1 108 ? 3.629   11.154  -7.272  1.00 24.77 ? 108 THR A C   1 
ATOM   832  O O   . THR A 1 108 ? 3.895   12.106  -6.539  1.00 26.28 ? 108 THR A O   1 
ATOM   833  C CB  . THR A 1 108 ? 5.303   10.393  -8.979  1.00 31.68 ? 108 THR A CB  1 
ATOM   834  O OG1 . THR A 1 108 ? 6.381   9.479   -9.217  1.00 32.07 ? 108 THR A OG1 1 
ATOM   835  C CG2 . THR A 1 108 ? 5.843   11.813  -9.040  1.00 33.13 ? 108 THR A CG2 1 
ATOM   836  N N   . GLN A 1 109 ? 2.423   10.965  -7.790  1.00 30.83 ? 109 GLN A N   1 
ATOM   837  C CA  . GLN A 1 109 ? 1.327   11.911  -7.577  1.00 32.61 ? 109 GLN A CA  1 
ATOM   838  C C   . GLN A 1 109 ? 0.770   11.921  -6.149  1.00 32.94 ? 109 GLN A C   1 
ATOM   839  O O   . GLN A 1 109 ? 0.034   12.835  -5.768  1.00 34.30 ? 109 GLN A O   1 
ATOM   840  C CB  . GLN A 1 109 ? 0.190   11.604  -8.559  1.00 43.42 ? 109 GLN A CB  1 
ATOM   841  C CG  . GLN A 1 109 ? 0.652   10.881  -9.827  1.00 47.21 ? 109 GLN A CG  1 
ATOM   842  C CD  . GLN A 1 109 ? 1.050   9.434   -9.560  1.00 47.30 ? 109 GLN A CD  1 
ATOM   843  O OE1 . GLN A 1 109 ? 1.728   8.799   -10.370 1.00 49.50 ? 109 GLN A OE1 1 
ATOM   844  N NE2 . GLN A 1 109 ? 0.618   8.907   -8.420  1.00 49.54 ? 109 GLN A NE2 1 
ATOM   845  N N   . ALA A 1 110 ? 1.123   10.916  -5.358  1.00 24.71 ? 110 ALA A N   1 
ATOM   846  C CA  . ALA A 1 110 ? 0.630   10.823  -3.988  1.00 24.56 ? 110 ALA A CA  1 
ATOM   847  C C   . ALA A 1 110 ? 1.605   11.374  -2.972  1.00 22.39 ? 110 ALA A C   1 
ATOM   848  O O   . ALA A 1 110 ? 1.330   11.352  -1.773  1.00 23.64 ? 110 ALA A O   1 
ATOM   849  C CB  . ALA A 1 110 ? 0.311   9.372   -3.645  1.00 22.20 ? 110 ALA A CB  1 
ATOM   850  N N   . VAL A 1 111 ? 2.743   11.866  -3.442  1.00 23.44 ? 111 VAL A N   1 
ATOM   851  C CA  . VAL A 1 111 ? 3.759   12.397  -2.543  1.00 22.63 ? 111 VAL A CA  1 
ATOM   852  C C   . VAL A 1 111 ? 3.234   13.475  -1.595  1.00 24.13 ? 111 VAL A C   1 
ATOM   853  O O   . VAL A 1 111 ? 3.531   13.445  -0.402  1.00 24.37 ? 111 VAL A O   1 
ATOM   854  C CB  . VAL A 1 111 ? 4.968   12.935  -3.341  1.00 26.88 ? 111 VAL A CB  1 
ATOM   855  C CG1 . VAL A 1 111 ? 5.931   13.657  -2.418  1.00 26.84 ? 111 VAL A CG1 1 
ATOM   856  C CG2 . VAL A 1 111 ? 5.684   11.771  -4.023  1.00 26.14 ? 111 VAL A CG2 1 
ATOM   857  N N   . PRO A 1 112 ? 2.443   14.439  -2.106  1.00 26.41 ? 112 PRO A N   1 
ATOM   858  C CA  . PRO A 1 112 ? 1.907   15.499  -1.241  1.00 26.55 ? 112 PRO A CA  1 
ATOM   859  C C   . PRO A 1 112 ? 1.175   14.925  -0.031  1.00 26.95 ? 112 PRO A C   1 
ATOM   860  O O   . PRO A 1 112 ? 1.376   15.363  1.104   1.00 27.67 ? 112 PRO A O   1 
ATOM   861  C CB  . PRO A 1 112 ? 0.968   16.259  -2.174  1.00 30.92 ? 112 PRO A CB  1 
ATOM   862  C CG  . PRO A 1 112 ? 1.648   16.127  -3.495  1.00 31.77 ? 112 PRO A CG  1 
ATOM   863  C CD  . PRO A 1 112 ? 2.056   14.666  -3.509  1.00 29.81 ? 112 PRO A CD  1 
ATOM   864  N N   . PHE A 1 113 ? 0.315   13.946  -0.291  1.00 23.42 ? 113 PHE A N   1 
ATOM   865  C CA  . PHE A 1 113 ? -0.446  13.294  0.761   1.00 23.41 ? 113 PHE A CA  1 
ATOM   866  C C   . PHE A 1 113 ? 0.480   12.734  1.838   1.00 24.09 ? 113 PHE A C   1 
ATOM   867  O O   . PHE A 1 113 ? 0.309   13.019  3.021   1.00 24.03 ? 113 PHE A O   1 
ATOM   868  C CB  . PHE A 1 113 ? -1.288  12.158  0.169   1.00 27.30 ? 113 PHE A CB  1 
ATOM   869  C CG  . PHE A 1 113 ? -2.029  11.348  1.198   1.00 26.16 ? 113 PHE A CG  1 
ATOM   870  C CD1 . PHE A 1 113 ? -3.176  11.847  1.807   1.00 26.35 ? 113 PHE A CD1 1 
ATOM   871  C CD2 . PHE A 1 113 ? -1.567  10.085  1.572   1.00 26.28 ? 113 PHE A CD2 1 
ATOM   872  C CE1 . PHE A 1 113 ? -3.853  11.102  2.775   1.00 27.46 ? 113 PHE A CE1 1 
ATOM   873  C CE2 . PHE A 1 113 ? -2.235  9.334   2.539   1.00 26.04 ? 113 PHE A CE2 1 
ATOM   874  C CZ  . PHE A 1 113 ? -3.382  9.847   3.141   1.00 27.73 ? 113 PHE A CZ  1 
ATOM   875  N N   . TYR A 1 114 ? 1.472   11.947  1.436   1.00 20.64 ? 114 TYR A N   1 
ATOM   876  C CA  . TYR A 1 114 ? 2.374   11.353  2.412   1.00 20.87 ? 114 TYR A CA  1 
ATOM   877  C C   . TYR A 1 114 ? 3.152   12.387  3.218   1.00 23.44 ? 114 TYR A C   1 
ATOM   878  O O   . TYR A 1 114 ? 3.477   12.150  4.381   1.00 23.46 ? 114 TYR A O   1 
ATOM   879  C CB  . TYR A 1 114 ? 3.308   10.363  1.719   1.00 23.59 ? 114 TYR A CB  1 
ATOM   880  C CG  . TYR A 1 114 ? 2.543   9.190   1.139   1.00 23.63 ? 114 TYR A CG  1 
ATOM   881  C CD1 . TYR A 1 114 ? 2.608   8.895   -0.218  1.00 21.00 ? 114 TYR A CD1 1 
ATOM   882  C CD2 . TYR A 1 114 ? 1.722   8.397   1.951   1.00 20.42 ? 114 TYR A CD2 1 
ATOM   883  C CE1 . TYR A 1 114 ? 1.875   7.843   -0.760  1.00 21.60 ? 114 TYR A CE1 1 
ATOM   884  C CE2 . TYR A 1 114 ? 0.986   7.342   1.422   1.00 20.65 ? 114 TYR A CE2 1 
ATOM   885  C CZ  . TYR A 1 114 ? 1.066   7.071   0.066   1.00 22.02 ? 114 TYR A CZ  1 
ATOM   886  O OH  . TYR A 1 114 ? 0.350   6.028   -0.471  1.00 21.17 ? 114 TYR A OH  1 
ATOM   887  N N   . LYS A 1 115 ? 3.444   13.534  2.614   1.00 27.10 ? 115 LYS A N   1 
ATOM   888  C CA  . LYS A 1 115 ? 4.151   14.580  3.343   1.00 30.75 ? 115 LYS A CA  1 
ATOM   889  C C   . LYS A 1 115 ? 3.245   15.060  4.477   1.00 30.89 ? 115 LYS A C   1 
ATOM   890  O O   . LYS A 1 115 ? 3.720   15.436  5.544   1.00 31.95 ? 115 LYS A O   1 
ATOM   891  C CB  . LYS A 1 115 ? 4.512   15.742  2.417   1.00 31.52 ? 115 LYS A CB  1 
ATOM   892  C CG  . LYS A 1 115 ? 5.677   15.430  1.493   1.00 36.05 ? 115 LYS A CG  1 
ATOM   893  C CD  . LYS A 1 115 ? 6.112   16.645  0.703   1.00 37.81 ? 115 LYS A CD  1 
ATOM   894  C CE  . LYS A 1 115 ? 7.306   16.314  -0.168  1.00 38.08 ? 115 LYS A CE  1 
ATOM   895  N NZ  . LYS A 1 115 ? 7.745   17.482  -0.965  1.00 35.25 ? 115 LYS A NZ  1 
ATOM   896  N N   . LYS A 1 116 ? 1.936   15.023  4.236   1.00 39.25 ? 116 LYS A N   1 
ATOM   897  C CA  . LYS A 1 116 ? 0.944   15.423  5.230   1.00 40.60 ? 116 LYS A CA  1 
ATOM   898  C C   . LYS A 1 116 ? 0.959   14.448  6.407   1.00 39.52 ? 116 LYS A C   1 
ATOM   899  O O   . LYS A 1 116 ? 0.512   14.779  7.504   1.00 38.46 ? 116 LYS A O   1 
ATOM   900  C CB  . LYS A 1 116 ? -0.456  15.452  4.602   1.00 60.00 ? 116 LYS A CB  1 
ATOM   901  C CG  . LYS A 1 116 ? -1.608  15.429  5.603   1.00 62.53 ? 116 LYS A CG  1 
ATOM   902  C CD  . LYS A 1 116 ? -1.626  16.663  6.500   1.00 64.27 ? 116 LYS A CD  1 
ATOM   903  C CE  . LYS A 1 116 ? -2.617  16.504  7.661   1.00 64.49 ? 116 LYS A CE  1 
ATOM   904  N NZ  . LYS A 1 116 ? -4.020  16.283  7.205   1.00 65.15 ? 116 LYS A NZ  1 
ATOM   905  N N   . HIS A 1 117 ? 1.480   13.244  6.179   1.00 28.50 ? 117 HIS A N   1 
ATOM   906  C CA  . HIS A 1 117 ? 1.543   12.249  7.240   1.00 26.69 ? 117 HIS A CA  1 
ATOM   907  C C   . HIS A 1 117 ? 2.944   12.004  7.802   1.00 25.56 ? 117 HIS A C   1 
ATOM   908  O O   . HIS A 1 117 ? 3.219   10.943  8.355   1.00 24.99 ? 117 HIS A O   1 
ATOM   909  C CB  . HIS A 1 117 ? 0.912   10.939  6.764   1.00 35.34 ? 117 HIS A CB  1 
ATOM   910  C CG  . HIS A 1 117 ? -0.571  11.031  6.581   1.00 36.24 ? 117 HIS A CG  1 
ATOM   911  N ND1 . HIS A 1 117 ? -1.155  11.850  5.636   1.00 35.81 ? 117 HIS A ND1 1 
ATOM   912  C CD2 . HIS A 1 117 ? -1.592  10.459  7.264   1.00 35.68 ? 117 HIS A CD2 1 
ATOM   913  C CE1 . HIS A 1 117 ? -2.469  11.779  5.747   1.00 35.78 ? 117 HIS A CE1 1 
ATOM   914  N NE2 . HIS A 1 117 ? -2.760  10.942  6.727   1.00 36.27 ? 117 HIS A NE2 1 
ATOM   915  N N   . GLY A 1 118 ? 3.824   12.993  7.655   1.00 27.58 ? 118 GLY A N   1 
ATOM   916  C CA  . GLY A 1 118 ? 5.172   12.885  8.196   1.00 26.56 ? 118 GLY A CA  1 
ATOM   917  C C   . GLY A 1 118 ? 6.245   12.215  7.356   1.00 26.38 ? 118 GLY A C   1 
ATOM   918  O O   . GLY A 1 118 ? 7.317   11.896  7.866   1.00 27.20 ? 118 GLY A O   1 
ATOM   919  N N   . TYR A 1 119 ? 5.974   12.002  6.075   1.00 24.24 ? 119 TYR A N   1 
ATOM   920  C CA  . TYR A 1 119 ? 6.950   11.361  5.198   1.00 24.94 ? 119 TYR A CA  1 
ATOM   921  C C   . TYR A 1 119 ? 7.789   12.373  4.432   1.00 23.92 ? 119 TYR A C   1 
ATOM   922  O O   . TYR A 1 119 ? 7.299   13.420  4.022   1.00 23.51 ? 119 TYR A O   1 
ATOM   923  C CB  . TYR A 1 119 ? 6.231   10.436  4.201   1.00 24.03 ? 119 TYR A CB  1 
ATOM   924  C CG  . TYR A 1 119 ? 5.823   9.109   4.793   1.00 22.64 ? 119 TYR A CG  1 
ATOM   925  C CD1 . TYR A 1 119 ? 6.698   8.024   4.783   1.00 22.25 ? 119 TYR A CD1 1 
ATOM   926  C CD2 . TYR A 1 119 ? 4.591   8.957   5.424   1.00 21.72 ? 119 TYR A CD2 1 
ATOM   927  C CE1 . TYR A 1 119 ? 6.357   6.821   5.392   1.00 21.54 ? 119 TYR A CE1 1 
ATOM   928  C CE2 . TYR A 1 119 ? 4.242   7.765   6.040   1.00 22.94 ? 119 TYR A CE2 1 
ATOM   929  C CZ  . TYR A 1 119 ? 5.129   6.699   6.022   1.00 22.54 ? 119 TYR A CZ  1 
ATOM   930  O OH  . TYR A 1 119 ? 4.785   5.517   6.644   1.00 23.87 ? 119 TYR A OH  1 
ATOM   931  N N   . ARG A 1 120 ? 9.062   12.054  4.242   1.00 29.84 ? 120 ARG A N   1 
ATOM   932  C CA  . ARG A 1 120 ? 9.956   12.921  3.490   1.00 30.70 ? 120 ARG A CA  1 
ATOM   933  C C   . ARG A 1 120 ? 10.573  12.131  2.346   1.00 30.07 ? 120 ARG A C   1 
ATOM   934  O O   . ARG A 1 120 ? 10.875  10.946  2.493   1.00 29.64 ? 120 ARG A O   1 
ATOM   935  C CB  . ARG A 1 120 ? 11.070  13.475  4.382   1.00 42.47 ? 120 ARG A CB  1 
ATOM   936  C CG  . ARG A 1 120 ? 10.632  14.612  5.292   1.00 48.16 ? 120 ARG A CG  1 
ATOM   937  C CD  . ARG A 1 120 ? 11.838  15.399  5.803   1.00 51.57 ? 120 ARG A CD  1 
ATOM   938  N NE  . ARG A 1 120 ? 11.437  16.602  6.526   1.00 57.17 ? 120 ARG A NE  1 
ATOM   939  C CZ  . ARG A 1 120 ? 10.816  16.597  7.702   1.00 60.53 ? 120 ARG A CZ  1 
ATOM   940  N NH1 . ARG A 1 120 ? 10.524  15.449  8.300   1.00 62.51 ? 120 ARG A NH1 1 
ATOM   941  N NH2 . ARG A 1 120 ? 10.475  17.742  8.277   1.00 62.51 ? 120 ARG A NH2 1 
ATOM   942  N N   . VAL A 1 121 ? 10.747  12.786  1.204   1.00 26.47 ? 121 VAL A N   1 
ATOM   943  C CA  . VAL A 1 121 ? 11.349  12.134  0.050   1.00 26.14 ? 121 VAL A CA  1 
ATOM   944  C C   . VAL A 1 121 ? 12.762  11.711  0.449   1.00 26.70 ? 121 VAL A C   1 
ATOM   945  O O   . VAL A 1 121 ? 13.512  12.493  1.043   1.00 23.60 ? 121 VAL A O   1 
ATOM   946  C CB  . VAL A 1 121 ? 11.407  13.087  -1.167  1.00 18.40 ? 121 VAL A CB  1 
ATOM   947  C CG1 . VAL A 1 121 ? 12.139  12.425  -2.316  1.00 18.06 ? 121 VAL A CG1 1 
ATOM   948  C CG2 . VAL A 1 121 ? 9.996   13.466  -1.598  1.00 18.06 ? 121 VAL A CG2 1 
ATOM   949  N N   . LEU A 1 122 ? 13.109  10.464  0.141   1.00 33.08 ? 122 LEU A N   1 
ATOM   950  C CA  . LEU A 1 122 ? 14.419  9.920   0.481   1.00 33.22 ? 122 LEU A CA  1 
ATOM   951  C C   . LEU A 1 122 ? 15.379  10.127  -0.678  1.00 33.95 ? 122 LEU A C   1 
ATOM   952  O O   . LEU A 1 122 ? 16.577  10.328  -0.483  1.00 35.85 ? 122 LEU A O   1 
ATOM   953  C CB  . LEU A 1 122 ? 14.294  8.428   0.800   1.00 35.27 ? 122 LEU A CB  1 
ATOM   954  C CG  . LEU A 1 122 ? 15.510  7.733   1.407   1.00 37.77 ? 122 LEU A CG  1 
ATOM   955  C CD1 . LEU A 1 122 ? 15.863  8.416   2.721   1.00 37.90 ? 122 LEU A CD1 1 
ATOM   956  C CD2 . LEU A 1 122 ? 15.208  6.258   1.639   1.00 36.79 ? 122 LEU A CD2 1 
ATOM   957  N N   . SER A 1 123 ? 14.843  10.079  -1.889  1.00 31.18 ? 123 SER A N   1 
ATOM   958  C CA  . SER A 1 123 ? 15.648  10.269  -3.086  1.00 30.33 ? 123 SER A CA  1 
ATOM   959  C C   . SER A 1 123 ? 14.785  10.867  -4.178  1.00 30.23 ? 123 SER A C   1 
ATOM   960  O O   . SER A 1 123 ? 13.605  10.536  -4.296  1.00 29.10 ? 123 SER A O   1 
ATOM   961  C CB  . SER A 1 123 ? 16.222  8.934   -3.562  1.00 22.18 ? 123 SER A CB  1 
ATOM   962  O OG  . SER A 1 123 ? 16.872  9.085   -4.808  1.00 20.06 ? 123 SER A OG  1 
ATOM   963  N N   . GLU A 1 124 ? 15.382  11.744  -4.977  1.00 20.47 ? 124 GLU A N   1 
ATOM   964  C CA  . GLU A 1 124 ? 14.682  12.408  -6.066  1.00 21.42 ? 124 GLU A CA  1 
ATOM   965  C C   . GLU A 1 124 ? 14.570  11.511  -7.304  1.00 17.24 ? 124 GLU A C   1 
ATOM   966  O O   . GLU A 1 124 ? 13.878  11.848  -8.261  1.00 16.10 ? 124 GLU A O   1 
ATOM   967  C CB  . GLU A 1 124 ? 15.419  13.694  -6.433  1.00 58.89 ? 124 GLU A CB  1 
ATOM   968  C CG  . GLU A 1 124 ? 15.724  14.586  -5.240  1.00 68.52 ? 124 GLU A CG  1 
ATOM   969  C CD  . GLU A 1 124 ? 16.691  15.710  -5.580  1.00 73.13 ? 124 GLU A CD  1 
ATOM   970  O OE1 . GLU A 1 124 ? 17.067  16.467  -4.660  1.00 75.89 ? 124 GLU A OE1 1 
ATOM   971  O OE2 . GLU A 1 124 ? 17.076  15.836  -6.766  1.00 75.66 ? 124 GLU A OE2 1 
ATOM   972  N N   . LYS A 1 125 ? 15.247  10.370  -7.282  1.00 22.29 ? 125 LYS A N   1 
ATOM   973  C CA  . LYS A 1 125 ? 15.214  9.448   -8.414  1.00 20.76 ? 125 LYS A CA  1 
ATOM   974  C C   . LYS A 1 125 ? 13.921  8.628   -8.463  1.00 21.39 ? 125 LYS A C   1 
ATOM   975  O O   . LYS A 1 125 ? 13.607  7.888   -7.524  1.00 19.98 ? 125 LYS A O   1 
ATOM   976  C CB  . LYS A 1 125 ? 16.411  8.494   -8.349  1.00 19.66 ? 125 LYS A CB  1 
ATOM   977  C CG  . LYS A 1 125 ? 16.516  7.562   -9.547  1.00 16.87 ? 125 LYS A CG  1 
ATOM   978  C CD  . LYS A 1 125 ? 16.975  8.332   -10.778 1.00 16.23 ? 125 LYS A CD  1 
ATOM   979  C CE  . LYS A 1 125 ? 16.669  7.574   -12.053 1.00 12.98 ? 125 LYS A CE  1 
ATOM   980  N NZ  . LYS A 1 125 ? 15.239  7.702   -12.452 1.00 15.44 ? 125 LYS A NZ  1 
ATOM   981  N N   . GLU A 1 126 ? 13.178  8.766   -9.558  1.00 21.78 ? 126 GLU A N   1 
ATOM   982  C CA  . GLU A 1 126 ? 11.930  8.026   -9.743  1.00 22.89 ? 126 GLU A CA  1 
ATOM   983  C C   . GLU A 1 126 ? 12.248  6.630   -10.275 1.00 21.33 ? 126 GLU A C   1 
ATOM   984  O O   . GLU A 1 126 ? 13.238  6.439   -10.988 1.00 20.48 ? 126 GLU A O   1 
ATOM   985  C CB  . GLU A 1 126 ? 11.017  8.762   -10.733 1.00 27.38 ? 126 GLU A CB  1 
ATOM   986  C CG  . GLU A 1 126 ? 10.343  9.995   -10.147 1.00 32.10 ? 126 GLU A CG  1 
ATOM   987  C CD  . GLU A 1 126 ? 9.486   10.756  -11.152 1.00 34.94 ? 126 GLU A CD  1 
ATOM   988  O OE1 . GLU A 1 126 ? 8.870   10.117  -12.030 1.00 34.19 ? 126 GLU A OE1 1 
ATOM   989  O OE2 . GLU A 1 126 ? 9.415   12.002  -11.047 1.00 36.62 ? 126 GLU A OE2 1 
ATOM   990  N N   . PHE A 1 127 ? 11.409  5.659   -9.923  1.00 17.05 ? 127 PHE A N   1 
ATOM   991  C CA  . PHE A 1 127 ? 11.594  4.282   -10.367 1.00 18.18 ? 127 PHE A CA  1 
ATOM   992  C C   . PHE A 1 127 ? 10.236  3.616   -10.585 1.00 19.22 ? 127 PHE A C   1 
ATOM   993  O O   . PHE A 1 127 ? 9.225   4.072   -10.050 1.00 18.26 ? 127 PHE A O   1 
ATOM   994  C CB  . PHE A 1 127 ? 12.400  3.503   -9.319  1.00 13.64 ? 127 PHE A CB  1 
ATOM   995  C CG  . PHE A 1 127 ? 11.746  3.452   -7.954  1.00 16.76 ? 127 PHE A CG  1 
ATOM   996  C CD1 . PHE A 1 127 ? 10.905  2.401   -7.606  1.00 15.86 ? 127 PHE A CD1 1 
ATOM   997  C CD2 . PHE A 1 127 ? 11.960  4.476   -7.024  1.00 18.37 ? 127 PHE A CD2 1 
ATOM   998  C CE1 . PHE A 1 127 ? 10.282  2.360   -6.354  1.00 18.27 ? 127 PHE A CE1 1 
ATOM   999  C CE2 . PHE A 1 127 ? 11.342  4.450   -5.769  1.00 18.50 ? 127 PHE A CE2 1 
ATOM   1000 C CZ  . PHE A 1 127 ? 10.503  3.393   -5.431  1.00 18.42 ? 127 PHE A CZ  1 
ATOM   1001 N N   . LEU A 1 128 ? 10.212  2.544   -11.371 1.00 19.34 ? 128 LEU A N   1 
ATOM   1002 C CA  . LEU A 1 128 ? 8.972   1.818   -11.630 1.00 21.94 ? 128 LEU A CA  1 
ATOM   1003 C C   . LEU A 1 128 ? 8.845   0.700   -10.602 1.00 24.04 ? 128 LEU A C   1 
ATOM   1004 O O   . LEU A 1 128 ? 9.794   -0.050  -10.381 1.00 25.81 ? 128 LEU A O   1 
ATOM   1005 C CB  . LEU A 1 128 ? 8.976   1.204   -13.037 1.00 20.80 ? 128 LEU A CB  1 
ATOM   1006 C CG  . LEU A 1 128 ? 9.113   2.119   -14.253 1.00 21.39 ? 128 LEU A CG  1 
ATOM   1007 C CD1 . LEU A 1 128 ? 8.894   1.290   -15.525 1.00 20.92 ? 128 LEU A CD1 1 
ATOM   1008 C CD2 . LEU A 1 128 ? 8.095   3.243   -14.176 1.00 18.09 ? 128 LEU A CD2 1 
ATOM   1009 N N   . ASP A 1 129 ? 7.686   0.593   -9.960  1.00 36.92 ? 129 ASP A N   1 
ATOM   1010 C CA  . ASP A 1 129 ? 7.495   -0.463  -8.978  1.00 39.44 ? 129 ASP A CA  1 
ATOM   1011 C C   . ASP A 1 129 ? 6.810   -1.624  -9.683  1.00 42.59 ? 129 ASP A C   1 
ATOM   1012 O O   . ASP A 1 129 ? 7.373   -2.714  -9.798  1.00 46.19 ? 129 ASP A O   1 
ATOM   1013 C CB  . ASP A 1 129 ? 6.642   0.018   -7.803  1.00 41.52 ? 129 ASP A CB  1 
ATOM   1014 C CG  . ASP A 1 129 ? 6.690   -0.943  -6.627  1.00 43.54 ? 129 ASP A CG  1 
ATOM   1015 O OD1 . ASP A 1 129 ? 6.669   -2.169  -6.869  1.00 44.36 ? 129 ASP A OD1 1 
ATOM   1016 O OD2 . ASP A 1 129 ? 6.743   -0.486  -5.466  1.00 45.62 ? 129 ASP A OD2 1 
ATOM   1017 N N   . ALA A 1 130 ? 5.591   -1.388  -10.152 1.00 34.79 ? 130 ALA A N   1 
ATOM   1018 C CA  . ALA A 1 130 ? 4.850   -2.406  -10.883 1.00 33.68 ? 130 ALA A CA  1 
ATOM   1019 C C   . ALA A 1 130 ? 4.556   -1.761  -12.225 1.00 32.36 ? 130 ALA A C   1 
ATOM   1020 O O   . ALA A 1 130 ? 3.405   -1.652  -12.644 1.00 33.39 ? 130 ALA A O   1 
ATOM   1021 C CB  . ALA A 1 130 ? 3.552   -2.747  -10.162 1.00 36.44 ? 130 ALA A CB  1 
ATOM   1022 N N   . GLY A 1 131 ? 5.618   -1.308  -12.880 1.00 24.69 ? 131 GLY A N   1 
ATOM   1023 C CA  . GLY A 1 131 ? 5.473   -0.651  -14.163 1.00 23.01 ? 131 GLY A CA  1 
ATOM   1024 C C   . GLY A 1 131 ? 4.991   0.779   -14.011 1.00 21.81 ? 131 GLY A C   1 
ATOM   1025 O O   . GLY A 1 131 ? 4.817   1.486   -15.001 1.00 22.05 ? 131 GLY A O   1 
ATOM   1026 N N   . ILE A 1 132 ? 4.801   1.216   -12.771 1.00 23.87 ? 132 ILE A N   1 
ATOM   1027 C CA  . ILE A 1 132 ? 4.309   2.562   -12.493 1.00 22.14 ? 132 ILE A CA  1 
ATOM   1028 C C   . ILE A 1 132 ? 5.321   3.420   -11.723 1.00 20.49 ? 132 ILE A C   1 
ATOM   1029 O O   . ILE A 1 132 ? 6.005   2.931   -10.824 1.00 17.83 ? 132 ILE A O   1 
ATOM   1030 C CB  . ILE A 1 132 ? 2.969   2.476   -11.708 1.00 22.47 ? 132 ILE A CB  1 
ATOM   1031 C CG1 . ILE A 1 132 ? 1.905   1.830   -12.602 1.00 22.39 ? 132 ILE A CG1 1 
ATOM   1032 C CG2 . ILE A 1 132 ? 2.514   3.855   -11.249 1.00 23.62 ? 132 ILE A CG2 1 
ATOM   1033 C CD1 . ILE A 1 132 ? 1.706   2.547   -13.920 1.00 21.88 ? 132 ILE A CD1 1 
ATOM   1034 N N   . PRO A 1 133 ? 5.417   4.718   -12.072 1.00 20.24 ? 133 PRO A N   1 
ATOM   1035 C CA  . PRO A 1 133 ? 6.329   5.690   -11.452 1.00 20.62 ? 133 PRO A CA  1 
ATOM   1036 C C   . PRO A 1 133 ? 6.108   5.921   -9.962  1.00 18.35 ? 133 PRO A C   1 
ATOM   1037 O O   . PRO A 1 133 ? 5.013   6.301   -9.540  1.00 17.96 ? 133 PRO A O   1 
ATOM   1038 C CB  . PRO A 1 133 ? 6.083   6.963   -12.267 1.00 26.38 ? 133 PRO A CB  1 
ATOM   1039 C CG  . PRO A 1 133 ? 5.666   6.435   -13.607 1.00 26.51 ? 133 PRO A CG  1 
ATOM   1040 C CD  . PRO A 1 133 ? 4.728   5.323   -13.224 1.00 25.79 ? 133 PRO A CD  1 
ATOM   1041 N N   . HIS A 1 134 ? 7.165   5.703   -9.183  1.00 15.35 ? 134 HIS A N   1 
ATOM   1042 C CA  . HIS A 1 134 ? 7.142   5.885   -7.726  1.00 15.17 ? 134 HIS A CA  1 
ATOM   1043 C C   . HIS A 1 134 ? 8.382   6.658   -7.248  1.00 14.67 ? 134 HIS A C   1 
ATOM   1044 O O   . HIS A 1 134 ? 9.346   6.831   -7.992  1.00 14.79 ? 134 HIS A O   1 
ATOM   1045 C CB  . HIS A 1 134 ? 7.156   4.524   -7.002  1.00 16.49 ? 134 HIS A CB  1 
ATOM   1046 C CG  . HIS A 1 134 ? 5.862   3.770   -7.047  1.00 17.87 ? 134 HIS A CG  1 
ATOM   1047 N ND1 . HIS A 1 134 ? 5.354   3.217   -8.204  1.00 18.30 ? 134 HIS A ND1 1 
ATOM   1048 C CD2 . HIS A 1 134 ? 5.004   3.418   -6.057  1.00 18.97 ? 134 HIS A CD2 1 
ATOM   1049 C CE1 . HIS A 1 134 ? 4.242   2.558   -7.925  1.00 17.78 ? 134 HIS A CE1 1 
ATOM   1050 N NE2 . HIS A 1 134 ? 4.008   2.664   -6.629  1.00 18.04 ? 134 HIS A NE2 1 
ATOM   1051 N N   . LEU A 1 135 ? 8.341   7.106   -5.995  1.00 14.97 ? 135 LEU A N   1 
ATOM   1052 C CA  . LEU A 1 135 ? 9.453   7.793   -5.334  1.00 16.71 ? 135 LEU A CA  1 
ATOM   1053 C C   . LEU A 1 135 ? 9.515   7.135   -3.956  1.00 18.72 ? 135 LEU A C   1 
ATOM   1054 O O   . LEU A 1 135 ? 8.480   6.732   -3.424  1.00 19.59 ? 135 LEU A O   1 
ATOM   1055 C CB  . LEU A 1 135 ? 9.182   9.293   -5.166  1.00 21.52 ? 135 LEU A CB  1 
ATOM   1056 C CG  . LEU A 1 135 ? 9.372   10.239  -6.354  1.00 23.84 ? 135 LEU A CG  1 
ATOM   1057 C CD1 . LEU A 1 135 ? 8.954   11.646  -5.950  1.00 25.19 ? 135 LEU A CD1 1 
ATOM   1058 C CD2 . LEU A 1 135 ? 10.826  10.227  -6.795  1.00 23.14 ? 135 LEU A CD2 1 
ATOM   1059 N N   . GLN A 1 136 ? 10.703  7.013   -3.374  1.00 18.26 ? 136 GLN A N   1 
ATOM   1060 C CA  . GLN A 1 136 ? 10.812  6.384   -2.062  1.00 18.65 ? 136 GLN A CA  1 
ATOM   1061 C C   . GLN A 1 136 ? 10.884  7.436   -0.964  1.00 19.72 ? 136 GLN A C   1 
ATOM   1062 O O   . GLN A 1 136 ? 11.623  8.416   -1.076  1.00 19.86 ? 136 GLN A O   1 
ATOM   1063 C CB  . GLN A 1 136 ? 12.039  5.475   -2.001  1.00 18.86 ? 136 GLN A CB  1 
ATOM   1064 C CG  . GLN A 1 136 ? 12.021  4.543   -0.806  1.00 19.65 ? 136 GLN A CG  1 
ATOM   1065 C CD  . GLN A 1 136 ? 13.040  3.432   -0.921  1.00 21.79 ? 136 GLN A CD  1 
ATOM   1066 O OE1 . GLN A 1 136 ? 14.217  3.622   -0.618  1.00 21.67 ? 136 GLN A OE1 1 
ATOM   1067 N NE2 . GLN A 1 136 ? 12.596  2.265   -1.374  1.00 20.15 ? 136 GLN A NE2 1 
ATOM   1068 N N   . MET A 1 137 ? 10.115  7.219   0.098   1.00 17.45 ? 137 MET A N   1 
ATOM   1069 C CA  . MET A 1 137 ? 10.048  8.157   1.211   1.00 20.06 ? 137 MET A CA  1 
ATOM   1070 C C   . MET A 1 137 ? 10.350  7.464   2.534   1.00 21.58 ? 137 MET A C   1 
ATOM   1071 O O   . MET A 1 137 ? 10.332  6.231   2.621   1.00 20.13 ? 137 MET A O   1 
ATOM   1072 C CB  . MET A 1 137 ? 8.643   8.786   1.270   1.00 21.45 ? 137 MET A CB  1 
ATOM   1073 C CG  . MET A 1 137 ? 8.156   9.371   -0.059  1.00 21.77 ? 137 MET A CG  1 
ATOM   1074 S SD  . MET A 1 137 ? 6.483   10.111  -0.015  1.00 20.74 ? 137 MET A SD  1 
ATOM   1075 C CE  . MET A 1 137 ? 6.863   11.763  0.626   1.00 21.46 ? 137 MET A CE  1 
ATOM   1076 N N   . MET A 1 138 ? 10.625  8.255   3.567   1.00 16.23 ? 138 MET A N   1 
ATOM   1077 C CA  . MET A 1 138 ? 10.909  7.696   4.881   1.00 21.37 ? 138 MET A CA  1 
ATOM   1078 C C   . MET A 1 138 ? 10.217  8.456   6.008   1.00 22.87 ? 138 MET A C   1 
ATOM   1079 O O   . MET A 1 138 ? 9.924   9.651   5.888   1.00 19.82 ? 138 MET A O   1 
ATOM   1080 C CB  . MET A 1 138 ? 12.420  7.662   5.150   1.00 38.85 ? 138 MET A CB  1 
ATOM   1081 C CG  . MET A 1 138 ? 12.788  6.952   6.467   1.00 42.40 ? 138 MET A CG  1 
ATOM   1082 S SD  . MET A 1 138 ? 14.567  6.878   6.847   1.00 49.62 ? 138 MET A SD  1 
ATOM   1083 C CE  . MET A 1 138 ? 15.048  5.364   5.998   1.00 43.48 ? 138 MET A CE  1 
ATOM   1084 N N   . LYS A 1 139 ? 9.966   7.741   7.099   1.00 22.87 ? 139 LYS A N   1 
ATOM   1085 C CA  . LYS A 1 139 ? 9.329   8.294   8.286   1.00 27.88 ? 139 LYS A CA  1 
ATOM   1086 C C   . LYS A 1 139 ? 9.993   7.637   9.498   1.00 30.14 ? 139 LYS A C   1 
ATOM   1087 O O   . LYS A 1 139 ? 10.032  6.411   9.601   1.00 28.93 ? 139 LYS A O   1 
ATOM   1088 C CB  . LYS A 1 139 ? 7.834   7.982   8.269   1.00 44.01 ? 139 LYS A CB  1 
ATOM   1089 C CG  . LYS A 1 139 ? 7.060   8.473   9.481   1.00 44.53 ? 139 LYS A CG  1 
ATOM   1090 C CD  . LYS A 1 139 ? 5.574   8.170   9.317   1.00 43.84 ? 139 LYS A CD  1 
ATOM   1091 C CE  . LYS A 1 139 ? 4.779   8.574   10.545  1.00 43.83 ? 139 LYS A CE  1 
ATOM   1092 N NZ  . LYS A 1 139 ? 5.254   7.851   11.761  1.00 43.46 ? 139 LYS A NZ  1 
ATOM   1093 N N   . ASP A 1 140 ? 10.524  8.449   10.405  1.00 46.92 ? 140 ASP A N   1 
ATOM   1094 C CA  . ASP A 1 140 ? 11.189  7.920   11.591  1.00 50.23 ? 140 ASP A CA  1 
ATOM   1095 C C   . ASP A 1 140 ? 10.271  7.896   12.805  1.00 51.08 ? 140 ASP A C   1 
ATOM   1096 O O   . ASP A 1 140 ? 9.991   6.785   13.303  1.00 50.36 ? 140 ASP A O   1 
ATOM   1097 C CB  . ASP A 1 140 ? 12.439  8.746   11.908  1.00 81.12 ? 140 ASP A CB  1 
ATOM   1098 C CG  . ASP A 1 140 ? 13.489  8.661   10.813  1.00 83.95 ? 140 ASP A CG  1 
ATOM   1099 O OD1 . ASP A 1 140 ? 14.564  9.278   10.968  1.00 83.45 ? 140 ASP A OD1 1 
ATOM   1100 O OD2 . ASP A 1 140 ? 13.239  7.975   9.799   1.00 85.09 ? 140 ASP A OD2 1 
ATOM   1101 O OXT . ASP A 1 140 ? 9.845   8.984   13.243  1.00 82.71 ? 140 ASP A OXT 1 
HETATM 1102 O O   . HOH B 2 .   ? 4.572   0.321   -4.309  1.00 11.33 ? 201 HOH A O   1 
HETATM 1103 O O   . HOH B 2 .   ? 2.231   2.741   -2.851  1.00 20.76 ? 202 HOH A O   1 
HETATM 1104 O O   . HOH B 2 .   ? -1.381  -11.053 5.413   1.00 16.59 ? 203 HOH A O   1 
HETATM 1105 O O   . HOH B 2 .   ? -12.187 -17.260 3.187   1.00 22.26 ? 206 HOH A O   1 
HETATM 1106 O O   . HOH B 2 .   ? 1.723   1.587   -5.315  1.00 17.21 ? 207 HOH A O   1 
HETATM 1107 O O   . HOH B 2 .   ? 1.197   5.376   -3.154  1.00 21.43 ? 209 HOH A O   1 
HETATM 1108 O O   . HOH B 2 .   ? -7.302  8.935   1.110   1.00 34.68 ? 210 HOH A O   1 
HETATM 1109 O O   . HOH B 2 .   ? 10.342  -1.730  -8.114  1.00 20.06 ? 212 HOH A O   1 
HETATM 1110 O O   . HOH B 2 .   ? -0.251  -12.036 7.884   1.00 31.89 ? 214 HOH A O   1 
HETATM 1111 O O   . HOH B 2 .   ? -6.655  5.368   -7.701  1.00 23.86 ? 215 HOH A O   1 
HETATM 1112 O O   . HOH B 2 .   ? -4.152  4.277   -5.030  1.00 21.15 ? 216 HOH A O   1 
HETATM 1113 O O   . HOH B 2 .   ? -1.935  -5.951  -0.541  1.00 28.19 ? 217 HOH A O   1 
HETATM 1114 O O   . HOH B 2 .   ? 10.598  15.664  1.362   1.00 34.25 ? 218 HOH A O   1 
HETATM 1115 O O   . HOH B 2 .   ? -0.880  2.150   -5.820  1.00 29.87 ? 219 HOH A O   1 
HETATM 1116 O O   . HOH B 2 .   ? -7.134  -7.680  11.560  1.00 29.11 ? 220 HOH A O   1 
HETATM 1117 O O   . HOH B 2 .   ? -20.017 0.080   0.610   1.00 30.05 ? 221 HOH A O   1 
HETATM 1118 O O   . HOH B 2 .   ? -9.949  -0.149  11.250  1.00 32.46 ? 223 HOH A O   1 
HETATM 1119 O O   . HOH B 2 .   ? -3.938  -8.456  -8.045  1.00 33.38 ? 225 HOH A O   1 
HETATM 1120 O O   . HOH B 2 .   ? -17.024 -0.245  7.417   1.00 39.94 ? 226 HOH A O   1 
HETATM 1121 O O   . HOH B 2 .   ? -22.157 -4.010  2.916   1.00 36.92 ? 227 HOH A O   1 
HETATM 1122 O O   . HOH B 2 .   ? -16.740 7.749   3.350   1.00 46.63 ? 229 HOH A O   1 
HETATM 1123 O O   . HOH B 2 .   ? -7.892  -10.040 -8.691  1.00 35.66 ? 230 HOH A O   1 
HETATM 1124 O O   . HOH B 2 .   ? -2.556  1.129   19.521  1.00 45.67 ? 231 HOH A O   1 
HETATM 1125 O O   . HOH B 2 .   ? 12.983  7.799   -4.933  1.00 27.48 ? 232 HOH A O   1 
HETATM 1126 O O   . HOH B 2 .   ? -16.773 -2.864  7.098   1.00 44.27 ? 233 HOH A O   1 
HETATM 1127 O O   . HOH B 2 .   ? 15.193  5.713   -15.085 1.00 38.94 ? 234 HOH A O   1 
HETATM 1128 O O   . HOH B 2 .   ? -11.490 2.288   -10.633 1.00 39.65 ? 236 HOH A O   1 
HETATM 1129 O O   . HOH B 2 .   ? -7.343  9.739   3.627   1.00 35.25 ? 237 HOH A O   1 
HETATM 1130 O O   . HOH B 2 .   ? -9.005  -11.245 -6.508  1.00 32.06 ? 238 HOH A O   1 
HETATM 1131 O O   . HOH B 2 .   ? -16.685 5.542   7.539   1.00 44.21 ? 239 HOH A O   1 
HETATM 1132 O O   . HOH B 2 .   ? 9.397   -10.227 -7.272  1.00 38.14 ? 241 HOH A O   1 
HETATM 1133 O O   . HOH B 2 .   ? 3.401   -8.619  -19.466 1.00 35.46 ? 243 HOH A O   1 
HETATM 1134 O O   . HOH B 2 .   ? 6.959   -14.390 -1.210  1.00 36.50 ? 244 HOH A O   1 
HETATM 1135 O O   . HOH B 2 .   ? -1.082  13.518  -3.256  1.00 36.75 ? 245 HOH A O   1 
HETATM 1136 O O   . HOH B 2 .   ? 18.009  -0.964  2.788   1.00 37.67 ? 247 HOH A O   1 
HETATM 1137 O O   . HOH B 2 .   ? -9.535  11.403  1.455   1.00 39.11 ? 249 HOH A O   1 
# 
